data_5JWU
# 
_entry.id   5JWU 
# 
_audit_conform.dict_name       mmcif_pdbx.dic 
_audit_conform.dict_version    5.379 
_audit_conform.dict_location   http://mmcif.pdb.org/dictionaries/ascii/mmcif_pdbx.dic 
# 
loop_
_database_2.database_id 
_database_2.database_code 
_database_2.pdbx_database_accession 
_database_2.pdbx_DOI 
PDB   5JWU         pdb_00005jwu 10.2210/pdb5jwu/pdb 
WWPDB D_1000221219 ?            ?                   
# 
loop_
_pdbx_database_related.db_name 
_pdbx_database_related.details 
_pdbx_database_related.db_id 
_pdbx_database_related.content_type 
PDB . 5JWT unspecified 
PDB . 5JWV unspecified 
PDB . 5JWW unspecified 
PDB . 5JWX unspecified 
PDB . 5JWS unspecified 
# 
_pdbx_database_status.status_code                     REL 
_pdbx_database_status.status_code_sf                  REL 
_pdbx_database_status.status_code_mr                  ? 
_pdbx_database_status.entry_id                        5JWU 
_pdbx_database_status.recvd_initial_deposition_date   2016-05-12 
_pdbx_database_status.SG_entry                        N 
_pdbx_database_status.deposit_site                    RCSB 
_pdbx_database_status.process_site                    RCSB 
_pdbx_database_status.status_code_cs                  ? 
_pdbx_database_status.methods_development_category    ? 
_pdbx_database_status.pdb_format_compatible           Y 
_pdbx_database_status.status_code_nmr_data            ? 
# 
loop_
_audit_author.name 
_audit_author.pdbx_ordinal 
_audit_author.identifier_ORCID 
'Lee, H.'        1 ? 
'Fischer, M.'    2 ? 
'Shoichet, B.K.' 3 ? 
'Liu, S.-Y.'     4 ? 
# 
_citation.abstract                  ? 
_citation.abstract_id_CAS           ? 
_citation.book_id_ISBN              ? 
_citation.book_publisher            ? 
_citation.book_publisher_city       ? 
_citation.book_title                ? 
_citation.coordinate_linkage        ? 
_citation.country                   US 
_citation.database_id_Medline       ? 
_citation.details                   ? 
_citation.id                        primary 
_citation.journal_abbrev            J.Am.Chem.Soc. 
_citation.journal_id_ASTM           JACSAT 
_citation.journal_id_CSD            ? 
_citation.journal_id_ISSN           1520-5126 
_citation.journal_full              ? 
_citation.journal_issue             ? 
_citation.journal_volume            138 
_citation.language                  ? 
_citation.page_first                12021 
_citation.page_last                 12024 
_citation.title                     
'Hydrogen Bonding of 1,2-Azaborines in the Binding Cavity of T4 Lysozyme Mutants: Structures and Thermodynamics.' 
_citation.year                      2016 
_citation.database_id_CSD           ? 
_citation.pdbx_database_id_DOI      10.1021/jacs.6b06566 
_citation.pdbx_database_id_PubMed   27603116 
_citation.unpublished_flag          ? 
# 
loop_
_citation_author.citation_id 
_citation_author.name 
_citation_author.ordinal 
_citation_author.identifier_ORCID 
primary 'Lee, H.'        1 ? 
primary 'Fischer, M.'    2 ? 
primary 'Shoichet, B.K.' 3 ? 
primary 'Liu, S.Y.'      4 ? 
# 
_cell.angle_alpha                  90.000 
_cell.angle_alpha_esd              ? 
_cell.angle_beta                   90.000 
_cell.angle_beta_esd               ? 
_cell.angle_gamma                  120.000 
_cell.angle_gamma_esd              ? 
_cell.entry_id                     5JWU 
_cell.details                      ? 
_cell.formula_units_Z              ? 
_cell.length_a                     60.100 
_cell.length_a_esd                 ? 
_cell.length_b                     60.100 
_cell.length_b_esd                 ? 
_cell.length_c                     96.770 
_cell.length_c_esd                 ? 
_cell.volume                       ? 
_cell.volume_esd                   ? 
_cell.Z_PDB                        6 
_cell.reciprocal_angle_alpha       ? 
_cell.reciprocal_angle_beta        ? 
_cell.reciprocal_angle_gamma       ? 
_cell.reciprocal_angle_alpha_esd   ? 
_cell.reciprocal_angle_beta_esd    ? 
_cell.reciprocal_angle_gamma_esd   ? 
_cell.reciprocal_length_a          ? 
_cell.reciprocal_length_b          ? 
_cell.reciprocal_length_c          ? 
_cell.reciprocal_length_a_esd      ? 
_cell.reciprocal_length_b_esd      ? 
_cell.reciprocal_length_c_esd      ? 
_cell.pdbx_unique_axis             ? 
# 
_symmetry.entry_id                         5JWU 
_symmetry.cell_setting                     ? 
_symmetry.Int_Tables_number                154 
_symmetry.space_group_name_Hall            ? 
_symmetry.space_group_name_H-M             'P 32 2 1' 
_symmetry.pdbx_full_space_group_name_H-M   ? 
# 
loop_
_entity.id 
_entity.type 
_entity.src_method 
_entity.pdbx_description 
_entity.formula_weight 
_entity.pdbx_number_of_molecules 
_entity.pdbx_ec 
_entity.pdbx_mutation 
_entity.pdbx_fragment 
_entity.details 
1 polymer     man Endolysin                   18646.316 1   3.2.1.17 ? ? ? 
2 non-polymer syn 1,2-dihydro-1,2-azaborinine 78.908    1   ?        ? ? ? 
3 non-polymer syn 'CHLORIDE ION'              35.453    2   ?        ? ? ? 
4 water       nat water                       18.015    144 ?        ? ? ? 
# 
_entity_name_com.entity_id   1 
_entity_name_com.name        'Lysis protein,Lysozyme,Muramidase' 
# 
_entity_poly.entity_id                      1 
_entity_poly.type                           'polypeptide(L)' 
_entity_poly.nstd_linkage                   no 
_entity_poly.nstd_monomer                   no 
_entity_poly.pdbx_seq_one_letter_code       
;MNIFEMLRIDEGLRLKIYKDTEGYYTIGIGHLLTKSPDLNAAKSELDKAIGRNCNGVITKDEAEKLFNQDVDAAVRGILR
NAKLKPVYDSLDAVRRCAAINQVFQMGETGVAGFTNSLRMLQQKRWDEAAVNLAKSRWYNQTPDRAKRVITTFRTGTWDA
YKNL
;
_entity_poly.pdbx_seq_one_letter_code_can   
;MNIFEMLRIDEGLRLKIYKDTEGYYTIGIGHLLTKSPDLNAAKSELDKAIGRNCNGVITKDEAEKLFNQDVDAAVRGILR
NAKLKPVYDSLDAVRRCAAINQVFQMGETGVAGFTNSLRMLQQKRWDEAAVNLAKSRWYNQTPDRAKRVITTFRTGTWDA
YKNL
;
_entity_poly.pdbx_strand_id                 A 
_entity_poly.pdbx_target_identifier         ? 
# 
loop_
_entity_poly_seq.entity_id 
_entity_poly_seq.num 
_entity_poly_seq.mon_id 
_entity_poly_seq.hetero 
1 1   MET n 
1 2   ASN n 
1 3   ILE n 
1 4   PHE n 
1 5   GLU n 
1 6   MET n 
1 7   LEU n 
1 8   ARG n 
1 9   ILE n 
1 10  ASP n 
1 11  GLU n 
1 12  GLY n 
1 13  LEU n 
1 14  ARG n 
1 15  LEU n 
1 16  LYS n 
1 17  ILE n 
1 18  TYR n 
1 19  LYS n 
1 20  ASP n 
1 21  THR n 
1 22  GLU n 
1 23  GLY n 
1 24  TYR n 
1 25  TYR n 
1 26  THR n 
1 27  ILE n 
1 28  GLY n 
1 29  ILE n 
1 30  GLY n 
1 31  HIS n 
1 32  LEU n 
1 33  LEU n 
1 34  THR n 
1 35  LYS n 
1 36  SER n 
1 37  PRO n 
1 38  ASP n 
1 39  LEU n 
1 40  ASN n 
1 41  ALA n 
1 42  ALA n 
1 43  LYS n 
1 44  SER n 
1 45  GLU n 
1 46  LEU n 
1 47  ASP n 
1 48  LYS n 
1 49  ALA n 
1 50  ILE n 
1 51  GLY n 
1 52  ARG n 
1 53  ASN n 
1 54  CYS n 
1 55  ASN n 
1 56  GLY n 
1 57  VAL n 
1 58  ILE n 
1 59  THR n 
1 60  LYS n 
1 61  ASP n 
1 62  GLU n 
1 63  ALA n 
1 64  GLU n 
1 65  LYS n 
1 66  LEU n 
1 67  PHE n 
1 68  ASN n 
1 69  GLN n 
1 70  ASP n 
1 71  VAL n 
1 72  ASP n 
1 73  ALA n 
1 74  ALA n 
1 75  VAL n 
1 76  ARG n 
1 77  GLY n 
1 78  ILE n 
1 79  LEU n 
1 80  ARG n 
1 81  ASN n 
1 82  ALA n 
1 83  LYS n 
1 84  LEU n 
1 85  LYS n 
1 86  PRO n 
1 87  VAL n 
1 88  TYR n 
1 89  ASP n 
1 90  SER n 
1 91  LEU n 
1 92  ASP n 
1 93  ALA n 
1 94  VAL n 
1 95  ARG n 
1 96  ARG n 
1 97  CYS n 
1 98  ALA n 
1 99  ALA n 
1 100 ILE n 
1 101 ASN n 
1 102 GLN n 
1 103 VAL n 
1 104 PHE n 
1 105 GLN n 
1 106 MET n 
1 107 GLY n 
1 108 GLU n 
1 109 THR n 
1 110 GLY n 
1 111 VAL n 
1 112 ALA n 
1 113 GLY n 
1 114 PHE n 
1 115 THR n 
1 116 ASN n 
1 117 SER n 
1 118 LEU n 
1 119 ARG n 
1 120 MET n 
1 121 LEU n 
1 122 GLN n 
1 123 GLN n 
1 124 LYS n 
1 125 ARG n 
1 126 TRP n 
1 127 ASP n 
1 128 GLU n 
1 129 ALA n 
1 130 ALA n 
1 131 VAL n 
1 132 ASN n 
1 133 LEU n 
1 134 ALA n 
1 135 LYS n 
1 136 SER n 
1 137 ARG n 
1 138 TRP n 
1 139 TYR n 
1 140 ASN n 
1 141 GLN n 
1 142 THR n 
1 143 PRO n 
1 144 ASP n 
1 145 ARG n 
1 146 ALA n 
1 147 LYS n 
1 148 ARG n 
1 149 VAL n 
1 150 ILE n 
1 151 THR n 
1 152 THR n 
1 153 PHE n 
1 154 ARG n 
1 155 THR n 
1 156 GLY n 
1 157 THR n 
1 158 TRP n 
1 159 ASP n 
1 160 ALA n 
1 161 TYR n 
1 162 LYS n 
1 163 ASN n 
1 164 LEU n 
# 
_entity_src_gen.entity_id                          1 
_entity_src_gen.pdbx_src_id                        1 
_entity_src_gen.pdbx_alt_source_flag               sample 
_entity_src_gen.pdbx_seq_type                      'Biological sequence' 
_entity_src_gen.pdbx_beg_seq_num                   1 
_entity_src_gen.pdbx_end_seq_num                   164 
_entity_src_gen.gene_src_common_name               ? 
_entity_src_gen.gene_src_genus                     ? 
_entity_src_gen.pdbx_gene_src_gene                 ? 
_entity_src_gen.gene_src_species                   ? 
_entity_src_gen.gene_src_strain                    ? 
_entity_src_gen.gene_src_tissue                    ? 
_entity_src_gen.gene_src_tissue_fraction           ? 
_entity_src_gen.gene_src_details                   ? 
_entity_src_gen.pdbx_gene_src_fragment             ? 
_entity_src_gen.pdbx_gene_src_scientific_name      'Enterobacteria phage T4 sensu lato' 
_entity_src_gen.pdbx_gene_src_ncbi_taxonomy_id     348604 
_entity_src_gen.pdbx_gene_src_variant              ? 
_entity_src_gen.pdbx_gene_src_cell_line            ? 
_entity_src_gen.pdbx_gene_src_atcc                 ? 
_entity_src_gen.pdbx_gene_src_organ                ? 
_entity_src_gen.pdbx_gene_src_organelle            ? 
_entity_src_gen.pdbx_gene_src_cell                 ? 
_entity_src_gen.pdbx_gene_src_cellular_location    ? 
_entity_src_gen.host_org_common_name               ? 
_entity_src_gen.pdbx_host_org_scientific_name      'Escherichia coli' 
_entity_src_gen.pdbx_host_org_ncbi_taxonomy_id     562 
_entity_src_gen.host_org_genus                     ? 
_entity_src_gen.pdbx_host_org_gene                 ? 
_entity_src_gen.pdbx_host_org_organ                ? 
_entity_src_gen.host_org_species                   ? 
_entity_src_gen.pdbx_host_org_tissue               ? 
_entity_src_gen.pdbx_host_org_tissue_fraction      ? 
_entity_src_gen.pdbx_host_org_strain               ? 
_entity_src_gen.pdbx_host_org_variant              ? 
_entity_src_gen.pdbx_host_org_cell_line            ? 
_entity_src_gen.pdbx_host_org_atcc                 ? 
_entity_src_gen.pdbx_host_org_culture_collection   ? 
_entity_src_gen.pdbx_host_org_cell                 ? 
_entity_src_gen.pdbx_host_org_organelle            ? 
_entity_src_gen.pdbx_host_org_cellular_location    ? 
_entity_src_gen.pdbx_host_org_vector_type          ? 
_entity_src_gen.pdbx_host_org_vector               ? 
_entity_src_gen.host_org_details                   ? 
_entity_src_gen.expression_system_id               ? 
_entity_src_gen.plasmid_name                       ? 
_entity_src_gen.plasmid_details                    ? 
_entity_src_gen.pdbx_description                   ? 
# 
_struct_ref.id                         1 
_struct_ref.db_name                    UNP 
_struct_ref.db_code                    ENLYS_BPT4 
_struct_ref.pdbx_db_accession          P00720 
_struct_ref.pdbx_db_isoform            ? 
_struct_ref.entity_id                  1 
_struct_ref.pdbx_seq_one_letter_code   
;MNIFEMLRIDERLRLKIYKDTEGYYTIGIGHLLTKSPSLNAAKSELDKAIGRNCNGVITKDEAEKLFNQDVDAAVRGILR
NAKLKPVYDSLDAVRRCALINMVFQMGETGVAGFTNSLRMLQQKRWDEAAVNLAKSIWYNQTPNRAKRVITTFRTGTWDA
YKNL
;
_struct_ref.pdbx_align_begin           1 
# 
_struct_ref_seq.align_id                      1 
_struct_ref_seq.ref_id                        1 
_struct_ref_seq.pdbx_PDB_id_code              5JWU 
_struct_ref_seq.pdbx_strand_id                A 
_struct_ref_seq.seq_align_beg                 1 
_struct_ref_seq.pdbx_seq_align_beg_ins_code   ? 
_struct_ref_seq.seq_align_end                 164 
_struct_ref_seq.pdbx_seq_align_end_ins_code   ? 
_struct_ref_seq.pdbx_db_accession             P00720 
_struct_ref_seq.db_align_beg                  1 
_struct_ref_seq.pdbx_db_align_beg_ins_code    ? 
_struct_ref_seq.db_align_end                  164 
_struct_ref_seq.pdbx_db_align_end_ins_code    ? 
_struct_ref_seq.pdbx_auth_seq_align_beg       1 
_struct_ref_seq.pdbx_auth_seq_align_end       164 
# 
loop_
_struct_ref_seq_dif.align_id 
_struct_ref_seq_dif.pdbx_pdb_id_code 
_struct_ref_seq_dif.mon_id 
_struct_ref_seq_dif.pdbx_pdb_strand_id 
_struct_ref_seq_dif.seq_num 
_struct_ref_seq_dif.pdbx_pdb_ins_code 
_struct_ref_seq_dif.pdbx_seq_db_name 
_struct_ref_seq_dif.pdbx_seq_db_accession_code 
_struct_ref_seq_dif.db_mon_id 
_struct_ref_seq_dif.pdbx_seq_db_seq_num 
_struct_ref_seq_dif.details 
_struct_ref_seq_dif.pdbx_auth_seq_num 
_struct_ref_seq_dif.pdbx_ordinal 
1 5JWU GLY A 12  ? UNP P00720 ARG 12  'engineered mutation' 12  1 
1 5JWU ASP A 38  ? UNP P00720 SER 38  'engineered mutation' 38  2 
1 5JWU ALA A 99  ? UNP P00720 LEU 99  'engineered mutation' 99  3 
1 5JWU GLN A 102 ? UNP P00720 MET 102 'engineered mutation' 102 4 
1 5JWU ARG A 137 ? UNP P00720 ILE 137 'engineered mutation' 137 5 
1 5JWU ASP A 144 ? UNP P00720 ASN 144 'engineered mutation' 144 6 
# 
loop_
_chem_comp.id 
_chem_comp.type 
_chem_comp.mon_nstd_flag 
_chem_comp.name 
_chem_comp.pdbx_synonyms 
_chem_comp.formula 
_chem_comp.formula_weight 
ALA 'L-peptide linking' y ALANINE                     ?                         'C3 H7 N O2'     89.093  
ARG 'L-peptide linking' y ARGININE                    ?                         'C6 H15 N4 O2 1' 175.209 
ASN 'L-peptide linking' y ASPARAGINE                  ?                         'C4 H8 N2 O3'    132.118 
ASP 'L-peptide linking' y 'ASPARTIC ACID'             ?                         'C4 H7 N O4'     133.103 
B20 non-polymer         . 1,2-dihydro-1,2-azaborinine 1,2-DIHYDRO-1,2-AZABORINE 'C4 H6 B N'      78.908  
CL  non-polymer         . 'CHLORIDE ION'              ?                         'Cl -1'          35.453  
CYS 'L-peptide linking' y CYSTEINE                    ?                         'C3 H7 N O2 S'   121.158 
GLN 'L-peptide linking' y GLUTAMINE                   ?                         'C5 H10 N2 O3'   146.144 
GLU 'L-peptide linking' y 'GLUTAMIC ACID'             ?                         'C5 H9 N O4'     147.129 
GLY 'peptide linking'   y GLYCINE                     ?                         'C2 H5 N O2'     75.067  
HIS 'L-peptide linking' y HISTIDINE                   ?                         'C6 H10 N3 O2 1' 156.162 
HOH non-polymer         . WATER                       ?                         'H2 O'           18.015  
ILE 'L-peptide linking' y ISOLEUCINE                  ?                         'C6 H13 N O2'    131.173 
LEU 'L-peptide linking' y LEUCINE                     ?                         'C6 H13 N O2'    131.173 
LYS 'L-peptide linking' y LYSINE                      ?                         'C6 H15 N2 O2 1' 147.195 
MET 'L-peptide linking' y METHIONINE                  ?                         'C5 H11 N O2 S'  149.211 
PHE 'L-peptide linking' y PHENYLALANINE               ?                         'C9 H11 N O2'    165.189 
PRO 'L-peptide linking' y PROLINE                     ?                         'C5 H9 N O2'     115.130 
SER 'L-peptide linking' y SERINE                      ?                         'C3 H7 N O3'     105.093 
THR 'L-peptide linking' y THREONINE                   ?                         'C4 H9 N O3'     119.119 
TRP 'L-peptide linking' y TRYPTOPHAN                  ?                         'C11 H12 N2 O2'  204.225 
TYR 'L-peptide linking' y TYROSINE                    ?                         'C9 H11 N O3'    181.189 
VAL 'L-peptide linking' y VALINE                      ?                         'C5 H11 N O2'    117.146 
# 
_exptl.absorpt_coefficient_mu     ? 
_exptl.absorpt_correction_T_max   ? 
_exptl.absorpt_correction_T_min   ? 
_exptl.absorpt_correction_type    ? 
_exptl.absorpt_process_details    ? 
_exptl.entry_id                   5JWU 
_exptl.crystals_number            1 
_exptl.details                    ? 
_exptl.method                     'X-RAY DIFFRACTION' 
_exptl.method_details             ? 
# 
_exptl_crystal.colour                      ? 
_exptl_crystal.density_diffrn              ? 
_exptl_crystal.density_Matthews            2.76 
_exptl_crystal.density_method              ? 
_exptl_crystal.density_percent_sol         55.41 
_exptl_crystal.description                 ? 
_exptl_crystal.F_000                       ? 
_exptl_crystal.id                          1 
_exptl_crystal.preparation                 ? 
_exptl_crystal.size_max                    ? 
_exptl_crystal.size_mid                    ? 
_exptl_crystal.size_min                    ? 
_exptl_crystal.size_rad                    ? 
_exptl_crystal.colour_lustre               ? 
_exptl_crystal.colour_modifier             ? 
_exptl_crystal.colour_primary              ? 
_exptl_crystal.density_meas                ? 
_exptl_crystal.density_meas_esd            ? 
_exptl_crystal.density_meas_gt             ? 
_exptl_crystal.density_meas_lt             ? 
_exptl_crystal.density_meas_temp           ? 
_exptl_crystal.density_meas_temp_esd       ? 
_exptl_crystal.density_meas_temp_gt        ? 
_exptl_crystal.density_meas_temp_lt        ? 
_exptl_crystal.pdbx_crystal_image_url      ? 
_exptl_crystal.pdbx_crystal_image_format   ? 
_exptl_crystal.pdbx_mosaicity              ? 
_exptl_crystal.pdbx_mosaicity_esd          ? 
# 
_exptl_crystal_grow.apparatus       ? 
_exptl_crystal_grow.atmosphere      ? 
_exptl_crystal_grow.crystal_id      1 
_exptl_crystal_grow.details         ? 
_exptl_crystal_grow.method          'VAPOR DIFFUSION, HANGING DROP' 
_exptl_crystal_grow.method_ref      ? 
_exptl_crystal_grow.pH              ? 
_exptl_crystal_grow.pressure        ? 
_exptl_crystal_grow.pressure_esd    ? 
_exptl_crystal_grow.seeding         ? 
_exptl_crystal_grow.seeding_ref     ? 
_exptl_crystal_grow.temp            277.15 
_exptl_crystal_grow.temp_details    ? 
_exptl_crystal_grow.temp_esd        ? 
_exptl_crystal_grow.time            ? 
_exptl_crystal_grow.pdbx_details    
'2.1 M sodium/potassium phosphate, pH 7.0, 50 mM 2-mercaptoethanol, 50 mM 2-hydroxyethyl disulfide' 
_exptl_crystal_grow.pdbx_pH_range   ? 
# 
_diffrn.ambient_environment    ? 
_diffrn.ambient_temp           100 
_diffrn.ambient_temp_details   ? 
_diffrn.ambient_temp_esd       ? 
_diffrn.crystal_id             1 
_diffrn.crystal_support        ? 
_diffrn.crystal_treatment      ? 
_diffrn.details                ? 
_diffrn.id                     1 
_diffrn.ambient_pressure       ? 
_diffrn.ambient_pressure_esd   ? 
_diffrn.ambient_pressure_gt    ? 
_diffrn.ambient_pressure_lt    ? 
_diffrn.ambient_temp_gt        ? 
_diffrn.ambient_temp_lt        ? 
# 
_diffrn_detector.details                      ? 
_diffrn_detector.detector                     CCD 
_diffrn_detector.diffrn_id                    1 
_diffrn_detector.type                         'ADSC QUANTUM 315r' 
_diffrn_detector.area_resol_mean              ? 
_diffrn_detector.dtime                        ? 
_diffrn_detector.pdbx_frames_total            ? 
_diffrn_detector.pdbx_collection_time_total   ? 
_diffrn_detector.pdbx_collection_date         2015-06-03 
# 
_diffrn_radiation.collimation                      ? 
_diffrn_radiation.diffrn_id                        1 
_diffrn_radiation.filter_edge                      ? 
_diffrn_radiation.inhomogeneity                    ? 
_diffrn_radiation.monochromator                    'KHOZU Double flat crystal' 
_diffrn_radiation.polarisn_norm                    ? 
_diffrn_radiation.polarisn_ratio                   ? 
_diffrn_radiation.probe                            ? 
_diffrn_radiation.type                             ? 
_diffrn_radiation.xray_symbol                      ? 
_diffrn_radiation.wavelength_id                    1 
_diffrn_radiation.pdbx_monochromatic_or_laue_m_l   M 
_diffrn_radiation.pdbx_wavelength_list             ? 
_diffrn_radiation.pdbx_wavelength                  ? 
_diffrn_radiation.pdbx_diffrn_protocol             'SINGLE WAVELENGTH' 
_diffrn_radiation.pdbx_analyzer                    ? 
_diffrn_radiation.pdbx_scattering_type             x-ray 
# 
_diffrn_radiation_wavelength.id           1 
_diffrn_radiation_wavelength.wavelength   1.11587 
_diffrn_radiation_wavelength.wt           1.0 
# 
_diffrn_source.current                     ? 
_diffrn_source.details                     ? 
_diffrn_source.diffrn_id                   1 
_diffrn_source.power                       ? 
_diffrn_source.size                        ? 
_diffrn_source.source                      SYNCHROTRON 
_diffrn_source.target                      ? 
_diffrn_source.type                        'ALS BEAMLINE 8.3.1' 
_diffrn_source.voltage                     ? 
_diffrn_source.take-off_angle              ? 
_diffrn_source.pdbx_wavelength_list        1.11587 
_diffrn_source.pdbx_wavelength             ? 
_diffrn_source.pdbx_synchrotron_beamline   8.3.1 
_diffrn_source.pdbx_synchrotron_site       ALS 
# 
_reflns.B_iso_Wilson_estimate            ? 
_reflns.entry_id                         5JWU 
_reflns.data_reduction_details           ? 
_reflns.data_reduction_method            ? 
_reflns.d_resolution_high                1.70 
_reflns.d_resolution_low                 45.84 
_reflns.details                          ? 
_reflns.limit_h_max                      ? 
_reflns.limit_h_min                      ? 
_reflns.limit_k_max                      ? 
_reflns.limit_k_min                      ? 
_reflns.limit_l_max                      ? 
_reflns.limit_l_min                      ? 
_reflns.number_all                       ? 
_reflns.number_obs                       22416 
_reflns.observed_criterion               ? 
_reflns.observed_criterion_F_max         ? 
_reflns.observed_criterion_F_min         ? 
_reflns.observed_criterion_I_max         ? 
_reflns.observed_criterion_I_min         ? 
_reflns.observed_criterion_sigma_F       ? 
_reflns.observed_criterion_sigma_I       ? 
_reflns.percent_possible_obs             98.1 
_reflns.R_free_details                   ? 
_reflns.Rmerge_F_all                     ? 
_reflns.Rmerge_F_obs                     ? 
_reflns.Friedel_coverage                 ? 
_reflns.number_gt                        ? 
_reflns.threshold_expression             ? 
_reflns.pdbx_redundancy                  8 
_reflns.pdbx_Rmerge_I_obs                0.084 
_reflns.pdbx_Rmerge_I_all                ? 
_reflns.pdbx_Rsym_value                  ? 
_reflns.pdbx_netI_over_av_sigmaI         ? 
_reflns.pdbx_netI_over_sigmaI            2.3 
_reflns.pdbx_res_netI_over_av_sigmaI_2   ? 
_reflns.pdbx_res_netI_over_sigmaI_2      ? 
_reflns.pdbx_chi_squared                 ? 
_reflns.pdbx_scaling_rejects             ? 
_reflns.pdbx_d_res_high_opt              ? 
_reflns.pdbx_d_res_low_opt               ? 
_reflns.pdbx_d_res_opt_method            ? 
_reflns.phase_calculation_details        ? 
_reflns.pdbx_Rrim_I_all                  ? 
_reflns.pdbx_Rpim_I_all                  ? 
_reflns.pdbx_d_opt                       ? 
_reflns.pdbx_number_measured_all         ? 
_reflns.pdbx_diffrn_id                   1 
_reflns.pdbx_ordinal                     1 
_reflns.pdbx_CC_half                     ? 
_reflns.pdbx_R_split                     ? 
# 
_reflns_shell.d_res_high                  1.70 
_reflns_shell.d_res_low                   1.76 
_reflns_shell.meanI_over_sigI_all         ? 
_reflns_shell.meanI_over_sigI_obs         ? 
_reflns_shell.number_measured_all         ? 
_reflns_shell.number_measured_obs         ? 
_reflns_shell.number_possible             ? 
_reflns_shell.number_unique_all           ? 
_reflns_shell.number_unique_obs           ? 
_reflns_shell.percent_possible_all        100 
_reflns_shell.percent_possible_obs        ? 
_reflns_shell.Rmerge_F_all                ? 
_reflns_shell.Rmerge_F_obs                ? 
_reflns_shell.Rmerge_I_all                ? 
_reflns_shell.Rmerge_I_obs                0.438 
_reflns_shell.meanI_over_sigI_gt          ? 
_reflns_shell.meanI_over_uI_all           ? 
_reflns_shell.meanI_over_uI_gt            ? 
_reflns_shell.number_measured_gt          ? 
_reflns_shell.number_unique_gt            ? 
_reflns_shell.percent_possible_gt         ? 
_reflns_shell.Rmerge_F_gt                 ? 
_reflns_shell.Rmerge_I_gt                 ? 
_reflns_shell.pdbx_redundancy             ? 
_reflns_shell.pdbx_Rsym_value             ? 
_reflns_shell.pdbx_chi_squared            ? 
_reflns_shell.pdbx_netI_over_sigmaI_all   ? 
_reflns_shell.pdbx_netI_over_sigmaI_obs   ? 
_reflns_shell.pdbx_Rrim_I_all             ? 
_reflns_shell.pdbx_Rpim_I_all             ? 
_reflns_shell.pdbx_rejects                ? 
_reflns_shell.pdbx_ordinal                1 
_reflns_shell.pdbx_diffrn_id              1 
_reflns_shell.pdbx_CC_half                ? 
_reflns_shell.pdbx_R_split                ? 
# 
_refine.aniso_B[1][1]                            ? 
_refine.aniso_B[1][2]                            ? 
_refine.aniso_B[1][3]                            ? 
_refine.aniso_B[2][2]                            ? 
_refine.aniso_B[2][3]                            ? 
_refine.aniso_B[3][3]                            ? 
_refine.B_iso_max                                72.620 
_refine.B_iso_mean                               29.8500 
_refine.B_iso_min                                17.950 
_refine.correlation_coeff_Fo_to_Fc               ? 
_refine.correlation_coeff_Fo_to_Fc_free          ? 
_refine.details                                  ? 
_refine.diff_density_max                         ? 
_refine.diff_density_max_esd                     ? 
_refine.diff_density_min                         ? 
_refine.diff_density_min_esd                     ? 
_refine.diff_density_rms                         ? 
_refine.diff_density_rms_esd                     ? 
_refine.entry_id                                 5JWU 
_refine.pdbx_refine_id                           'X-RAY DIFFRACTION' 
_refine.ls_abs_structure_details                 ? 
_refine.ls_abs_structure_Flack                   ? 
_refine.ls_abs_structure_Flack_esd               ? 
_refine.ls_abs_structure_Rogers                  ? 
_refine.ls_abs_structure_Rogers_esd              ? 
_refine.ls_d_res_high                            1.7000 
_refine.ls_d_res_low                             45.84 
_refine.ls_extinction_coef                       ? 
_refine.ls_extinction_coef_esd                   ? 
_refine.ls_extinction_expression                 ? 
_refine.ls_extinction_method                     ? 
_refine.ls_goodness_of_fit_all                   ? 
_refine.ls_goodness_of_fit_all_esd               ? 
_refine.ls_goodness_of_fit_obs                   ? 
_refine.ls_goodness_of_fit_obs_esd               ? 
_refine.ls_hydrogen_treatment                    ? 
_refine.ls_matrix_type                           ? 
_refine.ls_number_constraints                    ? 
_refine.ls_number_parameters                     ? 
_refine.ls_number_reflns_all                     ? 
_refine.ls_number_reflns_obs                     22407 
_refine.ls_number_reflns_R_free                  1158 
_refine.ls_number_reflns_R_work                  ? 
_refine.ls_number_restraints                     ? 
_refine.ls_percent_reflns_obs                    97.9800 
_refine.ls_percent_reflns_R_free                 5.1700 
_refine.ls_R_factor_all                          ? 
_refine.ls_R_factor_obs                          0.2274 
_refine.ls_R_factor_R_free                       0.2509 
_refine.ls_R_factor_R_free_error                 ? 
_refine.ls_R_factor_R_free_error_details         ? 
_refine.ls_R_factor_R_work                       0.2261 
_refine.ls_R_Fsqd_factor_obs                     ? 
_refine.ls_R_I_factor_obs                        ? 
_refine.ls_redundancy_reflns_all                 ? 
_refine.ls_redundancy_reflns_obs                 ? 
_refine.ls_restrained_S_all                      ? 
_refine.ls_restrained_S_obs                      ? 
_refine.ls_shift_over_esd_max                    ? 
_refine.ls_shift_over_esd_mean                   ? 
_refine.ls_structure_factor_coef                 ? 
_refine.ls_weighting_details                     ? 
_refine.ls_weighting_scheme                      ? 
_refine.ls_wR_factor_all                         ? 
_refine.ls_wR_factor_obs                         ? 
_refine.ls_wR_factor_R_free                      ? 
_refine.ls_wR_factor_R_work                      ? 
_refine.occupancy_max                            ? 
_refine.occupancy_min                            ? 
_refine.solvent_model_details                    ? 
_refine.solvent_model_param_bsol                 ? 
_refine.solvent_model_param_ksol                 ? 
_refine.ls_R_factor_gt                           ? 
_refine.ls_goodness_of_fit_gt                    ? 
_refine.ls_goodness_of_fit_ref                   ? 
_refine.ls_shift_over_su_max                     ? 
_refine.ls_shift_over_su_max_lt                  ? 
_refine.ls_shift_over_su_mean                    ? 
_refine.ls_shift_over_su_mean_lt                 ? 
_refine.pdbx_ls_sigma_I                          ? 
_refine.pdbx_ls_sigma_F                          1.370 
_refine.pdbx_ls_sigma_Fsqd                       ? 
_refine.pdbx_data_cutoff_high_absF               ? 
_refine.pdbx_data_cutoff_high_rms_absF           ? 
_refine.pdbx_data_cutoff_low_absF                ? 
_refine.pdbx_isotropic_thermal_model             ? 
_refine.pdbx_ls_cross_valid_method               'FREE R-VALUE' 
_refine.pdbx_method_to_determine_struct          'MOLECULAR REPLACEMENT' 
_refine.pdbx_starting_model                      1LGU 
_refine.pdbx_stereochemistry_target_values       ? 
_refine.pdbx_R_Free_selection_details            ? 
_refine.pdbx_stereochem_target_val_spec_case     ? 
_refine.pdbx_overall_ESU_R                       ? 
_refine.pdbx_overall_ESU_R_Free                  ? 
_refine.pdbx_solvent_vdw_probe_radii             1.1100 
_refine.pdbx_solvent_ion_probe_radii             ? 
_refine.pdbx_solvent_shrinkage_radii             0.9000 
_refine.pdbx_real_space_R                        ? 
_refine.pdbx_density_correlation                 ? 
_refine.pdbx_pd_number_of_powder_patterns        ? 
_refine.pdbx_pd_number_of_points                 ? 
_refine.pdbx_pd_meas_number_of_points            ? 
_refine.pdbx_pd_proc_ls_prof_R_factor            ? 
_refine.pdbx_pd_proc_ls_prof_wR_factor           ? 
_refine.pdbx_pd_Marquardt_correlation_coeff      ? 
_refine.pdbx_pd_Fsqrd_R_factor                   ? 
_refine.pdbx_pd_ls_matrix_band_width             ? 
_refine.pdbx_overall_phase_error                 30.9900 
_refine.pdbx_overall_SU_R_free_Cruickshank_DPI   ? 
_refine.pdbx_overall_SU_R_free_Blow_DPI          ? 
_refine.pdbx_overall_SU_R_Blow_DPI               ? 
_refine.pdbx_TLS_residual_ADP_flag               ? 
_refine.pdbx_diffrn_id                           1 
_refine.overall_SU_B                             ? 
_refine.overall_SU_ML                            0.2600 
_refine.overall_SU_R_Cruickshank_DPI             ? 
_refine.overall_SU_R_free                        ? 
_refine.overall_FOM_free_R_set                   ? 
_refine.overall_FOM_work_R_set                   ? 
_refine.pdbx_average_fsc_overall                 ? 
_refine.pdbx_average_fsc_work                    ? 
_refine.pdbx_average_fsc_free                    ? 
# 
_refine_hist.cycle_id                         final 
_refine_hist.pdbx_refine_id                   'X-RAY DIFFRACTION' 
_refine_hist.d_res_high                       1.7000 
_refine_hist.d_res_low                        45.84 
_refine_hist.pdbx_number_atoms_ligand         8 
_refine_hist.number_atoms_solvent             144 
_refine_hist.number_atoms_total               1435 
_refine_hist.pdbx_number_residues_total       161 
_refine_hist.pdbx_B_iso_mean_ligand           30.17 
_refine_hist.pdbx_B_iso_mean_solvent          39.74 
_refine_hist.pdbx_number_atoms_protein        1283 
_refine_hist.pdbx_number_atoms_nucleic_acid   0 
# 
loop_
_refine_ls_restr.pdbx_refine_id 
_refine_ls_restr.criterion 
_refine_ls_restr.dev_ideal 
_refine_ls_restr.dev_ideal_target 
_refine_ls_restr.number 
_refine_ls_restr.rejects 
_refine_ls_restr.type 
_refine_ls_restr.weight 
_refine_ls_restr.pdbx_restraint_function 
'X-RAY DIFFRACTION' ? 0.007  ? 1413 ? f_bond_d           ? ? 
'X-RAY DIFFRACTION' ? 1.002  ? 1912 ? f_angle_d          ? ? 
'X-RAY DIFFRACTION' ? 0.039  ? 209  ? f_chiral_restr     ? ? 
'X-RAY DIFFRACTION' ? 0.004  ? 251  ? f_plane_restr      ? ? 
'X-RAY DIFFRACTION' ? 12.802 ? 540  ? f_dihedral_angle_d ? ? 
# 
loop_
_refine_ls_shell.pdbx_refine_id 
_refine_ls_shell.d_res_high 
_refine_ls_shell.d_res_low 
_refine_ls_shell.number_reflns_all 
_refine_ls_shell.number_reflns_obs 
_refine_ls_shell.number_reflns_R_free 
_refine_ls_shell.number_reflns_R_work 
_refine_ls_shell.percent_reflns_obs 
_refine_ls_shell.percent_reflns_R_free 
_refine_ls_shell.R_factor_all 
_refine_ls_shell.R_factor_obs 
_refine_ls_shell.R_factor_R_free 
_refine_ls_shell.R_factor_R_free_error 
_refine_ls_shell.R_factor_R_work 
_refine_ls_shell.redundancy_reflns_all 
_refine_ls_shell.redundancy_reflns_obs 
_refine_ls_shell.wR_factor_all 
_refine_ls_shell.wR_factor_obs 
_refine_ls_shell.wR_factor_R_free 
_refine_ls_shell.wR_factor_R_work 
_refine_ls_shell.pdbx_total_number_of_bins_used 
_refine_ls_shell.pdbx_phase_error 
_refine_ls_shell.pdbx_fsc_work 
_refine_ls_shell.pdbx_fsc_free 
'X-RAY DIFFRACTION' 1.7000 1.7773  2813 . 138 2675 100.0000 . . . 0.3406 . 0.3072 . . . . . . 8 . . . 
'X-RAY DIFFRACTION' 1.7773 1.8710  2808 . 141 2667 100.0000 . . . 0.4326 . 0.3319 . . . . . . 8 . . . 
'X-RAY DIFFRACTION' 1.8710 1.9883  2809 . 148 2661 100.0000 . . . 0.3865 . 0.3124 . . . . . . 8 . . . 
'X-RAY DIFFRACTION' 1.9883 2.1418  2828 . 152 2676 100.0000 . . . 0.3368 . 0.2811 . . . . . . 8 . . . 
'X-RAY DIFFRACTION' 2.1418 2.3573  2828 . 155 2673 100.0000 . . . 0.3029 . 0.2385 . . . . . . 8 . . . 
'X-RAY DIFFRACTION' 2.3573 2.6984  2849 . 147 2702 100.0000 . . . 0.2414 . 0.2284 . . . . . . 8 . . . 
'X-RAY DIFFRACTION' 2.6984 3.3995  2851 . 151 2700 99.0000  . . . 0.2277 . 0.2045 . . . . . . 8 . . . 
'X-RAY DIFFRACTION' 3.3995 45.8551 2621 . 126 2495 86.0000  . . . 0.1840 . 0.1873 . . . . . . 8 . . . 
# 
_struct.entry_id                     5JWU 
_struct.title                        'T4 Lysozyme L99A/M102Q with 1,2-Dihydro-1,2-azaborine Bound' 
_struct.pdbx_model_details           ? 
_struct.pdbx_formula_weight          ? 
_struct.pdbx_formula_weight_method   ? 
_struct.pdbx_model_type_details      ? 
_struct.pdbx_CASP_flag               N 
# 
_struct_keywords.entry_id        5JWU 
_struct_keywords.text            'Phage lysozyme Azaborine, HYDROLASE' 
_struct_keywords.pdbx_keywords   HYDROLASE 
# 
loop_
_struct_asym.id 
_struct_asym.pdbx_blank_PDB_chainid_flag 
_struct_asym.pdbx_modified 
_struct_asym.entity_id 
_struct_asym.details 
A N N 1 ? 
B N N 2 ? 
C N N 3 ? 
D N N 3 ? 
E N N 4 ? 
# 
loop_
_struct_conf.conf_type_id 
_struct_conf.id 
_struct_conf.pdbx_PDB_helix_id 
_struct_conf.beg_label_comp_id 
_struct_conf.beg_label_asym_id 
_struct_conf.beg_label_seq_id 
_struct_conf.pdbx_beg_PDB_ins_code 
_struct_conf.end_label_comp_id 
_struct_conf.end_label_asym_id 
_struct_conf.end_label_seq_id 
_struct_conf.pdbx_end_PDB_ins_code 
_struct_conf.beg_auth_comp_id 
_struct_conf.beg_auth_asym_id 
_struct_conf.beg_auth_seq_id 
_struct_conf.end_auth_comp_id 
_struct_conf.end_auth_asym_id 
_struct_conf.end_auth_seq_id 
_struct_conf.pdbx_PDB_helix_class 
_struct_conf.details 
_struct_conf.pdbx_PDB_helix_length 
HELX_P HELX_P1 AA1 ASN A 2   ? GLY A 12  ? ASN A 2   GLY A 12  1 ? 11 
HELX_P HELX_P2 AA2 ASP A 38  ? GLY A 51  ? ASP A 38  GLY A 51  1 ? 14 
HELX_P HELX_P3 AA3 THR A 59  ? ASN A 81  ? THR A 59  ASN A 81  1 ? 23 
HELX_P HELX_P4 AA4 LEU A 84  ? LEU A 91  ? LEU A 84  LEU A 91  1 ? 8  
HELX_P HELX_P5 AA5 ASP A 92  ? GLY A 107 ? ASP A 92  GLY A 107 1 ? 16 
HELX_P HELX_P6 AA6 PHE A 114 ? GLN A 123 ? PHE A 114 GLN A 123 1 ? 10 
HELX_P HELX_P7 AA7 ARG A 125 ? ALA A 134 ? ARG A 125 ALA A 134 1 ? 10 
HELX_P HELX_P8 AA8 SER A 136 ? THR A 142 ? SER A 136 THR A 142 1 ? 7  
HELX_P HELX_P9 AA9 THR A 142 ? GLY A 156 ? THR A 142 GLY A 156 1 ? 15 
# 
_struct_conf_type.id          HELX_P 
_struct_conf_type.criteria    ? 
_struct_conf_type.reference   ? 
# 
_struct_sheet.id               AA1 
_struct_sheet.type             ? 
_struct_sheet.number_strands   3 
_struct_sheet.details          ? 
# 
loop_
_struct_sheet_order.sheet_id 
_struct_sheet_order.range_id_1 
_struct_sheet_order.range_id_2 
_struct_sheet_order.offset 
_struct_sheet_order.sense 
AA1 1 2 ? anti-parallel 
AA1 2 3 ? anti-parallel 
# 
loop_
_struct_sheet_range.sheet_id 
_struct_sheet_range.id 
_struct_sheet_range.beg_label_comp_id 
_struct_sheet_range.beg_label_asym_id 
_struct_sheet_range.beg_label_seq_id 
_struct_sheet_range.pdbx_beg_PDB_ins_code 
_struct_sheet_range.end_label_comp_id 
_struct_sheet_range.end_label_asym_id 
_struct_sheet_range.end_label_seq_id 
_struct_sheet_range.pdbx_end_PDB_ins_code 
_struct_sheet_range.beg_auth_comp_id 
_struct_sheet_range.beg_auth_asym_id 
_struct_sheet_range.beg_auth_seq_id 
_struct_sheet_range.end_auth_comp_id 
_struct_sheet_range.end_auth_asym_id 
_struct_sheet_range.end_auth_seq_id 
AA1 1 ARG A 14 ? LYS A 19 ? ARG A 14 LYS A 19 
AA1 2 TYR A 25 ? GLY A 28 ? TYR A 25 GLY A 28 
AA1 3 HIS A 31 ? THR A 34 ? HIS A 31 THR A 34 
# 
loop_
_pdbx_struct_sheet_hbond.sheet_id 
_pdbx_struct_sheet_hbond.range_id_1 
_pdbx_struct_sheet_hbond.range_id_2 
_pdbx_struct_sheet_hbond.range_1_label_atom_id 
_pdbx_struct_sheet_hbond.range_1_label_comp_id 
_pdbx_struct_sheet_hbond.range_1_label_asym_id 
_pdbx_struct_sheet_hbond.range_1_label_seq_id 
_pdbx_struct_sheet_hbond.range_1_PDB_ins_code 
_pdbx_struct_sheet_hbond.range_1_auth_atom_id 
_pdbx_struct_sheet_hbond.range_1_auth_comp_id 
_pdbx_struct_sheet_hbond.range_1_auth_asym_id 
_pdbx_struct_sheet_hbond.range_1_auth_seq_id 
_pdbx_struct_sheet_hbond.range_2_label_atom_id 
_pdbx_struct_sheet_hbond.range_2_label_comp_id 
_pdbx_struct_sheet_hbond.range_2_label_asym_id 
_pdbx_struct_sheet_hbond.range_2_label_seq_id 
_pdbx_struct_sheet_hbond.range_2_PDB_ins_code 
_pdbx_struct_sheet_hbond.range_2_auth_atom_id 
_pdbx_struct_sheet_hbond.range_2_auth_comp_id 
_pdbx_struct_sheet_hbond.range_2_auth_asym_id 
_pdbx_struct_sheet_hbond.range_2_auth_seq_id 
AA1 1 2 N TYR A 18 ? N TYR A 18 O THR A 26 ? O THR A 26 
AA1 2 3 N TYR A 25 ? N TYR A 25 O LEU A 33 ? O LEU A 33 
# 
loop_
_struct_site.id 
_struct_site.pdbx_evidence_code 
_struct_site.pdbx_auth_asym_id 
_struct_site.pdbx_auth_comp_id 
_struct_site.pdbx_auth_seq_id 
_struct_site.pdbx_auth_ins_code 
_struct_site.pdbx_num_residues 
_struct_site.details 
AC1 Software A B20 201 ? 4 'binding site for residue B20 A 201' 
AC2 Software A CL  202 ? 6 'binding site for residue CL A 202'  
AC3 Software A CL  203 ? 3 'binding site for residue CL A 203'  
# 
loop_
_struct_site_gen.id 
_struct_site_gen.site_id 
_struct_site_gen.pdbx_num_res 
_struct_site_gen.label_comp_id 
_struct_site_gen.label_asym_id 
_struct_site_gen.label_seq_id 
_struct_site_gen.pdbx_auth_ins_code 
_struct_site_gen.auth_comp_id 
_struct_site_gen.auth_asym_id 
_struct_site_gen.auth_seq_id 
_struct_site_gen.label_atom_id 
_struct_site_gen.label_alt_id 
_struct_site_gen.symmetry 
_struct_site_gen.details 
1  AC1 4 ALA A 99  ? ALA A 99  . ? 1_555 ? 
2  AC1 4 GLN A 102 ? GLN A 102 . ? 1_555 ? 
3  AC1 4 VAL A 111 ? VAL A 111 . ? 1_555 ? 
4  AC1 4 LEU A 118 ? LEU A 118 . ? 1_555 ? 
5  AC2 6 ALA A 49  ? ALA A 49  . ? 1_555 ? 
6  AC2 6 GLN A 69  ? GLN A 69  . ? 1_555 ? 
7  AC2 6 SER A 136 ? SER A 136 . ? 3_455 ? 
8  AC2 6 ARG A 137 ? ARG A 137 . ? 3_455 ? 
9  AC2 6 ASN A 140 ? ASN A 140 . ? 3_455 ? 
10 AC2 6 HOH E .   ? HOH A 425 . ? 3_455 ? 
11 AC3 3 ASN A 132 ? ASN A 132 . ? 1_555 ? 
12 AC3 3 LYS A 135 ? LYS A 135 . ? 1_555 ? 
13 AC3 3 HOH E .   ? HOH A 353 . ? 1_555 ? 
# 
_atom_sites.entry_id                    5JWU 
_atom_sites.fract_transf_matrix[1][1]   -0.00169609 
_atom_sites.fract_transf_matrix[1][2]   -0.00304899 
_atom_sites.fract_transf_matrix[1][3]   0.01889335 
_atom_sites.fract_transf_matrix[2][1]   0.00262097 
_atom_sites.fract_transf_matrix[2][2]   -0.01763625 
_atom_sites.fract_transf_matrix[2][3]   0.00715769 
_atom_sites.fract_transf_matrix[3][1]   0.01006566 
_atom_sites.fract_transf_matrix[3][2]   0.00199316 
_atom_sites.fract_transf_matrix[3][3]   0.00122527 
_atom_sites.fract_transf_vector[1]      -0.452890 
_atom_sites.fract_transf_vector[2]      0.320019 
_atom_sites.fract_transf_vector[3]      -0.068895 
# 
loop_
_atom_type.symbol 
B  
C  
CL 
N  
O  
S  
# 
loop_
_atom_site.group_PDB 
_atom_site.id 
_atom_site.type_symbol 
_atom_site.label_atom_id 
_atom_site.label_alt_id 
_atom_site.label_comp_id 
_atom_site.label_asym_id 
_atom_site.label_entity_id 
_atom_site.label_seq_id 
_atom_site.pdbx_PDB_ins_code 
_atom_site.Cartn_x 
_atom_site.Cartn_y 
_atom_site.Cartn_z 
_atom_site.occupancy 
_atom_site.B_iso_or_equiv 
_atom_site.pdbx_formal_charge 
_atom_site.auth_seq_id 
_atom_site.auth_comp_id 
_atom_site.auth_asym_id 
_atom_site.auth_atom_id 
_atom_site.pdbx_PDB_model_num 
ATOM   1    N  N   . MET A 1 1   ? 2.878   -5.698  -16.532 1.00 42.96 ? 1   MET A N   1 
ATOM   2    C  CA  . MET A 1 1   ? 2.513   -5.096  -15.254 1.00 40.56 ? 1   MET A CA  1 
ATOM   3    C  C   . MET A 1 1   ? 2.959   -5.967  -14.059 1.00 40.06 ? 1   MET A C   1 
ATOM   4    O  O   . MET A 1 1   ? 3.004   -7.206  -14.115 1.00 33.30 ? 1   MET A O   1 
ATOM   5    C  CB  . MET A 1 1   ? 1.002   -4.819  -15.211 1.00 38.85 ? 1   MET A CB  1 
ATOM   6    C  CG  . MET A 1 1   ? 0.563   -3.631  -14.355 1.00 36.00 ? 1   MET A CG  1 
ATOM   7    S  SD  . MET A 1 1   ? 0.501   -1.984  -15.119 1.00 60.56 ? 1   MET A SD  1 
ATOM   8    C  CE  . MET A 1 1   ? -0.703  -2.200  -16.439 1.00 43.03 ? 1   MET A CE  1 
ATOM   9    N  N   . ASN A 1 2   ? 3.318   -5.276  -12.987 1.00 28.14 ? 2   ASN A N   1 
ATOM   10   C  CA  . ASN A 1 2   ? 3.874   -5.862  -11.779 1.00 24.10 ? 2   ASN A CA  1 
ATOM   11   C  C   . ASN A 1 2   ? 3.630   -4.856  -10.659 1.00 24.28 ? 2   ASN A C   1 
ATOM   12   O  O   . ASN A 1 2   ? 3.085   -3.778  -10.923 1.00 23.10 ? 2   ASN A O   1 
ATOM   13   C  CB  . ASN A 1 2   ? 5.369   -6.164  -11.942 1.00 29.47 ? 2   ASN A CB  1 
ATOM   14   C  CG  . ASN A 1 2   ? 6.163   -4.941  -12.352 1.00 29.47 ? 2   ASN A CG  1 
ATOM   15   O  OD1 . ASN A 1 2   ? 6.179   -3.934  -11.642 1.00 26.48 ? 2   ASN A OD1 1 
ATOM   16   N  ND2 . ASN A 1 2   ? 6.829   -5.018  -13.505 1.00 30.10 ? 2   ASN A ND2 1 
ATOM   17   N  N   . ILE A 1 3   ? 4.044   -5.182  -9.435  1.00 24.89 ? 3   ILE A N   1 
ATOM   18   C  CA  . ILE A 1 3   ? 3.694   -4.370  -8.272  1.00 21.74 ? 3   ILE A CA  1 
ATOM   19   C  C   . ILE A 1 3   ? 4.307   -2.963  -8.381  1.00 22.98 ? 3   ILE A C   1 
ATOM   20   O  O   . ILE A 1 3   ? 3.700   -1.967  -7.955  1.00 21.78 ? 3   ILE A O   1 
ATOM   21   C  CB  . ILE A 1 3   ? 4.125   -5.061  -6.940  1.00 23.84 ? 3   ILE A CB  1 
ATOM   22   C  CG1 . ILE A 1 3   ? 3.698   -4.229  -5.720  1.00 21.21 ? 3   ILE A CG1 1 
ATOM   23   C  CG2 . ILE A 1 3   ? 5.618   -5.333  -6.904  1.00 25.57 ? 3   ILE A CG2 1 
ATOM   24   C  CD1 . ILE A 1 3   ? 2.176   -3.990  -5.631  1.00 23.13 ? 3   ILE A CD1 1 
ATOM   25   N  N   . PHE A 1 4   ? 5.486   -2.871  -8.984  1.00 22.50 ? 4   PHE A N   1 
ATOM   26   C  CA  . PHE A 1 4   ? 6.138   -1.576  -9.095  1.00 21.93 ? 4   PHE A CA  1 
ATOM   27   C  C   . PHE A 1 4   ? 5.360   -0.666  -10.042 1.00 24.00 ? 4   PHE A C   1 
ATOM   28   O  O   . PHE A 1 4   ? 5.106   0.494   -9.718  1.00 25.08 ? 4   PHE A O   1 
ATOM   29   C  CB  . PHE A 1 4   ? 7.598   -1.755  -9.532  1.00 22.65 ? 4   PHE A CB  1 
ATOM   30   C  CG  . PHE A 1 4   ? 8.446   -2.428  -8.488  1.00 22.03 ? 4   PHE A CG  1 
ATOM   31   C  CD1 . PHE A 1 4   ? 8.974   -1.699  -7.429  1.00 25.66 ? 4   PHE A CD1 1 
ATOM   32   C  CD2 . PHE A 1 4   ? 8.696   -3.782  -8.547  1.00 24.57 ? 4   PHE A CD2 1 
ATOM   33   C  CE1 . PHE A 1 4   ? 9.744   -2.316  -6.451  1.00 26.51 ? 4   PHE A CE1 1 
ATOM   34   C  CE2 . PHE A 1 4   ? 9.455   -4.410  -7.578  1.00 27.89 ? 4   PHE A CE2 1 
ATOM   35   C  CZ  . PHE A 1 4   ? 9.982   -3.677  -6.524  1.00 27.79 ? 4   PHE A CZ  1 
ATOM   36   N  N   . GLU A 1 5   ? 4.962   -1.193  -11.196 1.00 24.61 ? 5   GLU A N   1 
ATOM   37   C  CA  . GLU A 1 5   ? 4.183   -0.418  -12.159 1.00 26.83 ? 5   GLU A CA  1 
ATOM   38   C  C   . GLU A 1 5   ? 2.806   -0.045  -11.591 1.00 20.79 ? 5   GLU A C   1 
ATOM   39   O  O   . GLU A 1 5   ? 2.317   1.065   -11.789 1.00 23.14 ? 5   GLU A O   1 
ATOM   40   C  CB  . GLU A 1 5   ? 4.010   -1.201  -13.465 1.00 27.08 ? 5   GLU A CB  1 
ATOM   41   C  CG  . GLU A 1 5   ? 5.310   -1.542  -14.193 1.00 31.11 ? 5   GLU A CG  1 
ATOM   42   C  CD  . GLU A 1 5   ? 5.989   -0.333  -14.814 1.00 50.73 ? 5   GLU A CD  1 
ATOM   43   O  OE1 . GLU A 1 5   ? 5.390   0.770   -14.823 1.00 53.26 ? 5   GLU A OE1 1 
ATOM   44   O  OE2 . GLU A 1 5   ? 7.133   -0.486  -15.298 1.00 55.58 ? 5   GLU A OE2 1 
ATOM   45   N  N   . MET A 1 6   ? 2.197   -0.990  -10.875 1.00 24.50 ? 6   MET A N   1 
ATOM   46   C  CA  . MET A 1 6   ? 0.891   -0.780  -10.263 1.00 22.68 ? 6   MET A CA  1 
ATOM   47   C  C   . MET A 1 6   ? 0.941   0.343   -9.223  1.00 25.77 ? 6   MET A C   1 
ATOM   48   O  O   . MET A 1 6   ? 0.137   1.284   -9.271  1.00 21.30 ? 6   MET A O   1 
ATOM   49   C  CB  . MET A 1 6   ? 0.413   -2.076  -9.613  1.00 21.57 ? 6   MET A CB  1 
ATOM   50   C  CG  . MET A 1 6   ? -1.010  -2.055  -9.076  1.00 21.32 ? 6   MET A CG  1 
ATOM   51   S  SD  . MET A 1 6   ? -1.205  -3.455  -7.948  1.00 21.21 ? 6   MET A SD  1 
ATOM   52   C  CE  . MET A 1 6   ? -2.981  -3.735  -8.091  1.00 24.16 ? 6   MET A CE  1 
ATOM   53   N  N   . LEU A 1 7   ? 1.879   0.247   -8.285  1.00 20.60 ? 7   LEU A N   1 
ATOM   54   C  CA  . LEU A 1 7   ? 2.001   1.265   -7.237  1.00 21.51 ? 7   LEU A CA  1 
ATOM   55   C  C   . LEU A 1 7   ? 2.466   2.617   -7.775  1.00 25.32 ? 7   LEU A C   1 
ATOM   56   O  O   . LEU A 1 7   ? 2.060   3.652   -7.255  1.00 24.48 ? 7   LEU A O   1 
ATOM   57   C  CB  . LEU A 1 7   ? 2.944   0.793   -6.132  1.00 21.67 ? 7   LEU A CB  1 
ATOM   58   C  CG  . LEU A 1 7   ? 2.270   -0.087  -5.076  1.00 20.20 ? 7   LEU A CG  1 
ATOM   59   C  CD1 . LEU A 1 7   ? 3.317   -0.701  -4.165  1.00 22.98 ? 7   LEU A CD1 1 
ATOM   60   C  CD2 . LEU A 1 7   ? 1.225   0.717   -4.260  1.00 21.24 ? 7   LEU A CD2 1 
ATOM   61   N  N   . ARG A 1 8   ? 3.312   2.616   -8.807  1.00 21.83 ? 8   ARG A N   1 
ATOM   62   C  CA  . ARG A 1 8   ? 3.697   3.868   -9.466  1.00 27.20 ? 8   ARG A CA  1 
ATOM   63   C  C   . ARG A 1 8   ? 2.469   4.648   -9.944  1.00 27.41 ? 8   ARG A C   1 
ATOM   64   O  O   . ARG A 1 8   ? 2.410   5.880   -9.824  1.00 26.83 ? 8   ARG A O   1 
ATOM   65   C  CB  . ARG A 1 8   ? 4.639   3.584   -10.642 1.00 29.93 ? 8   ARG A CB  1 
ATOM   66   C  CG  . ARG A 1 8   ? 5.450   4.777   -11.105 1.00 34.19 ? 8   ARG A CG  1 
ATOM   67   C  CD  . ARG A 1 8   ? 6.639   4.340   -11.979 1.00 45.19 ? 8   ARG A CD  1 
ATOM   68   N  NE  . ARG A 1 8   ? 7.778   3.832   -11.202 1.00 56.63 ? 8   ARG A NE  1 
ATOM   69   C  CZ  . ARG A 1 8   ? 8.272   2.595   -11.291 1.00 49.08 ? 8   ARG A CZ  1 
ATOM   70   N  NH1 . ARG A 1 8   ? 7.738   1.710   -12.129 1.00 45.69 ? 8   ARG A NH1 1 
ATOM   71   N  NH2 . ARG A 1 8   ? 9.305   2.243   -10.540 1.00 47.21 ? 8   ARG A NH2 1 
ATOM   72   N  N   . ILE A 1 9   ? 1.479   3.919   -10.468 1.00 25.43 ? 9   ILE A N   1 
ATOM   73   C  CA  . ILE A 1 9   ? 0.238   4.513   -10.947 1.00 28.27 ? 9   ILE A CA  1 
ATOM   74   C  C   . ILE A 1 9   ? -0.627  5.015   -9.788  1.00 24.89 ? 9   ILE A C   1 
ATOM   75   O  O   . ILE A 1 9   ? -1.176  6.116   -9.849  1.00 31.33 ? 9   ILE A O   1 
ATOM   76   C  CB  . ILE A 1 9   ? -0.553  3.499   -11.821 1.00 27.54 ? 9   ILE A CB  1 
ATOM   77   C  CG1 . ILE A 1 9   ? 0.080   3.424   -13.208 1.00 32.30 ? 9   ILE A CG1 1 
ATOM   78   C  CG2 . ILE A 1 9   ? -2.043  3.880   -11.924 1.00 24.51 ? 9   ILE A CG2 1 
ATOM   79   C  CD1 . ILE A 1 9   ? -0.456  2.322   -14.083 1.00 30.54 ? 9   ILE A CD1 1 
ATOM   80   N  N   . ASP A 1 10  ? -0.725  4.224   -8.725  1.00 24.44 ? 10  ASP A N   1 
ATOM   81   C  CA  . ASP A 1 10  ? -1.565  4.581   -7.585  1.00 22.09 ? 10  ASP A CA  1 
ATOM   82   C  C   . ASP A 1 10  ? -0.947  5.686   -6.702  1.00 26.80 ? 10  ASP A C   1 
ATOM   83   O  O   . ASP A 1 10  ? -1.676  6.504   -6.133  1.00 28.53 ? 10  ASP A O   1 
ATOM   84   C  CB  . ASP A 1 10  ? -1.867  3.330   -6.738  1.00 24.17 ? 10  ASP A CB  1 
ATOM   85   C  CG  . ASP A 1 10  ? -2.907  2.415   -7.392  1.00 30.22 ? 10  ASP A CG  1 
ATOM   86   O  OD1 . ASP A 1 10  ? -3.691  2.917   -8.224  1.00 23.30 ? 10  ASP A OD1 1 
ATOM   87   O  OD2 . ASP A 1 10  ? -2.953  1.197   -7.075  1.00 23.56 ? 10  ASP A OD2 1 
ATOM   88   N  N   . GLU A 1 11  ? 0.382   5.730   -6.601  1.00 24.17 ? 11  GLU A N   1 
ATOM   89   C  CA  . GLU A 1 11  ? 1.027   6.656   -5.664  1.00 23.42 ? 11  GLU A CA  1 
ATOM   90   C  C   . GLU A 1 11  ? 1.664   7.894   -6.305  1.00 29.90 ? 11  GLU A C   1 
ATOM   91   O  O   . GLU A 1 11  ? 1.903   8.886   -5.619  1.00 26.90 ? 11  GLU A O   1 
ATOM   92   C  CB  . GLU A 1 11  ? 2.102   5.913   -4.854  1.00 27.31 ? 11  GLU A CB  1 
ATOM   93   C  CG  . GLU A 1 11  ? 1.591   4.730   -4.023  1.00 24.24 ? 11  GLU A CG  1 
ATOM   94   C  CD  . GLU A 1 11  ? 0.833   5.152   -2.761  1.00 33.56 ? 11  GLU A CD  1 
ATOM   95   O  OE1 . GLU A 1 11  ? 0.724   6.371   -2.506  1.00 31.48 ? 11  GLU A OE1 1 
ATOM   96   O  OE2 . GLU A 1 11  ? 0.351   4.265   -2.017  1.00 33.61 ? 11  GLU A OE2 1 
ATOM   97   N  N   . GLY A 1 12  ? 1.981   7.829   -7.592  1.00 25.70 ? 12  GLY A N   1 
ATOM   98   C  CA  . GLY A 1 12  ? 2.639   8.940   -8.271  1.00 26.38 ? 12  GLY A CA  1 
ATOM   99   C  C   . GLY A 1 12  ? 4.105   9.078   -7.903  1.00 25.70 ? 12  GLY A C   1 
ATOM   100  O  O   . GLY A 1 12  ? 4.667   8.220   -7.231  1.00 27.21 ? 12  GLY A O   1 
ATOM   101  N  N   . LEU A 1 13  ? 4.724   10.161  -8.351  1.00 24.68 ? 13  LEU A N   1 
ATOM   102  C  CA  . LEU A 1 13  ? 6.126   10.442  -8.019  1.00 23.61 ? 13  LEU A CA  1 
ATOM   103  C  C   . LEU A 1 13  ? 6.283   11.924  -7.744  1.00 30.63 ? 13  LEU A C   1 
ATOM   104  O  O   . LEU A 1 13  ? 5.986   12.757  -8.599  1.00 28.03 ? 13  LEU A O   1 
ATOM   105  C  CB  . LEU A 1 13  ? 7.043   9.996   -9.155  1.00 28.49 ? 13  LEU A CB  1 
ATOM   106  C  CG  . LEU A 1 13  ? 8.526   10.408  -9.096  1.00 31.28 ? 13  LEU A CG  1 
ATOM   107  C  CD1 . LEU A 1 13  ? 9.199   9.886   -7.842  1.00 34.63 ? 13  LEU A CD1 1 
ATOM   108  C  CD2 . LEU A 1 13  ? 9.259   9.903   -10.335 1.00 42.91 ? 13  LEU A CD2 1 
ATOM   109  N  N   . ARG A 1 14  ? 6.707   12.253  -6.528  1.00 25.61 ? 14  ARG A N   1 
ATOM   110  C  CA  A ARG A 1 14  ? 6.952   13.638  -6.150  0.60 26.82 ? 14  ARG A CA  1 
ATOM   111  C  CA  B ARG A 1 14  ? 6.952   13.637  -6.152  0.40 26.85 ? 14  ARG A CA  1 
ATOM   112  C  C   . ARG A 1 14  ? 8.288   13.732  -5.438  1.00 28.35 ? 14  ARG A C   1 
ATOM   113  O  O   . ARG A 1 14  ? 8.545   12.994  -4.492  1.00 27.81 ? 14  ARG A O   1 
ATOM   114  C  CB  A ARG A 1 14  ? 5.828   14.175  -5.266  0.60 26.87 ? 14  ARG A CB  1 
ATOM   115  C  CB  B ARG A 1 14  ? 5.819   14.175  -5.276  0.40 26.91 ? 14  ARG A CB  1 
ATOM   116  C  CG  A ARG A 1 14  ? 4.455   14.061  -5.919  0.60 27.61 ? 14  ARG A CG  1 
ATOM   117  C  CG  B ARG A 1 14  ? 4.661   14.760  -6.085  0.40 29.05 ? 14  ARG A CG  1 
ATOM   118  C  CD  A ARG A 1 14  ? 3.357   14.735  -5.101  0.60 31.51 ? 14  ARG A CD  1 
ATOM   119  C  CD  B ARG A 1 14  ? 3.329   14.718  -5.332  0.40 31.61 ? 14  ARG A CD  1 
ATOM   120  N  NE  A ARG A 1 14  ? 3.391   16.190  -5.221  0.60 32.09 ? 14  ARG A NE  1 
ATOM   121  N  NE  B ARG A 1 14  ? 2.789   13.361  -5.266  0.40 34.71 ? 14  ARG A NE  1 
ATOM   122  C  CZ  A ARG A 1 14  ? 2.506   17.003  -4.652  0.60 36.33 ? 14  ARG A CZ  1 
ATOM   123  C  CZ  B ARG A 1 14  ? 1.536   13.061  -4.937  0.40 31.97 ? 14  ARG A CZ  1 
ATOM   124  N  NH1 A ARG A 1 14  ? 1.515   16.501  -3.926  0.60 28.29 ? 14  ARG A NH1 1 
ATOM   125  N  NH1 B ARG A 1 14  ? 0.667   14.024  -4.644  0.40 33.14 ? 14  ARG A NH1 1 
ATOM   126  N  NH2 A ARG A 1 14  ? 2.606   18.315  -4.810  0.60 40.34 ? 14  ARG A NH2 1 
ATOM   127  N  NH2 B ARG A 1 14  ? 1.148   11.794  -4.906  0.40 31.89 ? 14  ARG A NH2 1 
ATOM   128  N  N   . LEU A 1 15  ? 9.140   14.637  -5.909  1.00 28.82 ? 15  LEU A N   1 
ATOM   129  C  CA  . LEU A 1 15  ? 10.500  14.722  -5.410  1.00 29.39 ? 15  LEU A CA  1 
ATOM   130  C  C   . LEU A 1 15  ? 10.709  15.637  -4.207  1.00 29.27 ? 15  LEU A C   1 
ATOM   131  O  O   . LEU A 1 15  ? 11.810  15.697  -3.659  1.00 30.76 ? 15  LEU A O   1 
ATOM   132  C  CB  . LEU A 1 15  ? 11.426  15.160  -6.545  1.00 28.19 ? 15  LEU A CB  1 
ATOM   133  C  CG  . LEU A 1 15  ? 11.534  14.159  -7.702  1.00 26.14 ? 15  LEU A CG  1 
ATOM   134  C  CD1 . LEU A 1 15  ? 12.559  14.620  -8.724  1.00 33.28 ? 15  LEU A CD1 1 
ATOM   135  C  CD2 . LEU A 1 15  ? 11.879  12.774  -7.192  1.00 28.00 ? 15  LEU A CD2 1 
ATOM   136  N  N   . LYS A 1 16  ? 9.675   16.345  -3.785  1.00 25.12 ? 16  LYS A N   1 
ATOM   137  C  CA  . LYS A 1 16  ? 9.786   17.145  -2.569  1.00 25.37 ? 16  LYS A CA  1 
ATOM   138  C  C   . LYS A 1 16  ? 8.675   16.748  -1.598  1.00 25.87 ? 16  LYS A C   1 
ATOM   139  O  O   . LYS A 1 16  ? 7.642   16.218  -2.022  1.00 26.71 ? 16  LYS A O   1 
ATOM   140  C  CB  . LYS A 1 16  ? 9.727   18.642  -2.887  1.00 30.49 ? 16  LYS A CB  1 
ATOM   141  C  CG  . LYS A 1 16  ? 8.436   19.113  -3.505  1.00 42.28 ? 16  LYS A CG  1 
ATOM   142  C  CD  . LYS A 1 16  ? 8.615   20.501  -4.120  1.00 56.32 ? 16  LYS A CD  1 
ATOM   143  C  CE  . LYS A 1 16  ? 9.721   20.497  -5.170  1.00 54.53 ? 16  LYS A CE  1 
ATOM   144  N  NZ  . LYS A 1 16  ? 9.957   21.848  -5.757  1.00 52.95 ? 16  LYS A NZ  1 
ATOM   145  N  N   . ILE A 1 17  ? 8.894   17.001  -0.307  1.00 22.93 ? 17  ILE A N   1 
ATOM   146  C  CA  . ILE A 1 17  ? 7.962   16.562  0.723   1.00 25.27 ? 17  ILE A CA  1 
ATOM   147  C  C   . ILE A 1 17  ? 6.556   17.083  0.427   1.00 24.22 ? 17  ILE A C   1 
ATOM   148  O  O   . ILE A 1 17  ? 6.378   18.260  0.112   1.00 26.80 ? 17  ILE A O   1 
ATOM   149  C  CB  . ILE A 1 17  ? 8.422   17.023  2.114   1.00 23.74 ? 17  ILE A CB  1 
ATOM   150  C  CG1 . ILE A 1 17  ? 9.686   16.244  2.521   1.00 24.49 ? 17  ILE A CG1 1 
ATOM   151  C  CG2 . ILE A 1 17  ? 7.323   16.831  3.134   1.00 22.82 ? 17  ILE A CG2 1 
ATOM   152  C  CD1 . ILE A 1 17  ? 10.224  16.599  3.913   1.00 25.36 ? 17  ILE A CD1 1 
ATOM   153  N  N   . TYR A 1 18  ? 5.574   16.190  0.463   1.00 22.00 ? 18  TYR A N   1 
ATOM   154  C  CA  . TYR A 1 18  ? 4.180   16.597  0.277   1.00 24.58 ? 18  TYR A CA  1 
ATOM   155  C  C   . TYR A 1 18  ? 3.289   15.924  1.317   1.00 24.02 ? 18  TYR A C   1 
ATOM   156  O  O   . TYR A 1 18  ? 3.739   15.068  2.072   1.00 25.02 ? 18  TYR A O   1 
ATOM   157  C  CB  . TYR A 1 18  ? 3.703   16.256  -1.138  1.00 22.16 ? 18  TYR A CB  1 
ATOM   158  C  CG  . TYR A 1 18  ? 3.604   14.776  -1.429  1.00 25.42 ? 18  TYR A CG  1 
ATOM   159  C  CD1 . TYR A 1 18  ? 4.731   14.039  -1.780  1.00 29.35 ? 18  TYR A CD1 1 
ATOM   160  C  CD2 . TYR A 1 18  ? 2.375   14.112  -1.367  1.00 26.82 ? 18  TYR A CD2 1 
ATOM   161  C  CE1 . TYR A 1 18  ? 4.647   12.685  -2.060  1.00 29.38 ? 18  TYR A CE1 1 
ATOM   162  C  CE2 . TYR A 1 18  ? 2.283   12.754  -1.647  1.00 27.90 ? 18  TYR A CE2 1 
ATOM   163  C  CZ  . TYR A 1 18  ? 3.416   12.046  -1.989  1.00 31.49 ? 18  TYR A CZ  1 
ATOM   164  O  OH  . TYR A 1 18  ? 3.338   10.699  -2.276  1.00 35.11 ? 18  TYR A OH  1 
ATOM   165  N  N   . LYS A 1 19  ? 2.018   16.306  1.364   1.00 25.52 ? 19  LYS A N   1 
ATOM   166  C  CA  . LYS A 1 19  ? 1.097   15.627  2.263   1.00 23.59 ? 19  LYS A CA  1 
ATOM   167  C  C   . LYS A 1 19  ? 0.264   14.573  1.520   1.00 25.22 ? 19  LYS A C   1 
ATOM   168  O  O   . LYS A 1 19  ? -0.287  14.854  0.459   1.00 25.64 ? 19  LYS A O   1 
ATOM   169  C  CB  . LYS A 1 19  ? 0.180   16.626  2.957   1.00 23.61 ? 19  LYS A CB  1 
ATOM   170  C  CG  . LYS A 1 19  ? 0.888   17.496  3.975   1.00 27.53 ? 19  LYS A CG  1 
ATOM   171  C  CD  . LYS A 1 19  ? -0.100  18.365  4.707   1.00 37.61 ? 19  LYS A CD  1 
ATOM   172  C  CE  . LYS A 1 19  ? 0.581   19.264  5.720   1.00 34.23 ? 19  LYS A CE  1 
ATOM   173  N  NZ  . LYS A 1 19  ? -0.451  20.091  6.405   1.00 32.97 ? 19  LYS A NZ  1 
ATOM   174  N  N   . ASP A 1 20  ? 0.185   13.362  2.072   1.00 23.50 ? 20  ASP A N   1 
ATOM   175  C  CA  . ASP A 1 20  ? -0.607  12.313  1.436   1.00 25.01 ? 20  ASP A CA  1 
ATOM   176  C  C   . ASP A 1 20  ? -2.101  12.552  1.621   1.00 26.72 ? 20  ASP A C   1 
ATOM   177  O  O   . ASP A 1 20  ? -2.514  13.623  2.079   1.00 26.42 ? 20  ASP A O   1 
ATOM   178  C  CB  . ASP A 1 20  ? -0.197  10.917  1.944   1.00 27.18 ? 20  ASP A CB  1 
ATOM   179  C  CG  . ASP A 1 20  ? -0.595  10.628  3.409   1.00 32.27 ? 20  ASP A CG  1 
ATOM   180  O  OD1 . ASP A 1 20  ? -1.322  11.409  4.077   1.00 26.24 ? 20  ASP A OD1 1 
ATOM   181  O  OD2 . ASP A 1 20  ? -0.159  9.551   3.894   1.00 28.91 ? 20  ASP A OD2 1 
ATOM   182  N  N   . THR A 1 21  ? -2.923  11.560  1.267   1.00 26.28 ? 21  THR A N   1 
ATOM   183  C  CA  A THR A 1 21  ? -4.371  11.736  1.294   0.76 22.99 ? 21  THR A CA  1 
ATOM   184  C  CA  B THR A 1 21  ? -4.363  11.774  1.295   0.24 23.18 ? 21  THR A CA  1 
ATOM   185  C  C   . THR A 1 21  ? -4.896  11.902  2.717   1.00 25.38 ? 21  THR A C   1 
ATOM   186  O  O   . THR A 1 21  ? -6.000  12.426  2.923   1.00 28.52 ? 21  THR A O   1 
ATOM   187  C  CB  A THR A 1 21  ? -5.100  10.546  0.622   0.76 26.35 ? 21  THR A CB  1 
ATOM   188  C  CB  B THR A 1 21  ? -5.127  10.649  0.588   0.24 26.33 ? 21  THR A CB  1 
ATOM   189  O  OG1 A THR A 1 21  ? -4.875  9.352   1.382   0.76 29.96 ? 21  THR A OG1 1 
ATOM   190  O  OG1 B THR A 1 21  ? -6.496  11.040  0.446   0.24 26.66 ? 21  THR A OG1 1 
ATOM   191  C  CG2 A THR A 1 21  ? -4.595  10.338  -0.803  0.76 21.14 ? 21  THR A CG2 1 
ATOM   192  C  CG2 B THR A 1 21  ? -5.055  9.364   1.394   0.24 29.71 ? 21  THR A CG2 1 
ATOM   193  N  N   . GLU A 1 22  ? -4.111  11.451  3.699   1.00 24.44 ? 22  GLU A N   1 
ATOM   194  C  CA  . GLU A 1 22  ? -4.502  11.556  5.105   1.00 25.43 ? 22  GLU A CA  1 
ATOM   195  C  C   . GLU A 1 22  ? -3.921  12.807  5.768   1.00 24.55 ? 22  GLU A C   1 
ATOM   196  O  O   . GLU A 1 22  ? -4.157  13.052  6.954   1.00 27.22 ? 22  GLU A O   1 
ATOM   197  C  CB  . GLU A 1 22  ? -4.063  10.313  5.894   1.00 29.45 ? 22  GLU A CB  1 
ATOM   198  C  CG  . GLU A 1 22  ? -4.669  8.997   5.419   1.00 31.52 ? 22  GLU A CG  1 
ATOM   199  C  CD  . GLU A 1 22  ? -6.089  8.757   5.930   1.00 44.38 ? 22  GLU A CD  1 
ATOM   200  O  OE1 . GLU A 1 22  ? -6.999  8.548   5.096   1.00 43.39 ? 22  GLU A OE1 1 
ATOM   201  O  OE2 . GLU A 1 22  ? -6.296  8.757   7.166   1.00 51.17 ? 22  GLU A OE2 1 
ATOM   202  N  N   . GLY A 1 23  ? -3.158  13.586  5.003   1.00 22.80 ? 23  GLY A N   1 
ATOM   203  C  CA  . GLY A 1 23  ? -2.534  14.790  5.520   1.00 30.40 ? 23  GLY A CA  1 
ATOM   204  C  C   . GLY A 1 23  ? -1.160  14.579  6.136   1.00 24.82 ? 23  GLY A C   1 
ATOM   205  O  O   . GLY A 1 23  ? -0.681  15.439  6.870   1.00 25.46 ? 23  GLY A O   1 
ATOM   206  N  N   . TYR A 1 24  ? -0.528  13.449  5.828   1.00 22.93 ? 24  TYR A N   1 
ATOM   207  C  CA  . TYR A 1 24  ? 0.762   13.087  6.421   1.00 26.61 ? 24  TYR A CA  1 
ATOM   208  C  C   . TYR A 1 24  ? 1.933   13.354  5.489   1.00 27.40 ? 24  TYR A C   1 
ATOM   209  O  O   . TYR A 1 24  ? 1.864   13.057  4.289   1.00 24.51 ? 24  TYR A O   1 
ATOM   210  C  CB  . TYR A 1 24  ? 0.767   11.608  6.808   1.00 26.12 ? 24  TYR A CB  1 
ATOM   211  C  CG  . TYR A 1 24  ? -0.245  11.225  7.860   1.00 25.44 ? 24  TYR A CG  1 
ATOM   212  C  CD1 . TYR A 1 24  ? -0.503  12.062  8.933   1.00 29.19 ? 24  TYR A CD1 1 
ATOM   213  C  CD2 . TYR A 1 24  ? -0.935  10.021  7.777   1.00 29.00 ? 24  TYR A CD2 1 
ATOM   214  C  CE1 . TYR A 1 24  ? -1.427  11.718  9.910   1.00 36.73 ? 24  TYR A CE1 1 
ATOM   215  C  CE2 . TYR A 1 24  ? -1.867  9.664   8.750   1.00 35.33 ? 24  TYR A CE2 1 
ATOM   216  C  CZ  . TYR A 1 24  ? -2.108  10.522  9.813   1.00 34.80 ? 24  TYR A CZ  1 
ATOM   217  O  OH  . TYR A 1 24  ? -3.020  10.179  10.784  1.00 41.84 ? 24  TYR A OH  1 
ATOM   218  N  N   . TYR A 1 25  ? 3.022   13.883  6.049   1.00 23.54 ? 25  TYR A N   1 
ATOM   219  C  CA  . TYR A 1 25  ? 4.221   14.163  5.262   1.00 20.35 ? 25  TYR A CA  1 
ATOM   220  C  C   . TYR A 1 25  ? 4.795   12.907  4.612   1.00 20.65 ? 25  TYR A C   1 
ATOM   221  O  O   . TYR A 1 25  ? 5.022   11.906  5.277   1.00 22.41 ? 25  TYR A O   1 
ATOM   222  C  CB  . TYR A 1 25  ? 5.269   14.821  6.139   1.00 23.41 ? 25  TYR A CB  1 
ATOM   223  C  CG  . TYR A 1 25  ? 4.864   16.210  6.550   1.00 21.63 ? 25  TYR A CG  1 
ATOM   224  C  CD1 . TYR A 1 25  ? 4.630   17.192  5.593   1.00 25.77 ? 25  TYR A CD1 1 
ATOM   225  C  CD2 . TYR A 1 25  ? 4.735   16.545  7.887   1.00 26.36 ? 25  TYR A CD2 1 
ATOM   226  C  CE1 . TYR A 1 25  ? 4.283   18.475  5.964   1.00 24.93 ? 25  TYR A CE1 1 
ATOM   227  C  CE2 . TYR A 1 25  ? 4.387   17.818  8.262   1.00 29.68 ? 25  TYR A CE2 1 
ATOM   228  C  CZ  . TYR A 1 25  ? 4.164   18.776  7.301   1.00 24.22 ? 25  TYR A CZ  1 
ATOM   229  O  OH  . TYR A 1 25  ? 3.805   20.048  7.683   1.00 38.27 ? 25  TYR A OH  1 
ATOM   230  N  N   . THR A 1 26  ? 5.033   13.008  3.309   1.00 18.03 ? 26  THR A N   1 
ATOM   231  C  CA  . THR A 1 26  ? 5.319   11.876  2.445   1.00 23.00 ? 26  THR A CA  1 
ATOM   232  C  C   . THR A 1 26  ? 6.308   12.352  1.384   1.00 21.98 ? 26  THR A C   1 
ATOM   233  O  O   . THR A 1 26  ? 6.451   13.551  1.172   1.00 24.00 ? 26  THR A O   1 
ATOM   234  C  CB  . THR A 1 26  ? 3.997   11.333  1.804   1.00 23.15 ? 26  THR A CB  1 
ATOM   235  O  OG1 . THR A 1 26  ? 3.085   10.990  2.847   1.00 24.78 ? 26  THR A OG1 1 
ATOM   236  C  CG2 . THR A 1 26  ? 4.238   10.096  0.932   1.00 22.50 ? 26  THR A CG2 1 
ATOM   237  N  N   . ILE A 1 27  ? 7.024   11.439  0.738   1.00 21.16 ? 27  ILE A N   1 
ATOM   238  C  CA  . ILE A 1 27  ? 7.874   11.846  -0.377  1.00 20.77 ? 27  ILE A CA  1 
ATOM   239  C  C   . ILE A 1 27  ? 8.024   10.689  -1.362  1.00 20.68 ? 27  ILE A C   1 
ATOM   240  O  O   . ILE A 1 27  ? 7.727   9.533   -1.030  1.00 22.38 ? 27  ILE A O   1 
ATOM   241  C  CB  . ILE A 1 27  ? 9.252   12.313  0.124   1.00 19.92 ? 27  ILE A CB  1 
ATOM   242  C  CG1 . ILE A 1 27  ? 10.000  13.105  -0.955  1.00 25.97 ? 27  ILE A CG1 1 
ATOM   243  C  CG2 . ILE A 1 27  ? 10.066  11.123  0.593   1.00 22.99 ? 27  ILE A CG2 1 
ATOM   244  C  CD1 . ILE A 1 27  ? 11.122  13.953  -0.408  1.00 26.36 ? 27  ILE A CD1 1 
ATOM   245  N  N   . GLY A 1 28  ? 8.427   11.007  -2.586  1.00 18.87 ? 28  GLY A N   1 
ATOM   246  C  CA  . GLY A 1 28  ? 8.808   9.989   -3.541  1.00 23.16 ? 28  GLY A CA  1 
ATOM   247  C  C   . GLY A 1 28  ? 7.580   9.276   -4.073  1.00 22.74 ? 28  GLY A C   1 
ATOM   248  O  O   . GLY A 1 28  ? 6.620   9.918   -4.497  1.00 24.05 ? 28  GLY A O   1 
ATOM   249  N  N   . ILE A 1 29  ? 7.620   7.952   -4.038  1.00 23.34 ? 29  ILE A N   1 
ATOM   250  C  CA  . ILE A 1 29  ? 6.497   7.140   -4.486  1.00 21.93 ? 29  ILE A CA  1 
ATOM   251  C  C   . ILE A 1 29  ? 5.751   6.616   -3.252  1.00 21.82 ? 29  ILE A C   1 
ATOM   252  O  O   . ILE A 1 29  ? 5.896   5.465   -2.849  1.00 24.67 ? 29  ILE A O   1 
ATOM   253  C  CB  . ILE A 1 29  ? 6.997   5.989   -5.404  1.00 21.37 ? 29  ILE A CB  1 
ATOM   254  C  CG1 . ILE A 1 29  ? 7.804   6.581   -6.572  1.00 25.35 ? 29  ILE A CG1 1 
ATOM   255  C  CG2 . ILE A 1 29  ? 5.839   5.148   -5.931  1.00 22.32 ? 29  ILE A CG2 1 
ATOM   256  C  CD1 . ILE A 1 29  ? 8.722   5.589   -7.251  1.00 32.19 ? 29  ILE A CD1 1 
ATOM   257  N  N   . GLY A 1 30  ? 4.997   7.499   -2.606  1.00 22.42 ? 30  GLY A N   1 
ATOM   258  C  CA  . GLY A 1 30  ? 4.204   7.102   -1.457  1.00 21.61 ? 30  GLY A CA  1 
ATOM   259  C  C   . GLY A 1 30  ? 5.012   6.681   -0.231  1.00 23.61 ? 30  GLY A C   1 
ATOM   260  O  O   . GLY A 1 30  ? 4.536   5.879   0.563   1.00 24.05 ? 30  GLY A O   1 
ATOM   261  N  N   . HIS A 1 31  ? 6.233   7.197   -0.068  1.00 19.90 ? 31  HIS A N   1 
ATOM   262  C  CA  . HIS A 1 31  ? 6.982   6.892   1.153   1.00 21.74 ? 31  HIS A CA  1 
ATOM   263  C  C   . HIS A 1 31  ? 6.547   7.795   2.313   1.00 22.77 ? 31  HIS A C   1 
ATOM   264  O  O   . HIS A 1 31  ? 6.921   8.971   2.358   1.00 23.21 ? 31  HIS A O   1 
ATOM   265  C  CB  . HIS A 1 31  ? 8.490   7.037   0.936   1.00 26.04 ? 31  HIS A CB  1 
ATOM   266  C  CG  . HIS A 1 31  ? 9.302   6.682   2.149   1.00 26.66 ? 31  HIS A CG  1 
ATOM   267  N  ND1 . HIS A 1 31  ? 9.658   5.385   2.450   1.00 28.49 ? 31  HIS A ND1 1 
ATOM   268  C  CD2 . HIS A 1 31  ? 9.802   7.451   3.146   1.00 33.93 ? 31  HIS A CD2 1 
ATOM   269  C  CE1 . HIS A 1 31  ? 10.353  5.370   3.574   1.00 28.93 ? 31  HIS A CE1 1 
ATOM   270  N  NE2 . HIS A 1 31  ? 10.455  6.610   4.019   1.00 28.02 ? 31  HIS A NE2 1 
ATOM   271  N  N   . LEU A 1 32  ? 5.756   7.240   3.230   1.00 23.10 ? 32  LEU A N   1 
ATOM   272  C  CA  . LEU A 1 32  ? 5.308   7.950   4.424   1.00 24.10 ? 32  LEU A CA  1 
ATOM   273  C  C   . LEU A 1 32  ? 6.504   8.262   5.326   1.00 24.22 ? 32  LEU A C   1 
ATOM   274  O  O   . LEU A 1 32  ? 7.271   7.370   5.696   1.00 25.25 ? 32  LEU A O   1 
ATOM   275  C  CB  . LEU A 1 32  ? 4.263   7.129   5.180   1.00 26.91 ? 32  LEU A CB  1 
ATOM   276  C  CG  . LEU A 1 32  ? 3.747   7.684   6.506   1.00 32.45 ? 32  LEU A CG  1 
ATOM   277  C  CD1 . LEU A 1 32  ? 3.025   9.002   6.294   1.00 26.24 ? 32  LEU A CD1 1 
ATOM   278  C  CD2 . LEU A 1 32  ? 2.833   6.679   7.214   1.00 34.12 ? 32  LEU A CD2 1 
ATOM   279  N  N   . LEU A 1 33  ? 6.673   9.536   5.640   1.00 21.08 ? 33  LEU A N   1 
ATOM   280  C  CA  . LEU A 1 33  ? 7.780   9.981   6.487   1.00 22.14 ? 33  LEU A CA  1 
ATOM   281  C  C   . LEU A 1 33  ? 7.423   9.978   7.970   1.00 27.23 ? 33  LEU A C   1 
ATOM   282  O  O   . LEU A 1 33  ? 8.205   9.528   8.808   1.00 28.73 ? 33  LEU A O   1 
ATOM   283  C  CB  . LEU A 1 33  ? 8.225   11.373  6.078   1.00 23.09 ? 33  LEU A CB  1 
ATOM   284  C  CG  . LEU A 1 33  ? 8.974   11.419  4.752   1.00 24.81 ? 33  LEU A CG  1 
ATOM   285  C  CD1 . LEU A 1 33  ? 9.102   12.862  4.321   1.00 21.34 ? 33  LEU A CD1 1 
ATOM   286  C  CD2 . LEU A 1 33  ? 10.351  10.723  4.865   1.00 24.46 ? 33  LEU A CD2 1 
ATOM   287  N  N   . THR A 1 34  ? 6.241   10.496  8.287   1.00 27.35 ? 34  THR A N   1 
ATOM   288  C  CA  . THR A 1 34  ? 5.813   10.635  9.677   1.00 32.16 ? 34  THR A CA  1 
ATOM   289  C  C   . THR A 1 34  ? 4.351   11.046  9.760   1.00 30.62 ? 34  THR A C   1 
ATOM   290  O  O   . THR A 1 34  ? 3.818   11.679  8.840   1.00 27.86 ? 34  THR A O   1 
ATOM   291  C  CB  . THR A 1 34  ? 6.664   11.684  10.438  1.00 36.22 ? 34  THR A CB  1 
ATOM   292  O  OG1 . THR A 1 34  ? 6.208   11.786  11.797  1.00 36.35 ? 34  THR A OG1 1 
ATOM   293  C  CG2 . THR A 1 34  ? 6.555   13.046  9.765   1.00 29.01 ? 34  THR A CG2 1 
ATOM   294  N  N   . LYS A 1 35  ? 3.711   10.697  10.871  1.00 31.12 ? 35  LYS A N   1 
ATOM   295  C  CA  . LYS A 1 35  ? 2.362   11.168  11.140  1.00 34.18 ? 35  LYS A CA  1 
ATOM   296  C  C   . LYS A 1 35  ? 2.397   12.479  11.922  1.00 35.11 ? 35  LYS A C   1 
ATOM   297  O  O   . LYS A 1 35  ? 1.361   13.084  12.176  1.00 31.69 ? 35  LYS A O   1 
ATOM   298  C  CB  . LYS A 1 35  ? 1.560   10.108  11.896  1.00 37.53 ? 35  LYS A CB  1 
ATOM   299  C  CG  . LYS A 1 35  ? 1.257   8.880   11.061  1.00 36.86 ? 35  LYS A CG  1 
ATOM   300  C  CD  . LYS A 1 35  ? 0.199   7.987   11.712  1.00 42.50 ? 35  LYS A CD  1 
ATOM   301  C  CE  . LYS A 1 35  ? 0.027   6.695   10.929  1.00 50.17 ? 35  LYS A CE  1 
ATOM   302  N  NZ  . LYS A 1 35  ? -0.815  5.700   11.661  1.00 58.64 ? 35  LYS A NZ  1 
ATOM   303  N  N   . SER A 1 36  ? 3.591   12.925  12.288  1.00 35.19 ? 36  SER A N   1 
ATOM   304  C  CA  . SER A 1 36  ? 3.737   14.187  13.011  1.00 32.97 ? 36  SER A CA  1 
ATOM   305  C  C   . SER A 1 36  ? 3.370   15.404  12.157  1.00 32.91 ? 36  SER A C   1 
ATOM   306  O  O   . SER A 1 36  ? 3.720   15.478  10.978  1.00 29.68 ? 36  SER A O   1 
ATOM   307  C  CB  . SER A 1 36  ? 5.166   14.339  13.529  1.00 35.34 ? 36  SER A CB  1 
ATOM   308  O  OG  . SER A 1 36  ? 5.405   15.669  13.960  1.00 37.68 ? 36  SER A OG  1 
ATOM   309  N  N   . PRO A 1 37  ? 2.660   16.377  12.759  1.00 34.25 ? 37  PRO A N   1 
ATOM   310  C  CA  . PRO A 1 37  ? 2.307   17.625  12.074  1.00 38.24 ? 37  PRO A CA  1 
ATOM   311  C  C   . PRO A 1 37  ? 3.494   18.561  11.894  1.00 35.04 ? 37  PRO A C   1 
ATOM   312  O  O   . PRO A 1 37  ? 3.382   19.539  11.161  1.00 36.27 ? 37  PRO A O   1 
ATOM   313  C  CB  . PRO A 1 37  ? 1.266   18.251  13.007  1.00 40.87 ? 37  PRO A CB  1 
ATOM   314  C  CG  . PRO A 1 37  ? 1.640   17.742  14.355  1.00 40.21 ? 37  PRO A CG  1 
ATOM   315  C  CD  . PRO A 1 37  ? 2.111   16.325  14.125  1.00 37.66 ? 37  PRO A CD  1 
ATOM   316  N  N   . ASP A 1 38  ? 4.613   18.265  12.552  1.00 33.10 ? 38  ASP A N   1 
ATOM   317  C  CA  . ASP A 1 38  ? 5.815   19.101  12.464  1.00 31.55 ? 38  ASP A CA  1 
ATOM   318  C  C   . ASP A 1 38  ? 6.625   18.773  11.211  1.00 33.39 ? 38  ASP A C   1 
ATOM   319  O  O   . ASP A 1 38  ? 7.118   17.662  11.063  1.00 31.35 ? 38  ASP A O   1 
ATOM   320  C  CB  . ASP A 1 38  ? 6.674   18.906  13.717  1.00 38.68 ? 38  ASP A CB  1 
ATOM   321  C  CG  . ASP A 1 38  ? 7.756   19.968  13.874  1.00 40.41 ? 38  ASP A CG  1 
ATOM   322  O  OD1 . ASP A 1 38  ? 8.037   20.723  12.916  1.00 40.71 ? 38  ASP A OD1 1 
ATOM   323  O  OD2 . ASP A 1 38  ? 8.335   20.042  14.979  1.00 51.97 ? 38  ASP A OD2 1 
ATOM   324  N  N   . LEU A 1 39  ? 6.771   19.744  10.317  1.00 29.87 ? 39  LEU A N   1 
ATOM   325  C  CA  . LEU A 1 39  ? 7.530   19.531  9.089   1.00 27.80 ? 39  LEU A CA  1 
ATOM   326  C  C   . LEU A 1 39  ? 9.010   19.264  9.373   1.00 32.45 ? 39  LEU A C   1 
ATOM   327  O  O   . LEU A 1 39  ? 9.687   18.544  8.619   1.00 27.79 ? 39  LEU A O   1 
ATOM   328  C  CB  . LEU A 1 39  ? 7.363   20.738  8.160   1.00 31.35 ? 39  LEU A CB  1 
ATOM   329  C  CG  . LEU A 1 39  ? 8.149   20.768  6.850   1.00 35.11 ? 39  LEU A CG  1 
ATOM   330  C  CD1 . LEU A 1 39  ? 7.831   19.554  5.982   1.00 27.88 ? 39  LEU A CD1 1 
ATOM   331  C  CD2 . LEU A 1 39  ? 7.861   22.062  6.096   1.00 40.74 ? 39  LEU A CD2 1 
ATOM   332  N  N   . ASN A 1 40  ? 9.524   19.833  10.460  1.00 29.51 ? 40  ASN A N   1 
ATOM   333  C  CA  . ASN A 1 40  ? 10.904  19.545  10.837  1.00 32.85 ? 40  ASN A CA  1 
ATOM   334  C  C   . ASN A 1 40  ? 11.090  18.076  11.210  1.00 32.00 ? 40  ASN A C   1 
ATOM   335  O  O   . ASN A 1 40  ? 12.153  17.492  10.971  1.00 32.69 ? 40  ASN A O   1 
ATOM   336  C  CB  . ASN A 1 40  ? 11.345  20.433  11.999  1.00 38.51 ? 40  ASN A CB  1 
ATOM   337  C  CG  . ASN A 1 40  ? 11.600  21.858  11.572  1.00 43.51 ? 40  ASN A CG  1 
ATOM   338  O  OD1 . ASN A 1 40  ? 11.971  22.118  10.427  1.00 46.59 ? 40  ASN A OD1 1 
ATOM   339  N  ND2 . ASN A 1 40  ? 11.401  22.793  12.492  1.00 50.81 ? 40  ASN A ND2 1 
ATOM   340  N  N   . ALA A 1 41  ? 10.060  17.484  11.807  1.00 31.10 ? 41  ALA A N   1 
ATOM   341  C  CA  . ALA A 1 41  ? 10.088  16.062  12.148  1.00 28.79 ? 41  ALA A CA  1 
ATOM   342  C  C   . ALA A 1 41  ? 10.177  15.233  10.869  1.00 27.96 ? 41  ALA A C   1 
ATOM   343  O  O   . ALA A 1 41  ? 10.896  14.237  10.817  1.00 25.41 ? 41  ALA A O   1 
ATOM   344  C  CB  . ALA A 1 41  ? 8.861   15.673  12.965  1.00 35.22 ? 41  ALA A CB  1 
ATOM   345  N  N   . ALA A 1 42  ? 9.463   15.664  9.832   1.00 27.53 ? 42  ALA A N   1 
ATOM   346  C  CA  . ALA A 1 42  ? 9.490   14.952  8.557   1.00 27.22 ? 42  ALA A CA  1 
ATOM   347  C  C   . ALA A 1 42  ? 10.845  15.091  7.876   1.00 26.97 ? 42  ALA A C   1 
ATOM   348  O  O   . ALA A 1 42  ? 11.388  14.122  7.338   1.00 22.62 ? 42  ALA A O   1 
ATOM   349  C  CB  . ALA A 1 42  ? 8.380   15.454  7.635   1.00 27.87 ? 42  ALA A CB  1 
ATOM   350  N  N   . LYS A 1 43  ? 11.403  16.297  7.904   1.00 27.29 ? 43  LYS A N   1 
ATOM   351  C  CA  . LYS A 1 43  ? 12.703  16.522  7.291   1.00 27.93 ? 43  LYS A CA  1 
ATOM   352  C  C   . LYS A 1 43  ? 13.791  15.663  7.942   1.00 23.60 ? 43  LYS A C   1 
ATOM   353  O  O   . LYS A 1 43  ? 14.665  15.139  7.245   1.00 24.41 ? 43  LYS A O   1 
ATOM   354  C  CB  . LYS A 1 43  ? 13.074  18.006  7.357   1.00 27.72 ? 43  LYS A CB  1 
ATOM   355  C  CG  . LYS A 1 43  ? 12.199  18.875  6.454   1.00 32.69 ? 43  LYS A CG  1 
ATOM   356  C  CD  . LYS A 1 43  ? 12.604  20.342  6.495   1.00 33.44 ? 43  LYS A CD  1 
ATOM   357  C  CE  . LYS A 1 43  ? 11.976  21.088  5.326   1.00 41.43 ? 43  LYS A CE  1 
ATOM   358  N  NZ  . LYS A 1 43  ? 12.500  22.475  5.178   1.00 49.85 ? 43  LYS A NZ  1 
ATOM   359  N  N   . SER A 1 44  ? 13.724  15.504  9.263   1.00 22.95 ? 44  SER A N   1 
ATOM   360  C  CA  . SER A 1 44  ? 14.658  14.625  9.966   1.00 30.74 ? 44  SER A CA  1 
ATOM   361  C  C   . SER A 1 44  ? 14.508  13.178  9.515   1.00 25.76 ? 44  SER A C   1 
ATOM   362  O  O   . SER A 1 44  ? 15.494  12.507  9.231   1.00 28.59 ? 44  SER A O   1 
ATOM   363  C  CB  . SER A 1 44  ? 14.463  14.708  11.484  1.00 30.47 ? 44  SER A CB  1 
ATOM   364  O  OG  . SER A 1 44  ? 15.062  15.877  12.007  1.00 41.37 ? 44  SER A OG  1 
ATOM   365  N  N   . GLU A 1 45  ? 13.269  12.694  9.455   1.00 23.56 ? 45  GLU A N   1 
ATOM   366  C  CA  . GLU A 1 45  ? 13.032  11.331  9.016   1.00 24.10 ? 45  GLU A CA  1 
ATOM   367  C  C   . GLU A 1 45  ? 13.573  11.134  7.608   1.00 21.28 ? 45  GLU A C   1 
ATOM   368  O  O   . GLU A 1 45  ? 14.113  10.077  7.295   1.00 23.05 ? 45  GLU A O   1 
ATOM   369  C  CB  . GLU A 1 45  ? 11.539  10.983  9.049   1.00 22.36 ? 45  GLU A CB  1 
ATOM   370  C  CG  . GLU A 1 45  ? 10.966  10.815  10.444  1.00 27.90 ? 45  GLU A CG  1 
ATOM   371  C  CD  . GLU A 1 45  ? 11.653  9.711   11.248  1.00 35.19 ? 45  GLU A CD  1 
ATOM   372  O  OE1 . GLU A 1 45  ? 11.774  8.570   10.743  1.00 33.92 ? 45  GLU A OE1 1 
ATOM   373  O  OE2 . GLU A 1 45  ? 12.073  9.992   12.391  1.00 38.52 ? 45  GLU A OE2 1 
ATOM   374  N  N   . LEU A 1 46  ? 13.407  12.143  6.753   1.00 20.21 ? 46  LEU A N   1 
ATOM   375  C  CA  . LEU A 1 46  ? 13.904  12.048  5.382   1.00 20.60 ? 46  LEU A CA  1 
ATOM   376  C  C   . LEU A 1 46  ? 15.420  11.916  5.318   1.00 25.65 ? 46  LEU A C   1 
ATOM   377  O  O   . LEU A 1 46  ? 15.953  11.064  4.606   1.00 22.30 ? 46  LEU A O   1 
ATOM   378  C  CB  . LEU A 1 46  ? 13.482  13.268  4.555   1.00 17.95 ? 46  LEU A CB  1 
ATOM   379  C  CG  . LEU A 1 46  ? 14.040  13.254  3.126   1.00 22.55 ? 46  LEU A CG  1 
ATOM   380  C  CD1 . LEU A 1 46  ? 13.582  12.006  2.340   1.00 22.02 ? 46  LEU A CD1 1 
ATOM   381  C  CD2 . LEU A 1 46  ? 13.633  14.523  2.395   1.00 23.77 ? 46  LEU A CD2 1 
ATOM   382  N  N   . ASP A 1 47  ? 16.122  12.786  6.039   1.00 24.13 ? 47  ASP A N   1 
ATOM   383  C  CA  . ASP A 1 47  ? 17.579  12.716  6.078   1.00 26.12 ? 47  ASP A CA  1 
ATOM   384  C  C   . ASP A 1 47  ? 18.065  11.367  6.597   1.00 26.57 ? 47  ASP A C   1 
ATOM   385  O  O   . ASP A 1 47  ? 19.057  10.830  6.100   1.00 28.88 ? 47  ASP A O   1 
ATOM   386  C  CB  . ASP A 1 47  ? 18.134  13.846  6.939   1.00 28.71 ? 47  ASP A CB  1 
ATOM   387  C  CG  . ASP A 1 47  ? 17.844  15.217  6.351   1.00 35.25 ? 47  ASP A CG  1 
ATOM   388  O  OD1 . ASP A 1 47  ? 17.457  15.287  5.158   1.00 33.49 ? 47  ASP A OD1 1 
ATOM   389  O  OD2 . ASP A 1 47  ? 18.001  16.222  7.077   1.00 36.91 ? 47  ASP A OD2 1 
ATOM   390  N  N   . LYS A 1 48  ? 17.349  10.820  7.577   1.00 26.25 ? 48  LYS A N   1 
ATOM   391  C  CA  . LYS A 1 48  ? 17.680  9.521   8.161   1.00 25.36 ? 48  LYS A CA  1 
ATOM   392  C  C   . LYS A 1 48  ? 17.496  8.404   7.128   1.00 28.10 ? 48  LYS A C   1 
ATOM   393  O  O   . LYS A 1 48  ? 18.334  7.504   7.006   1.00 22.80 ? 48  LYS A O   1 
ATOM   394  C  CB  . LYS A 1 48  ? 16.814  9.269   9.406   1.00 22.77 ? 48  LYS A CB  1 
ATOM   395  C  CG  . LYS A 1 48  ? 16.967  7.894   10.057  1.00 27.93 ? 48  LYS A CG  1 
ATOM   396  C  CD  . LYS A 1 48  ? 16.385  7.860   11.480  1.00 26.66 ? 48  LYS A CD  1 
ATOM   397  C  CE  . LYS A 1 48  ? 14.878  8.152   11.513  1.00 32.72 ? 48  LYS A CE  1 
ATOM   398  N  NZ  . LYS A 1 48  ? 14.028  6.938   11.375  1.00 30.98 ? 48  LYS A NZ  1 
ATOM   399  N  N   . ALA A 1 49  ? 16.404  8.477   6.377   1.00 23.95 ? 49  ALA A N   1 
ATOM   400  C  CA  . ALA A 1 49  ? 16.102  7.470   5.363   1.00 21.52 ? 49  ALA A CA  1 
ATOM   401  C  C   . ALA A 1 49  ? 17.078  7.480   4.184   1.00 24.35 ? 49  ALA A C   1 
ATOM   402  O  O   . ALA A 1 49  ? 17.414  6.434   3.633   1.00 23.11 ? 49  ALA A O   1 
ATOM   403  C  CB  . ALA A 1 49  ? 14.675  7.665   4.856   1.00 22.56 ? 49  ALA A CB  1 
ATOM   404  N  N   . ILE A 1 50  ? 17.551  8.663   3.815   1.00 27.16 ? 50  ILE A N   1 
ATOM   405  C  CA  . ILE A 1 50  ? 18.371  8.817   2.620   1.00 25.41 ? 50  ILE A CA  1 
ATOM   406  C  C   . ILE A 1 50  ? 19.863  8.813   2.978   1.00 26.45 ? 50  ILE A C   1 
ATOM   407  O  O   . ILE A 1 50  ? 20.718  8.420   2.178   1.00 27.63 ? 50  ILE A O   1 
ATOM   408  C  CB  . ILE A 1 50  ? 18.004  10.120  1.868   1.00 26.72 ? 50  ILE A CB  1 
ATOM   409  C  CG1 . ILE A 1 50  ? 16.532  10.086  1.435   1.00 28.02 ? 50  ILE A CG1 1 
ATOM   410  C  CG2 . ILE A 1 50  ? 18.883  10.307  0.652   1.00 28.76 ? 50  ILE A CG2 1 
ATOM   411  C  CD1 . ILE A 1 50  ? 16.199  8.925   0.539   1.00 28.84 ? 50  ILE A CD1 1 
ATOM   412  N  N   . GLY A 1 51  ? 20.172  9.234   4.196   1.00 24.20 ? 51  GLY A N   1 
ATOM   413  C  CA  . GLY A 1 51  ? 21.553  9.209   4.655   1.00 28.43 ? 51  GLY A CA  1 
ATOM   414  C  C   . GLY A 1 51  ? 22.339  10.430  4.229   1.00 32.33 ? 51  GLY A C   1 
ATOM   415  O  O   . GLY A 1 51  ? 23.560  10.384  4.049   1.00 35.35 ? 51  GLY A O   1 
ATOM   416  N  N   . ARG A 1 52  ? 21.635  11.536  4.057   1.00 26.56 ? 52  ARG A N   1 
ATOM   417  C  CA  . ARG A 1 52  ? 22.279  12.808  3.740   1.00 36.41 ? 52  ARG A CA  1 
ATOM   418  C  C   . ARG A 1 52  ? 21.308  13.931  4.074   1.00 35.14 ? 52  ARG A C   1 
ATOM   419  O  O   . ARG A 1 52  ? 20.112  13.687  4.257   1.00 29.34 ? 52  ARG A O   1 
ATOM   420  C  CB  . ARG A 1 52  ? 22.704  12.877  2.269   1.00 34.59 ? 52  ARG A CB  1 
ATOM   421  C  CG  . ARG A 1 52  ? 21.554  13.099  1.307   1.00 35.17 ? 52  ARG A CG  1 
ATOM   422  C  CD  . ARG A 1 52  ? 22.013  13.210  -0.144  1.00 38.00 ? 52  ARG A CD  1 
ATOM   423  N  NE  . ARG A 1 52  ? 20.867  13.270  -1.050  1.00 33.57 ? 52  ARG A NE  1 
ATOM   424  C  CZ  . ARG A 1 52  ? 20.196  14.381  -1.327  1.00 36.19 ? 52  ARG A CZ  1 
ATOM   425  N  NH1 . ARG A 1 52  ? 20.564  15.524  -0.768  1.00 31.67 ? 52  ARG A NH1 1 
ATOM   426  N  NH2 . ARG A 1 52  ? 19.157  14.356  -2.158  1.00 36.18 ? 52  ARG A NH2 1 
ATOM   427  N  N   . ASN A 1 53  ? 21.814  15.155  4.184   1.00 32.50 ? 53  ASN A N   1 
ATOM   428  C  CA  . ASN A 1 53  ? 20.940  16.286  4.465   1.00 36.66 ? 53  ASN A CA  1 
ATOM   429  C  C   . ASN A 1 53  ? 20.247  16.704  3.180   1.00 34.04 ? 53  ASN A C   1 
ATOM   430  O  O   . ASN A 1 53  ? 20.875  17.253  2.280   1.00 30.07 ? 53  ASN A O   1 
ATOM   431  C  CB  . ASN A 1 53  ? 21.732  17.443  5.079   1.00 43.22 ? 53  ASN A CB  1 
ATOM   432  C  CG  . ASN A 1 53  ? 22.514  17.014  6.308   1.00 52.10 ? 53  ASN A CG  1 
ATOM   433  O  OD1 . ASN A 1 53  ? 23.747  17.055  6.322   1.00 57.89 ? 53  ASN A OD1 1 
ATOM   434  N  ND2 . ASN A 1 53  ? 21.797  16.585  7.346   1.00 47.75 ? 53  ASN A ND2 1 
ATOM   435  N  N   . CYS A 1 54  ? 18.957  16.386  3.093   1.00 27.77 ? 54  CYS A N   1 
ATOM   436  C  CA  . CYS A 1 54  ? 18.165  16.550  1.872   1.00 31.35 ? 54  CYS A CA  1 
ATOM   437  C  C   . CYS A 1 54  ? 17.448  17.880  1.801   1.00 28.62 ? 54  CYS A C   1 
ATOM   438  O  O   . CYS A 1 54  ? 17.129  18.365  0.710   1.00 30.15 ? 54  CYS A O   1 
ATOM   439  C  CB  . CYS A 1 54  ? 17.125  15.433  1.761   1.00 27.28 ? 54  CYS A CB  1 
ATOM   440  S  SG  . CYS A 1 54  ? 17.844  13.804  1.557   1.00 31.53 ? 54  CYS A SG  1 
ATOM   441  N  N   . ASN A 1 55  ? 17.170  18.445  2.970   1.00 30.92 ? 55  ASN A N   1 
ATOM   442  C  CA  . ASN A 1 55  ? 16.378  19.663  3.064   1.00 35.95 ? 55  ASN A CA  1 
ATOM   443  C  C   . ASN A 1 55  ? 15.049  19.514  2.319   1.00 40.17 ? 55  ASN A C   1 
ATOM   444  O  O   . ASN A 1 55  ? 14.629  20.407  1.585   1.00 31.35 ? 55  ASN A O   1 
ATOM   445  C  CB  . ASN A 1 55  ? 17.165  20.860  2.522   1.00 45.56 ? 55  ASN A CB  1 
ATOM   446  C  CG  . ASN A 1 55  ? 16.529  22.185  2.892   1.00 40.16 ? 55  ASN A CG  1 
ATOM   447  O  OD1 . ASN A 1 55  ? 15.872  22.299  3.931   1.00 47.52 ? 55  ASN A OD1 1 
ATOM   448  N  ND2 . ASN A 1 55  ? 16.705  23.188  2.035   1.00 41.08 ? 55  ASN A ND2 1 
ATOM   449  N  N   . GLY A 1 56  ? 14.405  18.363  2.493   1.00 28.77 ? 56  GLY A N   1 
ATOM   450  C  CA  . GLY A 1 56  ? 13.079  18.144  1.943   1.00 26.06 ? 56  GLY A CA  1 
ATOM   451  C  C   . GLY A 1 56  ? 12.967  17.826  0.462   1.00 28.74 ? 56  GLY A C   1 
ATOM   452  O  O   . GLY A 1 56  ? 11.862  17.823  -0.075  1.00 28.93 ? 56  GLY A O   1 
ATOM   453  N  N   . VAL A 1 57  ? 14.088  17.557  -0.201  1.00 25.87 ? 57  VAL A N   1 
ATOM   454  C  CA  . VAL A 1 57  ? 14.090  17.267  -1.636  1.00 26.28 ? 57  VAL A CA  1 
ATOM   455  C  C   . VAL A 1 57  ? 14.971  16.051  -1.933  1.00 29.21 ? 57  VAL A C   1 
ATOM   456  O  O   . VAL A 1 57  ? 16.042  15.908  -1.343  1.00 30.86 ? 57  VAL A O   1 
ATOM   457  C  CB  . VAL A 1 57  ? 14.593  18.476  -2.458  1.00 36.08 ? 57  VAL A CB  1 
ATOM   458  C  CG1 . VAL A 1 57  ? 14.636  18.146  -3.942  1.00 31.94 ? 57  VAL A CG1 1 
ATOM   459  C  CG2 . VAL A 1 57  ? 13.711  19.684  -2.207  1.00 33.25 ? 57  VAL A CG2 1 
ATOM   460  N  N   . ILE A 1 58  ? 14.528  15.173  -2.836  1.00 25.99 ? 58  ILE A N   1 
ATOM   461  C  CA  . ILE A 1 58  ? 15.357  14.028  -3.237  1.00 24.77 ? 58  ILE A CA  1 
ATOM   462  C  C   . ILE A 1 58  ? 15.428  13.885  -4.753  1.00 24.80 ? 58  ILE A C   1 
ATOM   463  O  O   . ILE A 1 58  ? 14.718  14.570  -5.481  1.00 27.68 ? 58  ILE A O   1 
ATOM   464  C  CB  . ILE A 1 58  ? 14.839  12.695  -2.636  1.00 23.16 ? 58  ILE A CB  1 
ATOM   465  C  CG1 . ILE A 1 58  ? 13.406  12.419  -3.095  1.00 25.32 ? 58  ILE A CG1 1 
ATOM   466  C  CG2 . ILE A 1 58  ? 14.926  12.711  -1.110  1.00 23.50 ? 58  ILE A CG2 1 
ATOM   467  C  CD1 . ILE A 1 58  ? 12.878  11.062  -2.663  1.00 22.02 ? 58  ILE A CD1 1 
ATOM   468  N  N   . THR A 1 59  ? 16.289  12.991  -5.236  1.00 23.11 ? 59  THR A N   1 
ATOM   469  C  CA  . THR A 1 59  ? 16.339  12.736  -6.668  1.00 26.42 ? 59  THR A CA  1 
ATOM   470  C  C   . THR A 1 59  ? 15.429  11.569  -7.051  1.00 27.90 ? 59  THR A C   1 
ATOM   471  O  O   . THR A 1 59  ? 14.964  10.846  -6.179  1.00 27.33 ? 59  THR A O   1 
ATOM   472  C  CB  . THR A 1 59  ? 17.756  12.414  -7.137  1.00 29.14 ? 59  THR A CB  1 
ATOM   473  O  OG1 . THR A 1 59  ? 18.181  11.179  -6.546  1.00 30.76 ? 59  THR A OG1 1 
ATOM   474  C  CG2 . THR A 1 59  ? 18.707  13.537  -6.731  1.00 30.05 ? 59  THR A CG2 1 
ATOM   475  N  N   . LYS A 1 60  ? 15.196  11.393  -8.351  1.00 29.86 ? 60  LYS A N   1 
ATOM   476  C  CA  . LYS A 1 60  ? 14.393  10.268  -8.842  1.00 28.53 ? 60  LYS A CA  1 
ATOM   477  C  C   . LYS A 1 60  ? 15.019  8.942   -8.447  1.00 28.80 ? 60  LYS A C   1 
ATOM   478  O  O   . LYS A 1 60  ? 14.325  8.006   -8.054  1.00 27.45 ? 60  LYS A O   1 
ATOM   479  C  CB  . LYS A 1 60  ? 14.233  10.332  -10.365 1.00 34.93 ? 60  LYS A CB  1 
ATOM   480  C  CG  . LYS A 1 60  ? 13.255  9.295   -10.920 1.00 42.59 ? 60  LYS A CG  1 
ATOM   481  C  CD  . LYS A 1 60  ? 12.721  9.716   -12.279 1.00 51.08 ? 60  LYS A CD  1 
ATOM   482  C  CE  . LYS A 1 60  ? 11.646  8.765   -12.770 1.00 57.49 ? 60  LYS A CE  1 
ATOM   483  N  NZ  . LYS A 1 60  ? 10.871  9.354   -13.902 1.00 63.15 ? 60  LYS A NZ  1 
ATOM   484  N  N   . ASP A 1 61  ? 16.341  8.862   -8.547  1.00 28.80 ? 61  ASP A N   1 
ATOM   485  C  CA  . ASP A 1 61  ? 17.040  7.647   -8.153  1.00 29.42 ? 61  ASP A CA  1 
ATOM   486  C  C   . ASP A 1 61  ? 16.799  7.320   -6.683  1.00 28.84 ? 61  ASP A C   1 
ATOM   487  O  O   . ASP A 1 61  ? 16.566  6.167   -6.318  1.00 28.37 ? 61  ASP A O   1 
ATOM   488  C  CB  . ASP A 1 61  ? 18.542  7.776   -8.423  1.00 36.31 ? 61  ASP A CB  1 
ATOM   489  C  CG  . ASP A 1 61  ? 18.904  7.471   -9.867  1.00 43.54 ? 61  ASP A CG  1 
ATOM   490  O  OD1 . ASP A 1 61  ? 18.011  7.541   -10.742 1.00 46.53 ? 61  ASP A OD1 1 
ATOM   491  O  OD2 . ASP A 1 61  ? 20.088  7.163   -10.128 1.00 56.42 ? 61  ASP A OD2 1 
ATOM   492  N  N   . GLU A 1 62  ? 16.861  8.335   -5.833  1.00 26.74 ? 62  GLU A N   1 
ATOM   493  C  CA  . GLU A 1 62  ? 16.656  8.113   -4.411  1.00 22.71 ? 62  GLU A CA  1 
ATOM   494  C  C   . GLU A 1 62  ? 15.215  7.673   -4.175  1.00 22.41 ? 62  GLU A C   1 
ATOM   495  O  O   . GLU A 1 62  ? 14.950  6.784   -3.365  1.00 24.64 ? 62  GLU A O   1 
ATOM   496  C  CB  . GLU A 1 62  ? 17.000  9.381   -3.627  1.00 26.24 ? 62  GLU A CB  1 
ATOM   497  C  CG  . GLU A 1 62  ? 18.499  9.663   -3.680  1.00 27.24 ? 62  GLU A CG  1 
ATOM   498  C  CD  . GLU A 1 62  ? 18.907  11.019  -3.115  1.00 37.07 ? 62  GLU A CD  1 
ATOM   499  O  OE1 . GLU A 1 62  ? 18.054  11.921  -2.999  1.00 27.71 ? 62  GLU A OE1 1 
ATOM   500  O  OE2 . GLU A 1 62  ? 20.108  11.180  -2.803  1.00 33.22 ? 62  GLU A OE2 1 
ATOM   501  N  N   . ALA A 1 63  ? 14.299  8.276   -4.922  1.00 24.89 ? 63  ALA A N   1 
ATOM   502  C  CA  . ALA A 1 63  ? 12.877  7.931   -4.807  1.00 28.32 ? 63  ALA A CA  1 
ATOM   503  C  C   . ALA A 1 63  ? 12.647  6.472   -5.199  1.00 25.79 ? 63  ALA A C   1 
ATOM   504  O  O   . ALA A 1 63  ? 11.868  5.760   -4.564  1.00 24.64 ? 63  ALA A O   1 
ATOM   505  C  CB  . ALA A 1 63  ? 12.028  8.853   -5.666  1.00 26.22 ? 63  ALA A CB  1 
ATOM   506  N  N   . GLU A 1 64  ? 13.327  6.023   -6.247  1.00 22.80 ? 64  GLU A N   1 
ATOM   507  C  CA  . GLU A 1 64  ? 13.165  4.637   -6.670  1.00 27.38 ? 64  GLU A CA  1 
ATOM   508  C  C   . GLU A 1 64  ? 13.804  3.687   -5.666  1.00 26.74 ? 64  GLU A C   1 
ATOM   509  O  O   . GLU A 1 64  ? 13.306  2.586   -5.450  1.00 24.08 ? 64  GLU A O   1 
ATOM   510  C  CB  . GLU A 1 64  ? 13.754  4.425   -8.068  1.00 26.51 ? 64  GLU A CB  1 
ATOM   511  C  CG  . GLU A 1 64  ? 12.981  5.135   -9.179  1.00 28.04 ? 64  GLU A CG  1 
ATOM   512  C  CD  . GLU A 1 64  ? 11.620  4.503   -9.472  1.00 48.53 ? 64  GLU A CD  1 
ATOM   513  O  OE1 . GLU A 1 64  ? 11.360  3.362   -9.021  1.00 48.79 ? 64  GLU A OE1 1 
ATOM   514  O  OE2 . GLU A 1 64  ? 10.806  5.153   -10.164 1.00 52.54 ? 64  GLU A OE2 1 
ATOM   515  N  N   . LYS A 1 65  ? 14.902  4.099   -5.038  1.00 23.04 ? 65  LYS A N   1 
ATOM   516  C  CA  . LYS A 1 65  ? 15.502  3.236   -4.032  1.00 24.84 ? 65  LYS A CA  1 
ATOM   517  C  C   . LYS A 1 65  ? 14.587  3.068   -2.819  1.00 22.91 ? 65  LYS A C   1 
ATOM   518  O  O   . LYS A 1 65  ? 14.398  1.953   -2.336  1.00 24.68 ? 65  LYS A O   1 
ATOM   519  C  CB  . LYS A 1 65  ? 16.876  3.762   -3.590  1.00 26.69 ? 65  LYS A CB  1 
ATOM   520  C  CG  . LYS A 1 65  ? 17.593  2.790   -2.663  1.00 30.63 ? 65  LYS A CG  1 
ATOM   521  C  CD  . LYS A 1 65  ? 18.978  3.299   -2.258  1.00 44.35 ? 65  LYS A CD  1 
ATOM   522  C  CE  . LYS A 1 65  ? 19.766  2.204   -1.540  1.00 44.86 ? 65  LYS A CE  1 
ATOM   523  N  NZ  . LYS A 1 65  ? 21.216  2.533   -1.414  1.00 48.09 ? 65  LYS A NZ  1 
ATOM   524  N  N   . LEU A 1 66  ? 14.004  4.161   -2.326  1.00 23.52 ? 66  LEU A N   1 
ATOM   525  C  CA  . LEU A 1 66  ? 13.050  4.050   -1.215  1.00 23.93 ? 66  LEU A CA  1 
ATOM   526  C  C   . LEU A 1 66  ? 11.868  3.164   -1.596  1.00 19.34 ? 66  LEU A C   1 
ATOM   527  O  O   . LEU A 1 66  ? 11.364  2.387   -0.788  1.00 23.06 ? 66  LEU A O   1 
ATOM   528  C  CB  . LEU A 1 66  ? 12.533  5.426   -0.801  1.00 27.11 ? 66  LEU A CB  1 
ATOM   529  C  CG  . LEU A 1 66  ? 13.469  6.350   -0.036  1.00 26.54 ? 66  LEU A CG  1 
ATOM   530  C  CD1 . LEU A 1 66  ? 12.759  7.678   0.226   1.00 31.83 ? 66  LEU A CD1 1 
ATOM   531  C  CD2 . LEU A 1 66  ? 13.893  5.687   1.278   1.00 28.51 ? 66  LEU A CD2 1 
ATOM   532  N  N   . PHE A 1 67  ? 11.447  3.293   -2.846  1.00 23.00 ? 67  PHE A N   1 
ATOM   533  C  CA  . PHE A 1 67  ? 10.295  2.566   -3.352  1.00 24.22 ? 67  PHE A CA  1 
ATOM   534  C  C   . PHE A 1 67  ? 10.593  1.066   -3.295  1.00 26.49 ? 67  PHE A C   1 
ATOM   535  O  O   . PHE A 1 67  ? 9.801   0.275   -2.784  1.00 25.33 ? 67  PHE A O   1 
ATOM   536  C  CB  . PHE A 1 67  ? 9.984   3.031   -4.773  1.00 25.73 ? 67  PHE A CB  1 
ATOM   537  C  CG  . PHE A 1 67  ? 8.718   2.447   -5.357  1.00 22.01 ? 67  PHE A CG  1 
ATOM   538  C  CD1 . PHE A 1 67  ? 7.630   2.137   -4.546  1.00 22.64 ? 67  PHE A CD1 1 
ATOM   539  C  CD2 . PHE A 1 67  ? 8.626   2.210   -6.719  1.00 22.65 ? 67  PHE A CD2 1 
ATOM   540  C  CE1 . PHE A 1 67  ? 6.476   1.613   -5.094  1.00 23.67 ? 67  PHE A CE1 1 
ATOM   541  C  CE2 . PHE A 1 67  ? 7.479   1.687   -7.278  1.00 28.43 ? 67  PHE A CE2 1 
ATOM   542  C  CZ  . PHE A 1 67  ? 6.402   1.378   -6.456  1.00 22.14 ? 67  PHE A CZ  1 
ATOM   543  N  N   . ASN A 1 68  ? 11.759  0.690   -3.803  1.00 24.26 ? 68  ASN A N   1 
ATOM   544  C  CA  . ASN A 1 68  ? 12.202  -0.699  -3.755  1.00 25.99 ? 68  ASN A CA  1 
ATOM   545  C  C   . ASN A 1 68  ? 12.222  -1.260  -2.334  1.00 26.15 ? 68  ASN A C   1 
ATOM   546  O  O   . ASN A 1 68  ? 11.674  -2.338  -2.077  1.00 25.76 ? 68  ASN A O   1 
ATOM   547  C  CB  . ASN A 1 68  ? 13.586  -0.809  -4.393  1.00 29.34 ? 68  ASN A CB  1 
ATOM   548  C  CG  . ASN A 1 68  ? 13.936  -2.218  -4.771  1.00 39.66 ? 68  ASN A CG  1 
ATOM   549  O  OD1 . ASN A 1 68  ? 14.693  -2.891  -4.073  1.00 50.30 ? 68  ASN A OD1 1 
ATOM   550  N  ND2 . ASN A 1 68  ? 13.385  -2.680  -5.880  1.00 35.43 ? 68  ASN A ND2 1 
ATOM   551  N  N   . GLN A 1 69  ? 12.847  -0.519  -1.414  1.00 23.97 ? 69  GLN A N   1 
ATOM   552  C  CA  . GLN A 1 69  ? 12.866  -0.886  0.001   1.00 25.03 ? 69  GLN A CA  1 
ATOM   553  C  C   . GLN A 1 69  ? 11.475  -1.036  0.607   1.00 26.49 ? 69  GLN A C   1 
ATOM   554  O  O   . GLN A 1 69  ? 11.219  -1.974  1.367   1.00 25.61 ? 69  GLN A O   1 
ATOM   555  C  CB  . GLN A 1 69  ? 13.658  0.147   0.817   1.00 23.23 ? 69  GLN A CB  1 
ATOM   556  C  CG  . GLN A 1 69  ? 15.123  0.124   0.499   1.00 22.24 ? 69  GLN A CG  1 
ATOM   557  C  CD  . GLN A 1 69  ? 15.939  1.141   1.283   1.00 27.68 ? 69  GLN A CD  1 
ATOM   558  O  OE1 . GLN A 1 69  ? 17.160  1.111   1.234   1.00 28.16 ? 69  GLN A OE1 1 
ATOM   559  N  NE2 . GLN A 1 69  ? 15.270  2.047   1.990   1.00 26.75 ? 69  GLN A NE2 1 
ATOM   560  N  N   . ASP A 1 70  ? 10.582  -0.107  0.280   1.00 23.75 ? 70  ASP A N   1 
ATOM   561  C  CA  . ASP A 1 70  ? 9.235   -0.126  0.825   1.00 23.63 ? 70  ASP A CA  1 
ATOM   562  C  C   . ASP A 1 70  ? 8.401   -1.302  0.303   1.00 23.43 ? 70  ASP A C   1 
ATOM   563  O  O   . ASP A 1 70  ? 7.611   -1.888  1.050   1.00 24.84 ? 70  ASP A O   1 
ATOM   564  C  CB  . ASP A 1 70  ? 8.526   1.195   0.515   1.00 22.67 ? 70  ASP A CB  1 
ATOM   565  C  CG  . ASP A 1 70  ? 9.104   2.361   1.289   1.00 33.95 ? 70  ASP A CG  1 
ATOM   566  O  OD1 . ASP A 1 70  ? 9.897   2.125   2.228   1.00 29.96 ? 70  ASP A OD1 1 
ATOM   567  O  OD2 . ASP A 1 70  ? 8.768   3.519   0.954   1.00 31.11 ? 70  ASP A OD2 1 
ATOM   568  N  N   . VAL A 1 71  ? 8.557   -1.628  -0.978  1.00 23.77 ? 71  VAL A N   1 
ATOM   569  C  CA  . VAL A 1 71  ? 7.841   -2.767  -1.546  1.00 22.75 ? 71  VAL A CA  1 
ATOM   570  C  C   . VAL A 1 71  ? 8.355   -4.023  -0.865  1.00 25.46 ? 71  VAL A C   1 
ATOM   571  O  O   . VAL A 1 71  ? 7.581   -4.869  -0.408  1.00 25.35 ? 71  VAL A O   1 
ATOM   572  C  CB  . VAL A 1 71  ? 8.030   -2.863  -3.063  1.00 23.14 ? 71  VAL A CB  1 
ATOM   573  C  CG1 . VAL A 1 71  ? 7.443   -4.189  -3.583  1.00 29.34 ? 71  VAL A CG1 1 
ATOM   574  C  CG2 . VAL A 1 71  ? 7.361   -1.672  -3.754  1.00 28.44 ? 71  VAL A CG2 1 
ATOM   575  N  N   . ASP A 1 72  ? 9.674   -4.133  -0.776  1.00 25.74 ? 72  ASP A N   1 
ATOM   576  C  CA  A ASP A 1 72  ? 10.260  -5.302  -0.139  0.76 25.91 ? 72  ASP A CA  1 
ATOM   577  C  CA  B ASP A 1 72  ? 10.304  -5.277  -0.121  0.24 26.09 ? 72  ASP A CA  1 
ATOM   578  C  C   . ASP A 1 72  ? 9.761   -5.434  1.300   1.00 27.13 ? 72  ASP A C   1 
ATOM   579  O  O   . ASP A 1 72  ? 9.354   -6.513  1.715   1.00 31.31 ? 72  ASP A O   1 
ATOM   580  C  CB  A ASP A 1 72  ? 11.791  -5.243  -0.179  0.76 31.57 ? 72  ASP A CB  1 
ATOM   581  C  CB  B ASP A 1 72  ? 11.828  -5.104  -0.100  0.24 31.43 ? 72  ASP A CB  1 
ATOM   582  C  CG  A ASP A 1 72  ? 12.418  -6.563  0.205   0.76 37.01 ? 72  ASP A CG  1 
ATOM   583  C  CG  B ASP A 1 72  ? 12.564  -6.395  0.217   0.24 36.48 ? 72  ASP A CG  1 
ATOM   584  O  OD1 A ASP A 1 72  ? 12.528  -7.440  -0.682  0.76 38.03 ? 72  ASP A OD1 1 
ATOM   585  O  OD1 B ASP A 1 72  ? 11.943  -7.326  0.774   0.24 35.31 ? 72  ASP A OD1 1 
ATOM   586  O  OD2 A ASP A 1 72  ? 12.774  -6.730  1.397   0.76 42.00 ? 72  ASP A OD2 1 
ATOM   587  O  OD2 B ASP A 1 72  ? 13.774  -6.473  -0.086  0.24 31.65 ? 72  ASP A OD2 1 
ATOM   588  N  N   . ALA A 1 73  ? 9.756   -4.336  2.042   1.00 27.18 ? 73  ALA A N   1 
ATOM   589  C  CA  . ALA A 1 73  ? 9.235   -4.331  3.407   1.00 30.95 ? 73  ALA A CA  1 
ATOM   590  C  C   . ALA A 1 73  ? 7.761   -4.763  3.500   1.00 28.57 ? 73  ALA A C   1 
ATOM   591  O  O   . ALA A 1 73  ? 7.361   -5.418  4.463   1.00 29.29 ? 73  ALA A O   1 
ATOM   592  C  CB  . ALA A 1 73  ? 9.410   -2.944  4.024   1.00 33.18 ? 73  ALA A CB  1 
ATOM   593  N  N   . ALA A 1 74  ? 6.947   -4.383  2.518   1.00 25.50 ? 74  ALA A N   1 
ATOM   594  C  CA  . ALA A 1 74  ? 5.527   -4.728  2.567   1.00 26.31 ? 74  ALA A CA  1 
ATOM   595  C  C   . ALA A 1 74  ? 5.356   -6.239  2.387   1.00 23.81 ? 74  ALA A C   1 
ATOM   596  O  O   . ALA A 1 74  ? 4.606   -6.879  3.120   1.00 23.35 ? 74  ALA A O   1 
ATOM   597  C  CB  . ALA A 1 74  ? 4.741   -3.963  1.498   1.00 26.49 ? 74  ALA A CB  1 
ATOM   598  N  N   . VAL A 1 75  ? 6.066   -6.786  1.407   1.00 23.86 ? 75  VAL A N   1 
ATOM   599  C  CA  . VAL A 1 75  ? 6.064   -8.221  1.165   1.00 25.91 ? 75  VAL A CA  1 
ATOM   600  C  C   . VAL A 1 75  ? 6.525   -9.004  2.401   1.00 25.86 ? 75  VAL A C   1 
ATOM   601  O  O   . VAL A 1 75  ? 5.872   -9.948  2.833   1.00 24.24 ? 75  VAL A O   1 
ATOM   602  C  CB  . VAL A 1 75  ? 6.969   -8.588  -0.023  1.00 27.28 ? 75  VAL A CB  1 
ATOM   603  C  CG1 . VAL A 1 75  ? 6.962   -10.109 -0.239  1.00 42.39 ? 75  VAL A CG1 1 
ATOM   604  C  CG2 . VAL A 1 75  ? 6.524   -7.876  -1.277  1.00 31.32 ? 75  VAL A CG2 1 
ATOM   605  N  N   . ARG A 1 76  ? 7.653   -8.610  2.983   1.00 29.66 ? 76  ARG A N   1 
ATOM   606  C  CA  . ARG A 1 76  ? 8.177   -9.352  4.130   1.00 31.62 ? 76  ARG A CA  1 
ATOM   607  C  C   . ARG A 1 76  ? 7.201   -9.289  5.300   0.85 32.43 ? 76  ARG A C   1 
ATOM   608  O  O   . ARG A 1 76  ? 7.040   -10.261 6.036   1.00 31.63 ? 76  ARG A O   1 
ATOM   609  C  CB  . ARG A 1 76  ? 9.556   -8.823  4.552   1.00 37.53 ? 76  ARG A CB  1 
ATOM   610  C  CG  . ARG A 1 76  ? 10.600  -8.835  3.448   1.00 35.62 ? 76  ARG A CG  1 
ATOM   611  C  CD  . ARG A 1 76  ? 10.782  -10.207 2.787   1.00 47.50 ? 76  ARG A CD  1 
ATOM   612  N  NE  . ARG A 1 76  ? 11.357  -11.216 3.683   1.00 56.58 ? 76  ARG A NE  1 
ATOM   613  C  CZ  . ARG A 1 76  ? 12.656  -11.332 3.967   1.00 54.76 ? 76  ARG A CZ  1 
ATOM   614  N  NH1 . ARG A 1 76  ? 13.548  -10.495 3.441   1.00 47.30 ? 76  ARG A NH1 1 
ATOM   615  N  NH2 . ARG A 1 76  ? 13.064  -12.289 4.792   1.00 46.41 ? 76  ARG A NH2 1 
ATOM   616  N  N   . GLY A 1 77  ? 6.533   -8.151  5.450   1.00 26.62 ? 77  GLY A N   1 
ATOM   617  C  CA  . GLY A 1 77  ? 5.542   -7.980  6.491   1.00 27.25 ? 77  GLY A CA  1 
ATOM   618  C  C   . GLY A 1 77  ? 4.421   -8.990  6.366   1.00 32.67 ? 77  GLY A C   1 
ATOM   619  O  O   . GLY A 1 77  ? 4.008   -9.608  7.348   1.00 31.98 ? 77  GLY A O   1 
ATOM   620  N  N   . ILE A 1 78  ? 3.932   -9.151  5.141   1.00 25.71 ? 78  ILE A N   1 
ATOM   621  C  CA  . ILE A 1 78  ? 2.888   -10.123 4.852   1.00 24.39 ? 78  ILE A CA  1 
ATOM   622  C  C   . ILE A 1 78  ? 3.356   -11.522 5.252   1.00 25.88 ? 78  ILE A C   1 
ATOM   623  O  O   . ILE A 1 78  ? 2.652   -12.241 5.968   1.00 30.86 ? 78  ILE A O   1 
ATOM   624  C  CB  . ILE A 1 78  ? 2.505   -10.081 3.359   1.00 26.70 ? 78  ILE A CB  1 
ATOM   625  C  CG1 . ILE A 1 78  ? 1.694   -8.812  3.071   1.00 26.43 ? 78  ILE A CG1 1 
ATOM   626  C  CG2 . ILE A 1 78  ? 1.719   -11.331 2.952   1.00 25.90 ? 78  ILE A CG2 1 
ATOM   627  C  CD1 . ILE A 1 78  ? 1.572   -8.473  1.592   1.00 22.99 ? 78  ILE A CD1 1 
ATOM   628  N  N   . LEU A 1 79  ? 4.560   -11.879 4.817   1.00 26.85 ? 79  LEU A N   1 
ATOM   629  C  CA  . LEU A 1 79  ? 5.067   -13.233 5.027   1.00 36.62 ? 79  LEU A CA  1 
ATOM   630  C  C   . LEU A 1 79  ? 5.368   -13.525 6.498   1.00 34.84 ? 79  LEU A C   1 
ATOM   631  O  O   . LEU A 1 79  ? 5.365   -14.685 6.909   1.00 38.80 ? 79  LEU A O   1 
ATOM   632  C  CB  . LEU A 1 79  ? 6.310   -13.472 4.162   1.00 34.26 ? 79  LEU A CB  1 
ATOM   633  C  CG  . LEU A 1 79  ? 6.069   -13.424 2.644   1.00 32.81 ? 79  LEU A CG  1 
ATOM   634  C  CD1 . LEU A 1 79  ? 7.354   -13.665 1.858   1.00 40.49 ? 79  LEU A CD1 1 
ATOM   635  C  CD2 . LEU A 1 79  ? 4.959   -14.399 2.195   1.00 35.89 ? 79  LEU A CD2 1 
ATOM   636  N  N   . ARG A 1 80  ? 5.607   -12.482 7.291   1.00 32.13 ? 80  ARG A N   1 
ATOM   637  C  CA  . ARG A 1 80  ? 5.822   -12.648 8.727   1.00 36.12 ? 80  ARG A CA  1 
ATOM   638  C  C   . ARG A 1 80  ? 4.522   -12.647 9.516   1.00 36.62 ? 80  ARG A C   1 
ATOM   639  O  O   . ARG A 1 80  ? 4.515   -12.991 10.696  1.00 38.99 ? 80  ARG A O   1 
ATOM   640  C  CB  . ARG A 1 80  ? 6.712   -11.540 9.285   1.00 33.68 ? 80  ARG A CB  1 
ATOM   641  C  CG  . ARG A 1 80  ? 8.141   -11.515 8.786   1.00 37.74 ? 80  ARG A CG  1 
ATOM   642  C  CD  . ARG A 1 80  ? 8.912   -10.491 9.615   1.00 44.17 ? 80  ARG A CD  1 
ATOM   643  N  NE  . ARG A 1 80  ? 7.971   -9.559  10.238  1.00 57.34 ? 80  ARG A NE  1 
ATOM   644  C  CZ  . ARG A 1 80  ? 7.784   -8.300  9.850   1.00 51.95 ? 80  ARG A CZ  1 
ATOM   645  N  NH1 . ARG A 1 80  ? 8.503   -7.790  8.851   1.00 45.80 ? 80  ARG A NH1 1 
ATOM   646  N  NH2 . ARG A 1 80  ? 6.886   -7.549  10.474  1.00 44.60 ? 80  ARG A NH2 1 
ATOM   647  N  N   . ASN A 1 81  ? 3.431   -12.233 8.876   1.00 33.34 ? 81  ASN A N   1 
ATOM   648  C  CA  . ASN A 1 81  ? 2.150   -12.138 9.554   1.00 34.59 ? 81  ASN A CA  1 
ATOM   649  C  C   . ASN A 1 81  ? 1.368   -13.447 9.454   1.00 31.95 ? 81  ASN A C   1 
ATOM   650  O  O   . ASN A 1 81  ? 0.986   -13.857 8.361   1.00 29.25 ? 81  ASN A O   1 
ATOM   651  C  CB  . ASN A 1 81  ? 1.326   -10.981 8.973   1.00 33.51 ? 81  ASN A CB  1 
ATOM   652  C  CG  . ASN A 1 81  ? 0.067   -10.712 9.767   1.00 36.96 ? 81  ASN A CG  1 
ATOM   653  O  OD1 . ASN A 1 81  ? -0.844  -11.532 9.794   1.00 33.50 ? 81  ASN A OD1 1 
ATOM   654  N  ND2 . ASN A 1 81  ? 0.005   -9.552  10.413  1.00 34.32 ? 81  ASN A ND2 1 
ATOM   655  N  N   . ALA A 1 82  ? 1.119   -14.096 10.590  1.00 33.83 ? 82  ALA A N   1 
ATOM   656  C  CA  . ALA A 1 82  ? 0.457   -15.405 10.581  1.00 37.87 ? 82  ALA A CA  1 
ATOM   657  C  C   . ALA A 1 82  ? -0.976  -15.365 10.027  1.00 31.30 ? 82  ALA A C   1 
ATOM   658  O  O   . ALA A 1 82  ? -1.514  -16.388 9.618   1.00 34.27 ? 82  ALA A O   1 
ATOM   659  C  CB  . ALA A 1 82  ? 0.457   -16.002 11.987  1.00 38.59 ? 82  ALA A CB  1 
ATOM   660  N  N   . LYS A 1 83  ? -1.595  -14.193 10.021  1.00 32.41 ? 83  LYS A N   1 
ATOM   661  C  CA  . LYS A 1 83  ? -2.953  -14.066 9.520   1.00 34.17 ? 83  LYS A CA  1 
ATOM   662  C  C   . LYS A 1 83  ? -2.932  -13.848 8.017   1.00 31.10 ? 83  LYS A C   1 
ATOM   663  O  O   . LYS A 1 83  ? -3.803  -14.339 7.294   1.00 33.97 ? 83  LYS A O   1 
ATOM   664  C  CB  . LYS A 1 83  ? -3.690  -12.915 10.213  1.00 43.87 ? 83  LYS A CB  1 
ATOM   665  C  CG  . LYS A 1 83  ? -3.648  -12.966 11.739  1.00 49.49 ? 83  LYS A CG  1 
ATOM   666  C  CD  . LYS A 1 83  ? -4.216  -14.271 12.282  1.00 56.71 ? 83  LYS A CD  1 
ATOM   667  C  CE  . LYS A 1 83  ? -5.739  -14.281 12.250  1.00 68.65 ? 83  LYS A CE  1 
ATOM   668  N  NZ  . LYS A 1 83  ? -6.327  -13.336 13.243  1.00 72.62 ? 83  LYS A NZ  1 
ATOM   669  N  N   . LEU A 1 84  ? -1.913  -13.135 7.542   1.00 28.42 ? 84  LEU A N   1 
ATOM   670  C  CA  . LEU A 1 84  ? -1.874  -12.728 6.144   1.00 25.36 ? 84  LEU A CA  1 
ATOM   671  C  C   . LEU A 1 84  ? -1.182  -13.737 5.256   1.00 24.80 ? 84  LEU A C   1 
ATOM   672  O  O   . LEU A 1 84  ? -1.570  -13.913 4.107   1.00 26.21 ? 84  LEU A O   1 
ATOM   673  C  CB  . LEU A 1 84  ? -1.183  -11.370 5.992   1.00 26.24 ? 84  LEU A CB  1 
ATOM   674  C  CG  . LEU A 1 84  ? -1.847  -10.164 6.675   1.00 26.47 ? 84  LEU A CG  1 
ATOM   675  C  CD1 . LEU A 1 84  ? -1.047  -8.882  6.379   1.00 26.01 ? 84  LEU A CD1 1 
ATOM   676  C  CD2 . LEU A 1 84  ? -3.315  -10.021 6.243   1.00 29.14 ? 84  LEU A CD2 1 
ATOM   677  N  N   . LYS A 1 85  ? -0.145  -14.385 5.777   1.00 23.52 ? 85  LYS A N   1 
ATOM   678  C  CA  . LYS A 1 85  ? 0.658   -15.284 4.958   1.00 22.18 ? 85  LYS A CA  1 
ATOM   679  C  C   . LYS A 1 85  ? -0.161  -16.395 4.270   1.00 25.19 ? 85  LYS A C   1 
ATOM   680  O  O   . LYS A 1 85  ? -0.004  -16.592 3.073   1.00 22.22 ? 85  LYS A O   1 
ATOM   681  C  CB  . LYS A 1 85  ? 1.779   -15.911 5.785   1.00 26.63 ? 85  LYS A CB  1 
ATOM   682  C  CG  . LYS A 1 85  ? 2.672   -16.810 4.972   1.00 28.42 ? 85  LYS A CG  1 
ATOM   683  C  CD  . LYS A 1 85  ? 3.853   -17.292 5.795   1.00 31.64 ? 85  LYS A CD  1 
ATOM   684  C  CE  . LYS A 1 85  ? 4.512   -18.508 5.165   1.00 41.04 ? 85  LYS A CE  1 
ATOM   685  N  NZ  . LYS A 1 85  ? 4.822   -18.307 3.726   1.00 36.33 ? 85  LYS A NZ  1 
ATOM   686  N  N   . PRO A 1 86  ? -1.027  -17.118 5.017   1.00 25.46 ? 86  PRO A N   1 
ATOM   687  C  CA  . PRO A 1 86  ? -1.789  -18.167 4.318   1.00 28.36 ? 86  PRO A CA  1 
ATOM   688  C  C   . PRO A 1 86  ? -2.743  -17.645 3.239   1.00 24.93 ? 86  PRO A C   1 
ATOM   689  O  O   . PRO A 1 86  ? -2.962  -18.329 2.243   1.00 26.72 ? 86  PRO A O   1 
ATOM   690  C  CB  . PRO A 1 86  ? -2.578  -18.843 5.445   1.00 25.79 ? 86  PRO A CB  1 
ATOM   691  C  CG  . PRO A 1 86  ? -2.608  -17.825 6.558   1.00 34.00 ? 86  PRO A CG  1 
ATOM   692  C  CD  . PRO A 1 86  ? -1.300  -17.122 6.469   1.00 28.55 ? 86  PRO A CD  1 
ATOM   693  N  N   . VAL A 1 87  ? -3.297  -16.453 3.419   1.00 21.21 ? 87  VAL A N   1 
ATOM   694  C  CA  . VAL A 1 87  ? -4.171  -15.909 2.390   1.00 25.51 ? 87  VAL A CA  1 
ATOM   695  C  C   . VAL A 1 87  ? -3.328  -15.482 1.177   1.00 24.06 ? 87  VAL A C   1 
ATOM   696  O  O   . VAL A 1 87  ? -3.621  -15.863 0.037   1.00 23.11 ? 87  VAL A O   1 
ATOM   697  C  CB  . VAL A 1 87  ? -5.021  -14.730 2.921   1.00 27.89 ? 87  VAL A CB  1 
ATOM   698  C  CG1 . VAL A 1 87  ? -5.971  -14.247 1.848   1.00 20.76 ? 87  VAL A CG1 1 
ATOM   699  C  CG2 . VAL A 1 87  ? -5.801  -15.140 4.172   1.00 28.84 ? 87  VAL A CG2 1 
ATOM   700  N  N   . TYR A 1 88  ? -2.255  -14.728 1.428   1.00 23.32 ? 88  TYR A N   1 
ATOM   701  C  CA  . TYR A 1 88  ? -1.310  -14.359 0.375   1.00 20.77 ? 88  TYR A CA  1 
ATOM   702  C  C   . TYR A 1 88  ? -0.840  -15.564 -0.439  1.00 21.82 ? 88  TYR A C   1 
ATOM   703  O  O   . TYR A 1 88  ? -0.883  -15.547 -1.662  1.00 22.55 ? 88  TYR A O   1 
ATOM   704  C  CB  . TYR A 1 88  ? -0.103  -13.652 0.987   1.00 22.55 ? 88  TYR A CB  1 
ATOM   705  C  CG  . TYR A 1 88  ? 0.860   -13.101 -0.020  1.00 23.33 ? 88  TYR A CG  1 
ATOM   706  C  CD1 . TYR A 1 88  ? 0.566   -11.931 -0.721  1.00 23.74 ? 88  TYR A CD1 1 
ATOM   707  C  CD2 . TYR A 1 88  ? 2.076   -13.732 -0.269  1.00 22.19 ? 88  TYR A CD2 1 
ATOM   708  C  CE1 . TYR A 1 88  ? 1.462   -11.411 -1.648  1.00 21.92 ? 88  TYR A CE1 1 
ATOM   709  C  CE2 . TYR A 1 88  ? 2.971   -13.217 -1.192  1.00 32.08 ? 88  TYR A CE2 1 
ATOM   710  C  CZ  . TYR A 1 88  ? 2.656   -12.053 -1.878  1.00 26.62 ? 88  TYR A CZ  1 
ATOM   711  O  OH  . TYR A 1 88  ? 3.536   -11.536 -2.802  1.00 31.50 ? 88  TYR A OH  1 
ATOM   712  N  N   . ASP A 1 89  ? -0.417  -16.621 0.246   1.00 26.22 ? 89  ASP A N   1 
ATOM   713  C  CA  . ASP A 1 89  ? 0.138   -17.782 -0.447  1.00 28.04 ? 89  ASP A CA  1 
ATOM   714  C  C   . ASP A 1 89  ? -0.931  -18.523 -1.259  1.00 25.26 ? 89  ASP A C   1 
ATOM   715  O  O   . ASP A 1 89  ? -0.610  -19.244 -2.203  1.00 24.90 ? 89  ASP A O   1 
ATOM   716  C  CB  . ASP A 1 89  ? 0.806   -18.727 0.553   1.00 26.59 ? 89  ASP A CB  1 
ATOM   717  C  CG  . ASP A 1 89  ? 2.194   -18.242 0.974   1.00 29.87 ? 89  ASP A CG  1 
ATOM   718  O  OD1 . ASP A 1 89  ? 2.679   -17.244 0.392   1.00 33.64 ? 89  ASP A OD1 1 
ATOM   719  O  OD2 . ASP A 1 89  ? 2.810   -18.861 1.867   1.00 36.33 ? 89  ASP A OD2 1 
ATOM   720  N  N   . SER A 1 90  ? -2.199  -18.324 -0.909  1.00 22.88 ? 90  SER A N   1 
ATOM   721  C  CA  . SER A 1 90  ? -3.306  -18.966 -1.630  1.00 22.49 ? 90  SER A CA  1 
ATOM   722  C  C   . SER A 1 90  ? -3.629  -18.266 -2.953  1.00 26.66 ? 90  SER A C   1 
ATOM   723  O  O   . SER A 1 90  ? -4.290  -18.833 -3.831  1.00 24.47 ? 90  SER A O   1 
ATOM   724  C  CB  . SER A 1 90  ? -4.550  -18.993 -0.751  1.00 26.46 ? 90  SER A CB  1 
ATOM   725  O  OG  . SER A 1 90  ? -5.149  -17.706 -0.699  1.00 24.43 ? 90  SER A OG  1 
ATOM   726  N  N   . LEU A 1 91  ? -3.180  -17.022 -3.082  1.00 21.82 ? 91  LEU A N   1 
ATOM   727  C  CA  . LEU A 1 91  ? -3.475  -16.202 -4.259  1.00 23.36 ? 91  LEU A CA  1 
ATOM   728  C  C   . LEU A 1 91  ? -2.565  -16.464 -5.456  1.00 24.17 ? 91  LEU A C   1 
ATOM   729  O  O   . LEU A 1 91  ? -1.428  -16.898 -5.296  1.00 25.17 ? 91  LEU A O   1 
ATOM   730  C  CB  . LEU A 1 91  ? -3.373  -14.718 -3.904  1.00 22.96 ? 91  LEU A CB  1 
ATOM   731  C  CG  . LEU A 1 91  ? -4.300  -14.154 -2.821  1.00 23.77 ? 91  LEU A CG  1 
ATOM   732  C  CD1 . LEU A 1 91  ? -3.890  -12.724 -2.475  1.00 22.75 ? 91  LEU A CD1 1 
ATOM   733  C  CD2 . LEU A 1 91  ? -5.723  -14.185 -3.319  1.00 20.40 ? 91  LEU A CD2 1 
ATOM   734  N  N   . ASP A 1 92  ? -3.093  -16.193 -6.650  1.00 24.96 ? 92  ASP A N   1 
ATOM   735  C  CA  . ASP A 1 92  ? -2.296  -16.103 -7.867  1.00 25.55 ? 92  ASP A CA  1 
ATOM   736  C  C   . ASP A 1 92  ? -1.455  -14.819 -7.883  1.00 27.12 ? 92  ASP A C   1 
ATOM   737  O  O   . ASP A 1 92  ? -1.669  -13.916 -7.069  1.00 23.57 ? 92  ASP A O   1 
ATOM   738  C  CB  . ASP A 1 92  ? -3.203  -16.128 -9.086  1.00 23.80 ? 92  ASP A CB  1 
ATOM   739  C  CG  . ASP A 1 92  ? -4.183  -14.983 -9.074  1.00 30.97 ? 92  ASP A CG  1 
ATOM   740  O  OD1 . ASP A 1 92  ? -5.201  -15.100 -8.354  1.00 28.22 ? 92  ASP A OD1 1 
ATOM   741  O  OD2 . ASP A 1 92  ? -3.918  -13.957 -9.746  1.00 28.48 ? 92  ASP A OD2 1 
ATOM   742  N  N   . ALA A 1 93  ? -0.525  -14.743 -8.832  1.00 28.92 ? 93  ALA A N   1 
ATOM   743  C  CA  . ALA A 1 93  ? 0.469   -13.670 -8.862  1.00 27.71 ? 93  ALA A CA  1 
ATOM   744  C  C   . ALA A 1 93  ? -0.146  -12.280 -9.047  1.00 25.20 ? 93  ALA A C   1 
ATOM   745  O  O   . ALA A 1 93  ? 0.325   -11.314 -8.445  1.00 24.86 ? 93  ALA A O   1 
ATOM   746  C  CB  . ALA A 1 93  ? 1.492   -13.926 -9.956  1.00 27.87 ? 93  ALA A CB  1 
ATOM   747  N  N   . VAL A 1 94  ? -1.170  -12.161 -9.881  1.00 24.56 ? 94  VAL A N   1 
ATOM   748  C  CA  . VAL A 1 94  ? -1.769  -10.843 -10.087 1.00 21.75 ? 94  VAL A CA  1 
ATOM   749  C  C   . VAL A 1 94  ? -2.486  -10.406 -8.802  1.00 26.14 ? 94  VAL A C   1 
ATOM   750  O  O   . VAL A 1 94  ? -2.330  -9.267  -8.353  1.00 22.27 ? 94  VAL A O   1 
ATOM   751  C  CB  . VAL A 1 94  ? -2.728  -10.818 -11.299 1.00 24.08 ? 94  VAL A CB  1 
ATOM   752  C  CG1 . VAL A 1 94  ? -3.420  -9.446  -11.417 1.00 25.02 ? 94  VAL A CG1 1 
ATOM   753  C  CG2 . VAL A 1 94  ? -1.966  -11.139 -12.588 1.00 27.21 ? 94  VAL A CG2 1 
ATOM   754  N  N   . ARG A 1 95  ? -3.239  -11.311 -8.182  1.00 23.70 ? 95  ARG A N   1 
ATOM   755  C  CA  . ARG A 1 95  ? -3.917  -10.966 -6.935  1.00 20.61 ? 95  ARG A CA  1 
ATOM   756  C  C   . ARG A 1 95  ? -2.943  -10.736 -5.774  1.00 19.28 ? 95  ARG A C   1 
ATOM   757  O  O   . ARG A 1 95  ? -3.232  -9.973  -4.856  1.00 20.71 ? 95  ARG A O   1 
ATOM   758  C  CB  . ARG A 1 95  ? -4.947  -12.038 -6.567  1.00 24.91 ? 95  ARG A CB  1 
ATOM   759  C  CG  . ARG A 1 95  ? -6.087  -12.116 -7.575  1.00 22.17 ? 95  ARG A CG  1 
ATOM   760  C  CD  . ARG A 1 95  ? -7.216  -13.001 -7.037  1.00 20.86 ? 95  ARG A CD  1 
ATOM   761  N  NE  . ARG A 1 95  ? -8.413  -12.962 -7.871  1.00 21.38 ? 95  ARG A NE  1 
ATOM   762  C  CZ  . ARG A 1 95  ? -8.633  -13.762 -8.912  1.00 26.74 ? 95  ARG A CZ  1 
ATOM   763  N  NH1 . ARG A 1 95  ? -7.722  -14.664 -9.276  1.00 25.08 ? 95  ARG A NH1 1 
ATOM   764  N  NH2 . ARG A 1 95  ? -9.767  -13.653 -9.600  1.00 25.28 ? 95  ARG A NH2 1 
ATOM   765  N  N   . ARG A 1 96  ? -1.764  -11.345 -5.833  1.00 21.91 ? 96  ARG A N   1 
ATOM   766  C  CA  . ARG A 1 96  ? -0.735  -11.056 -4.829  1.00 22.54 ? 96  ARG A CA  1 
ATOM   767  C  C   . ARG A 1 96  ? -0.274  -9.591  -4.905  1.00 20.36 ? 96  ARG A C   1 
ATOM   768  O  O   . ARG A 1 96  ? -0.010  -8.954  -3.877  1.00 21.50 ? 96  ARG A O   1 
ATOM   769  C  CB  . ARG A 1 96  ? 0.461   -11.989 -5.002  1.00 24.27 ? 96  ARG A CB  1 
ATOM   770  C  CG  . ARG A 1 96  ? 0.206   -13.367 -4.413  1.00 20.65 ? 96  ARG A CG  1 
ATOM   771  C  CD  . ARG A 1 96  ? 1.430   -14.261 -4.575  1.00 28.61 ? 96  ARG A CD  1 
ATOM   772  N  NE  . ARG A 1 96  ? 1.147   -15.619 -4.116  1.00 30.95 ? 96  ARG A NE  1 
ATOM   773  C  CZ  . ARG A 1 96  ? 1.864   -16.688 -4.452  1.00 39.52 ? 96  ARG A CZ  1 
ATOM   774  N  NH1 . ARG A 1 96  ? 2.914   -16.552 -5.255  1.00 33.14 ? 96  ARG A NH1 1 
ATOM   775  N  NH2 . ARG A 1 96  ? 1.525   -17.890 -3.995  1.00 32.01 ? 96  ARG A NH2 1 
ATOM   776  N  N   . CYS A 1 97  ? -0.195  -9.065  -6.121  1.00 20.17 ? 97  CYS A N   1 
ATOM   777  C  CA  . CYS A 1 97  ? 0.045   -7.632  -6.322  1.00 22.40 ? 97  CYS A CA  1 
ATOM   778  C  C   . CYS A 1 97  ? -1.003  -6.743  -5.660  1.00 26.29 ? 97  CYS A C   1 
ATOM   779  O  O   . CYS A 1 97  ? -0.671  -5.720  -5.057  1.00 20.88 ? 97  CYS A O   1 
ATOM   780  C  CB  . CYS A 1 97  ? 0.087   -7.308  -7.806  1.00 22.04 ? 97  CYS A CB  1 
ATOM   781  S  SG  . CYS A 1 97  ? 1.588   -7.971  -8.567  1.00 27.95 ? 97  CYS A SG  1 
ATOM   782  N  N   . ALA A 1 98  ? -2.268  -7.110  -5.810  1.00 21.57 ? 98  ALA A N   1 
ATOM   783  C  CA  . ALA A 1 98  ? -3.329  -6.352  -5.139  1.00 20.82 ? 98  ALA A CA  1 
ATOM   784  C  C   . ALA A 1 98  ? -3.126  -6.380  -3.624  1.00 21.23 ? 98  ALA A C   1 
ATOM   785  O  O   . ALA A 1 98  ? -3.348  -5.377  -2.942  1.00 21.52 ? 98  ALA A O   1 
ATOM   786  C  CB  . ALA A 1 98  ? -4.703  -6.897  -5.506  1.00 25.02 ? 98  ALA A CB  1 
ATOM   787  N  N   . ALA A 1 99  ? -2.708  -7.534  -3.102  1.00 18.70 ? 99  ALA A N   1 
ATOM   788  C  CA  . ALA A 1 99  ? -2.478  -7.682  -1.669  1.00 19.37 ? 99  ALA A CA  1 
ATOM   789  C  C   . ALA A 1 99  ? -1.338  -6.780  -1.193  1.00 19.38 ? 99  ALA A C   1 
ATOM   790  O  O   . ALA A 1 99  ? -1.432  -6.129  -0.138  1.00 20.66 ? 99  ALA A O   1 
ATOM   791  C  CB  . ALA A 1 99  ? -2.171  -9.145  -1.323  1.00 18.98 ? 99  ALA A CB  1 
ATOM   792  N  N   . ILE A 1 100 ? -0.254  -6.743  -1.967  1.00 21.65 ? 100 ILE A N   1 
ATOM   793  C  CA  . ILE A 1 100 ? 0.887   -5.915  -1.578  1.00 22.20 ? 100 ILE A CA  1 
ATOM   794  C  C   . ILE A 1 100 ? 0.495   -4.442  -1.635  1.00 21.97 ? 100 ILE A C   1 
ATOM   795  O  O   . ILE A 1 100 ? 0.874   -3.668  -0.765  1.00 22.31 ? 100 ILE A O   1 
ATOM   796  C  CB  . ILE A 1 100 ? 2.105   -6.155  -2.468  1.00 22.16 ? 100 ILE A CB  1 
ATOM   797  C  CG1 . ILE A 1 100 ? 2.546   -7.623  -2.349  1.00 21.74 ? 100 ILE A CG1 1 
ATOM   798  C  CG2 . ILE A 1 100 ? 3.257   -5.222  -2.072  1.00 24.78 ? 100 ILE A CG2 1 
ATOM   799  C  CD1 . ILE A 1 100 ? 3.446   -8.081  -3.495  1.00 22.23 ? 100 ILE A CD1 1 
ATOM   800  N  N   . ASN A 1 101 ? -0.267  -4.077  -2.664  1.00 20.09 ? 101 ASN A N   1 
ATOM   801  C  CA  . ASN A 1 101 ? -0.785  -2.715  -2.804  1.00 20.67 ? 101 ASN A CA  1 
ATOM   802  C  C   . ASN A 1 101 ? -1.507  -2.282  -1.518  1.00 25.25 ? 101 ASN A C   1 
ATOM   803  O  O   . ASN A 1 101 ? -1.219  -1.220  -0.967  1.00 23.37 ? 101 ASN A O   1 
ATOM   804  C  CB  . ASN A 1 101 ? -1.737  -2.622  -4.013  1.00 21.18 ? 101 ASN A CB  1 
ATOM   805  C  CG  . ASN A 1 101 ? -2.003  -1.192  -4.440  1.00 22.17 ? 101 ASN A CG  1 
ATOM   806  O  OD1 . ASN A 1 101 ? -2.377  -0.353  -3.625  1.00 22.78 ? 101 ASN A OD1 1 
ATOM   807  N  ND2 . ASN A 1 101 ? -1.814  -0.908  -5.727  1.00 22.34 ? 101 ASN A ND2 1 
ATOM   808  N  N   A GLN A 1 102 ? -2.442  -3.106  -1.050  0.62 21.24 ? 102 GLN A N   1 
ATOM   809  N  N   B GLN A 1 102 ? -2.406  -3.137  -1.037  0.38 21.31 ? 102 GLN A N   1 
ATOM   810  C  CA  A GLN A 1 102 ? -3.158  -2.807  0.186   0.62 21.27 ? 102 GLN A CA  1 
ATOM   811  C  CA  B GLN A 1 102 ? -3.183  -2.867  0.169   0.38 21.32 ? 102 GLN A CA  1 
ATOM   812  C  C   A GLN A 1 102 ? -2.226  -2.543  1.366   0.62 24.22 ? 102 GLN A C   1 
ATOM   813  C  C   B GLN A 1 102 ? -2.318  -2.631  1.417   0.38 24.23 ? 102 GLN A C   1 
ATOM   814  O  O   A GLN A 1 102 ? -2.362  -1.536  2.065   0.62 25.16 ? 102 GLN A O   1 
ATOM   815  O  O   B GLN A 1 102 ? -2.585  -1.719  2.203   0.38 24.62 ? 102 GLN A O   1 
ATOM   816  C  CB  A GLN A 1 102 ? -4.099  -3.948  0.558   0.62 21.46 ? 102 GLN A CB  1 
ATOM   817  C  CB  B GLN A 1 102 ? -4.145  -4.028  0.426   0.38 21.54 ? 102 GLN A CB  1 
ATOM   818  C  CG  A GLN A 1 102 ? -5.303  -4.093  -0.335  0.62 19.05 ? 102 GLN A CG  1 
ATOM   819  C  CG  B GLN A 1 102 ? -5.374  -3.665  1.228   0.38 23.02 ? 102 GLN A CG  1 
ATOM   820  C  CD  A GLN A 1 102 ? -6.286  -5.095  0.225   0.62 21.77 ? 102 GLN A CD  1 
ATOM   821  C  CD  B GLN A 1 102 ? -6.262  -4.864  1.493   0.38 22.86 ? 102 GLN A CD  1 
ATOM   822  O  OE1 A GLN A 1 102 ? -5.901  -6.196  0.624   0.62 23.00 ? 102 GLN A OE1 1 
ATOM   823  O  OE1 B GLN A 1 102 ? -5.829  -6.012  1.365   0.38 22.60 ? 102 GLN A OE1 1 
ATOM   824  N  NE2 A GLN A 1 102 ? -7.562  -4.710  0.289   0.62 25.41 ? 102 GLN A NE2 1 
ATOM   825  N  NE2 B GLN A 1 102 ? -7.510  -4.607  1.864   0.38 24.62 ? 102 GLN A NE2 1 
ATOM   826  N  N   . VAL A 1 103 ? -1.297  -3.463  1.602   1.00 20.07 ? 103 VAL A N   1 
ATOM   827  C  CA  . VAL A 1 103 ? -0.402  -3.345  2.756   1.00 22.34 ? 103 VAL A CA  1 
ATOM   828  C  C   . VAL A 1 103 ? 0.493   -2.114  2.617   1.00 25.35 ? 103 VAL A C   1 
ATOM   829  O  O   . VAL A 1 103 ? 0.789   -1.429  3.602   1.00 29.06 ? 103 VAL A O   1 
ATOM   830  C  CB  . VAL A 1 103 ? 0.458   -4.615  2.936   1.00 24.81 ? 103 VAL A CB  1 
ATOM   831  C  CG1 . VAL A 1 103 ? 1.551   -4.389  3.991   1.00 29.74 ? 103 VAL A CG1 1 
ATOM   832  C  CG2 . VAL A 1 103 ? -0.427  -5.783  3.333   1.00 33.83 ? 103 VAL A CG2 1 
ATOM   833  N  N   . PHE A 1 104 ? 0.904   -1.827  1.389   1.00 22.64 ? 104 PHE A N   1 
ATOM   834  C  CA  . PHE A 1 104 ? 1.718   -0.648  1.113   1.00 24.72 ? 104 PHE A CA  1 
ATOM   835  C  C   . PHE A 1 104 ? 0.971   0.623   1.530   1.00 24.11 ? 104 PHE A C   1 
ATOM   836  O  O   . PHE A 1 104 ? 1.556   1.543   2.104   1.00 26.91 ? 104 PHE A O   1 
ATOM   837  C  CB  . PHE A 1 104 ? 2.083   -0.595  -0.369  1.00 25.01 ? 104 PHE A CB  1 
ATOM   838  C  CG  . PHE A 1 104 ? 3.105   0.461   -0.725  1.00 22.72 ? 104 PHE A CG  1 
ATOM   839  C  CD1 . PHE A 1 104 ? 2.714   1.767   -0.990  1.00 25.03 ? 104 PHE A CD1 1 
ATOM   840  C  CD2 . PHE A 1 104 ? 4.443   0.125   -0.856  1.00 25.01 ? 104 PHE A CD2 1 
ATOM   841  C  CE1 . PHE A 1 104 ? 3.654   2.736   -1.343  1.00 27.59 ? 104 PHE A CE1 1 
ATOM   842  C  CE2 . PHE A 1 104 ? 5.392   1.078   -1.215  1.00 29.07 ? 104 PHE A CE2 1 
ATOM   843  C  CZ  . PHE A 1 104 ? 4.998   2.390   -1.453  1.00 29.02 ? 104 PHE A CZ  1 
ATOM   844  N  N   . GLN A 1 105 ? -0.329  0.658   1.263   1.00 24.40 ? 105 GLN A N   1 
ATOM   845  C  CA  . GLN A 1 105 ? -1.122  1.843   1.560   1.00 24.84 ? 105 GLN A CA  1 
ATOM   846  C  C   . GLN A 1 105 ? -1.553  1.926   3.030   1.00 28.78 ? 105 GLN A C   1 
ATOM   847  O  O   . GLN A 1 105 ? -1.524  3.005   3.639   1.00 25.77 ? 105 GLN A O   1 
ATOM   848  C  CB  . GLN A 1 105 ? -2.372  1.887   0.657   1.00 23.39 ? 105 GLN A CB  1 
ATOM   849  C  CG  . GLN A 1 105 ? -3.285  3.081   0.961   1.00 25.88 ? 105 GLN A CG  1 
ATOM   850  C  CD  . GLN A 1 105 ? -4.569  3.075   0.162   1.00 26.77 ? 105 GLN A CD  1 
ATOM   851  O  OE1 . GLN A 1 105 ? -4.876  2.115   -0.545  1.00 23.92 ? 105 GLN A OE1 1 
ATOM   852  N  NE2 . GLN A 1 105 ? -5.336  4.155   0.275   1.00 29.74 ? 105 GLN A NE2 1 
ATOM   853  N  N   A MET A 1 106 ? -1.931  0.774   3.578   0.60 24.51 ? 106 MET A N   1 
ATOM   854  N  N   B MET A 1 106 ? -1.943  0.796   3.611   0.40 24.60 ? 106 MET A N   1 
ATOM   855  C  CA  A MET A 1 106 ? -2.636  0.684   4.853   0.60 27.63 ? 106 MET A CA  1 
ATOM   856  C  CA  B MET A 1 106 ? -2.579  0.821   4.927   0.40 27.64 ? 106 MET A CA  1 
ATOM   857  C  C   A MET A 1 106 ? -1.780  0.197   6.016   0.60 28.19 ? 106 MET A C   1 
ATOM   858  C  C   B MET A 1 106 ? -1.782  0.139   6.034   0.40 28.21 ? 106 MET A C   1 
ATOM   859  O  O   A MET A 1 106 ? -2.146  0.382   7.175   0.60 31.14 ? 106 MET A O   1 
ATOM   860  O  O   B MET A 1 106 ? -2.107  0.281   7.212   0.40 31.12 ? 106 MET A O   1 
ATOM   861  C  CB  A MET A 1 106 ? -3.837  -0.261  4.716   0.60 27.85 ? 106 MET A CB  1 
ATOM   862  C  CB  B MET A 1 106 ? -3.962  0.179   4.846   0.40 28.27 ? 106 MET A CB  1 
ATOM   863  C  CG  A MET A 1 106 ? -5.187  0.412   4.607   0.60 32.39 ? 106 MET A CG  1 
ATOM   864  C  CG  B MET A 1 106 ? -4.828  0.705   3.722   0.40 28.58 ? 106 MET A CG  1 
ATOM   865  S  SD  A MET A 1 106 ? -6.479  -0.834  4.392   0.60 35.80 ? 106 MET A SD  1 
ATOM   866  S  SD  B MET A 1 106 ? -6.480  -0.005  3.830   0.40 30.28 ? 106 MET A SD  1 
ATOM   867  C  CE  A MET A 1 106 ? -6.293  -1.243  2.659   0.60 25.51 ? 106 MET A CE  1 
ATOM   868  C  CE  B MET A 1 106 ? -6.098  -1.707  4.235   0.40 25.00 ? 106 MET A CE  1 
ATOM   869  N  N   A GLY A 1 107 ? -0.663  -0.454  5.715   0.60 28.75 ? 107 GLY A N   1 
ATOM   870  N  N   B GLY A 1 107 ? -0.755  -0.616  5.665   0.40 28.55 ? 107 GLY A N   1 
ATOM   871  C  CA  A GLY A 1 107 ? 0.086   -1.148  6.748   0.60 32.46 ? 107 GLY A CA  1 
ATOM   872  C  CA  B GLY A 1 107 ? 0.074   -1.275  6.657   0.40 32.45 ? 107 GLY A CA  1 
ATOM   873  C  C   A GLY A 1 107 ? -0.725  -2.363  7.158   0.60 33.07 ? 107 GLY A C   1 
ATOM   874  C  C   B GLY A 1 107 ? -0.403  -2.671  7.008   0.40 33.67 ? 107 GLY A C   1 
ATOM   875  O  O   A GLY A 1 107 ? -1.690  -2.719  6.481   0.60 36.74 ? 107 GLY A O   1 
ATOM   876  O  O   B GLY A 1 107 ? -1.571  -3.015  6.816   0.40 34.89 ? 107 GLY A O   1 
ATOM   877  N  N   A GLU A 1 108 ? -0.367  -3.013  8.259   0.60 34.05 ? 108 GLU A N   1 
ATOM   878  N  N   B GLU A 1 108 ? 0.512   -3.469  7.543   0.40 36.14 ? 108 GLU A N   1 
ATOM   879  C  CA  A GLU A 1 108 ? -1.126  -4.198  8.634   0.60 37.64 ? 108 GLU A CA  1 
ATOM   880  C  CA  B GLU A 1 108 ? 0.253   -4.870  7.849   0.40 35.75 ? 108 GLU A CA  1 
ATOM   881  C  C   A GLU A 1 108 ? -1.847  -4.056  9.974   0.60 36.51 ? 108 GLU A C   1 
ATOM   882  C  C   B GLU A 1 108 ? -0.805  -5.050  8.931   0.40 37.53 ? 108 GLU A C   1 
ATOM   883  O  O   A GLU A 1 108 ? -2.182  -5.050  10.615  0.60 38.63 ? 108 GLU A O   1 
ATOM   884  O  O   B GLU A 1 108 ? -1.705  -5.880  8.790   0.40 37.80 ? 108 GLU A O   1 
ATOM   885  C  CB  A GLU A 1 108 ? -0.220  -5.428  8.643   0.60 38.34 ? 108 GLU A CB  1 
ATOM   886  C  CB  B GLU A 1 108 ? 1.547   -5.555  8.275   0.40 34.51 ? 108 GLU A CB  1 
ATOM   887  C  CG  A GLU A 1 108 ? 0.926   -5.379  9.616   0.60 37.30 ? 108 GLU A CG  1 
ATOM   888  C  CG  B GLU A 1 108 ? 1.339   -6.843  9.040   0.40 39.40 ? 108 GLU A CG  1 
ATOM   889  C  CD  A GLU A 1 108 ? 1.736   -6.661  9.584   0.60 41.40 ? 108 GLU A CD  1 
ATOM   890  C  CD  B GLU A 1 108 ? 2.455   -7.110  10.028  0.40 42.13 ? 108 GLU A CD  1 
ATOM   891  O  OE1 A GLU A 1 108 ? 2.354   -6.954  8.534   0.60 38.92 ? 108 GLU A OE1 1 
ATOM   892  O  OE1 B GLU A 1 108 ? 2.380   -8.127  10.754  0.40 44.68 ? 108 GLU A OE1 1 
ATOM   893  O  OE2 A GLU A 1 108 ? 1.740   -7.381  10.604  0.60 43.27 ? 108 GLU A OE2 1 
ATOM   894  O  OE2 B GLU A 1 108 ? 3.416   -6.310  10.078  0.40 40.62 ? 108 GLU A OE2 1 
ATOM   895  N  N   A THR A 1 109 ? -2.121  -2.823  10.381  0.60 35.18 ? 109 THR A N   1 
ATOM   896  N  N   B THR A 1 109 ? -0.690  -4.284  10.011  0.40 36.73 ? 109 THR A N   1 
ATOM   897  C  CA  A THR A 1 109 ? -2.907  -2.604  11.592  0.60 36.75 ? 109 THR A CA  1 
ATOM   898  C  CA  B THR A 1 109 ? -1.673  -4.348  11.085  0.40 39.54 ? 109 THR A CA  1 
ATOM   899  C  C   A THR A 1 109 ? -4.401  -2.870  11.350  0.60 41.40 ? 109 THR A C   1 
ATOM   900  C  C   B THR A 1 109 ? -3.038  -3.926  10.550  0.40 38.01 ? 109 THR A C   1 
ATOM   901  O  O   A THR A 1 109 ? -5.191  -2.920  12.294  0.60 41.08 ? 109 THR A O   1 
ATOM   902  O  O   B THR A 1 109 ? -4.048  -4.581  10.811  0.40 38.31 ? 109 THR A O   1 
ATOM   903  C  CB  A THR A 1 109 ? -2.729  -1.174  12.140  0.60 40.48 ? 109 THR A CB  1 
ATOM   904  C  CB  B THR A 1 109 ? -1.285  -3.457  12.287  0.40 38.23 ? 109 THR A CB  1 
ATOM   905  O  OG1 A THR A 1 109 ? -3.417  -1.052  13.391  0.60 49.40 ? 109 THR A OG1 1 
ATOM   906  O  OG1 B THR A 1 109 ? 0.114   -3.605  12.568  0.40 41.24 ? 109 THR A OG1 1 
ATOM   907  C  CG2 A THR A 1 109 ? -3.284  -0.148  11.164  0.60 36.57 ? 109 THR A CG2 1 
ATOM   908  C  CG2 B THR A 1 109 ? -2.090  -3.843  13.518  0.40 40.36 ? 109 THR A CG2 1 
ATOM   909  N  N   A GLY A 1 110 ? -4.779  -3.054  10.088  0.60 38.79 ? 110 GLY A N   1 
ATOM   910  N  N   B GLY A 1 110 ? -3.048  -2.843  9.776   0.40 39.57 ? 110 GLY A N   1 
ATOM   911  C  CA  A GLY A 1 110 ? -6.167  -3.316  9.736   0.60 37.43 ? 110 GLY A CA  1 
ATOM   912  C  CA  B GLY A 1 110 ? -4.272  -2.299  9.212   0.40 36.34 ? 110 GLY A CA  1 
ATOM   913  C  C   A GLY A 1 110 ? -6.534  -4.781  9.546   0.60 36.53 ? 110 GLY A C   1 
ATOM   914  C  C   B GLY A 1 110 ? -5.031  -3.261  8.314   0.40 35.20 ? 110 GLY A C   1 
ATOM   915  O  O   A GLY A 1 110 ? -7.664  -5.098  9.155   0.60 33.32 ? 110 GLY A O   1 
ATOM   916  O  O   B GLY A 1 110 ? -6.250  -3.400  8.434   0.40 34.71 ? 110 GLY A O   1 
ATOM   917  N  N   A VAL A 1 111 ? -5.585  -5.668  9.837   0.60 32.81 ? 111 VAL A N   1 
ATOM   918  N  N   B VAL A 1 111 ? -4.312  -3.921  7.411   0.40 29.41 ? 111 VAL A N   1 
ATOM   919  C  CA  A VAL A 1 111 ? -5.757  -7.115  9.659   0.60 33.37 ? 111 VAL A CA  1 
ATOM   920  C  CA  B VAL A 1 111 ? -4.909  -4.897  6.503   0.40 31.68 ? 111 VAL A CA  1 
ATOM   921  C  C   A VAL A 1 111 ? -7.010  -7.683  10.333  0.60 38.31 ? 111 VAL A C   1 
ATOM   922  C  C   B VAL A 1 111 ? -5.421  -6.124  7.247   0.40 35.36 ? 111 VAL A C   1 
ATOM   923  O  O   A VAL A 1 111 ? -7.763  -8.451  9.717   0.60 34.21 ? 111 VAL A O   1 
ATOM   924  O  O   B VAL A 1 111 ? -6.560  -6.557  7.048   0.40 36.07 ? 111 VAL A O   1 
ATOM   925  C  CB  A VAL A 1 111 ? -4.511  -7.883  10.186  0.60 36.46 ? 111 VAL A CB  1 
ATOM   926  C  CB  B VAL A 1 111 ? -3.902  -5.356  5.436   0.40 28.22 ? 111 VAL A CB  1 
ATOM   927  C  CG1 A VAL A 1 111 ? -4.796  -9.374  10.321  0.60 34.75 ? 111 VAL A CG1 1 
ATOM   928  C  CG1 B VAL A 1 111 ? -4.468  -6.526  4.630   0.40 25.28 ? 111 VAL A CG1 1 
ATOM   929  C  CG2 A VAL A 1 111 ? -3.320  -7.652  9.274   0.60 36.62 ? 111 VAL A CG2 1 
ATOM   930  C  CG2 B VAL A 1 111 ? -3.524  -4.200  4.531   0.40 26.61 ? 111 VAL A CG2 1 
ATOM   931  N  N   A ALA A 1 112 ? -7.240  -7.308  11.587  0.60 34.40 ? 112 ALA A N   1 
ATOM   932  N  N   B ALA A 1 112 ? -4.577  -6.665  8.123   0.40 34.42 ? 112 ALA A N   1 
ATOM   933  C  CA  A ALA A 1 112 ? -8.396  -7.815  12.318  0.60 37.45 ? 112 ALA A CA  1 
ATOM   934  C  CA  B ALA A 1 112 ? -4.863  -7.902  8.852   0.40 35.51 ? 112 ALA A CA  1 
ATOM   935  C  C   A ALA A 1 112 ? -9.698  -7.357  11.663  0.60 31.55 ? 112 ALA A C   1 
ATOM   936  C  C   B ALA A 1 112 ? -6.193  -7.868  9.604   0.40 33.85 ? 112 ALA A C   1 
ATOM   937  O  O   A ALA A 1 112 ? -10.670 -8.113  11.603  0.60 29.45 ? 112 ALA A O   1 
ATOM   938  O  O   B ALA A 1 112 ? -6.703  -8.912  10.019  0.40 35.32 ? 112 ALA A O   1 
ATOM   939  C  CB  A ALA A 1 112 ? -8.342  -7.372  13.777  0.60 38.63 ? 112 ALA A CB  1 
ATOM   940  C  CB  B ALA A 1 112 ? -3.731  -8.207  9.818   0.40 35.59 ? 112 ALA A CB  1 
ATOM   941  N  N   A GLY A 1 113 ? -9.702  -6.123  11.166  0.60 32.22 ? 113 GLY A N   1 
ATOM   942  N  N   B GLY A 1 113 ? -6.745  -6.670  9.777   0.40 35.37 ? 113 GLY A N   1 
ATOM   943  C  CA  A GLY A 1 113 ? -10.871 -5.540  10.529  0.60 28.59 ? 113 GLY A CA  1 
ATOM   944  C  CA  B GLY A 1 113 ? -8.047  -6.500  10.398  0.40 34.53 ? 113 GLY A CA  1 
ATOM   945  C  C   A GLY A 1 113 ? -11.238 -6.180  9.199   0.60 30.87 ? 113 GLY A C   1 
ATOM   946  C  C   B GLY A 1 113 ? -9.216  -6.675  9.440   0.40 33.21 ? 113 GLY A C   1 
ATOM   947  O  O   A GLY A 1 113 ? -12.413 -6.321  8.878   0.60 27.80 ? 113 GLY A O   1 
ATOM   948  O  O   B GLY A 1 113 ? -10.372 -6.545  9.841   0.40 34.04 ? 113 GLY A O   1 
ATOM   949  N  N   A PHE A 1 114 ? -10.228 -6.571  8.428   0.60 29.08 ? 114 PHE A N   1 
ATOM   950  N  N   B PHE A 1 114 ? -8.919  -6.964  8.176   0.40 31.53 ? 114 PHE A N   1 
ATOM   951  C  CA  A PHE A 1 114 ? -10.445 -7.202  7.128   0.60 26.09 ? 114 PHE A CA  1 
ATOM   952  C  CA  B PHE A 1 114 ? -9.950  -7.273  7.182   0.40 30.59 ? 114 PHE A CA  1 
ATOM   953  C  C   A PHE A 1 114 ? -10.510 -8.727  7.197   0.60 25.29 ? 114 PHE A C   1 
ATOM   954  C  C   B PHE A 1 114 ? -10.334 -8.753  7.215   0.40 25.58 ? 114 PHE A C   1 
ATOM   955  O  O   A PHE A 1 114 ? -10.447 -9.389  6.166   0.60 26.23 ? 114 PHE A O   1 
ATOM   956  O  O   B PHE A 1 114 ? -10.378 -9.400  6.173   0.40 26.25 ? 114 PHE A O   1 
ATOM   957  C  CB  A PHE A 1 114 ? -9.339  -6.791  6.150   0.60 26.84 ? 114 PHE A CB  1 
ATOM   958  C  CB  B PHE A 1 114 ? -9.465  -6.911  5.775   0.40 27.28 ? 114 PHE A CB  1 
ATOM   959  C  CG  A PHE A 1 114 ? -9.565  -5.452  5.502   0.60 27.64 ? 114 PHE A CG  1 
ATOM   960  C  CG  B PHE A 1 114 ? -9.589  -5.451  5.435   0.40 27.65 ? 114 PHE A CG  1 
ATOM   961  C  CD1 A PHE A 1 114 ? -9.236  -4.281  6.162   0.60 31.65 ? 114 PHE A CD1 1 
ATOM   962  C  CD1 B PHE A 1 114 ? -8.866  -4.497  6.129   0.40 30.66 ? 114 PHE A CD1 1 
ATOM   963  C  CD2 A PHE A 1 114 ? -10.114 -5.370  4.231   0.60 27.44 ? 114 PHE A CD2 1 
ATOM   964  C  CD2 B PHE A 1 114 ? -10.421 -5.039  4.404   0.40 27.69 ? 114 PHE A CD2 1 
ATOM   965  C  CE1 A PHE A 1 114 ? -9.450  -3.045  5.563   0.60 30.50 ? 114 PHE A CE1 1 
ATOM   966  C  CE1 B PHE A 1 114 ? -8.978  -3.152  5.809   0.40 31.86 ? 114 PHE A CE1 1 
ATOM   967  C  CE2 A PHE A 1 114 ? -10.332 -4.143  3.628   0.60 26.91 ? 114 PHE A CE2 1 
ATOM   968  C  CE2 B PHE A 1 114 ? -10.538 -3.699  4.080   0.40 25.95 ? 114 PHE A CE2 1 
ATOM   969  C  CZ  A PHE A 1 114 ? -9.995  -2.980  4.294   0.60 26.24 ? 114 PHE A CZ  1 
ATOM   970  C  CZ  B PHE A 1 114 ? -9.814  -2.756  4.783   0.40 27.05 ? 114 PHE A CZ  1 
ATOM   971  N  N   . THR A 1 115 ? -10.621 -9.274  8.405   1.00 28.61 ? 115 THR A N   1 
ATOM   972  C  CA  . THR A 1 115 ? -10.803 -10.720 8.615   1.00 28.48 ? 115 THR A CA  1 
ATOM   973  C  C   . THR A 1 115 ? -11.799 -11.420 7.676   1.00 26.86 ? 115 THR A C   1 
ATOM   974  O  O   . THR A 1 115 ? -11.485 -12.454 7.087   1.00 28.17 ? 115 THR A O   1 
ATOM   975  C  CB  . THR A 1 115 ? -11.269 -11.010 10.069  1.00 36.43 ? 115 THR A CB  1 
ATOM   976  O  OG1 . THR A 1 115 ? -10.295 -10.518 10.996  1.00 39.81 ? 115 THR A OG1 1 
ATOM   977  C  CG2 . THR A 1 115 ? -11.469 -12.517 10.296  1.00 30.46 ? 115 THR A CG2 1 
ATOM   978  N  N   . ASN A 1 116 ? -13.001 -10.863 7.539   1.00 24.63 ? 116 ASN A N   1 
ATOM   979  C  CA  . ASN A 1 116 ? -14.007 -11.473 6.680   1.00 27.58 ? 116 ASN A CA  1 
ATOM   980  C  C   . ASN A 1 116 ? -13.605 -11.418 5.205   1.00 29.66 ? 116 ASN A C   1 
ATOM   981  O  O   . ASN A 1 116 ? -13.762 -12.392 4.477   1.00 28.49 ? 116 ASN A O   1 
ATOM   982  C  CB  . ASN A 1 116 ? -15.371 -10.799 6.900   1.00 26.52 ? 116 ASN A CB  1 
ATOM   983  C  CG  . ASN A 1 116 ? -15.819 -10.892 8.344   1.00 29.59 ? 116 ASN A CG  1 
ATOM   984  O  OD1 . ASN A 1 116 ? -15.687 -11.944 8.970   1.00 38.46 ? 116 ASN A OD1 1 
ATOM   985  N  ND2 . ASN A 1 116 ? -16.315 -9.787  8.890   1.00 31.37 ? 116 ASN A ND2 1 
ATOM   986  N  N   . SER A 1 117 ? -13.081 -10.280 4.766   1.00 22.76 ? 117 SER A N   1 
ATOM   987  C  CA  . SER A 1 117 ? -12.610 -10.159 3.389   1.00 23.05 ? 117 SER A CA  1 
ATOM   988  C  C   . SER A 1 117 ? -11.518 -11.179 3.083   1.00 23.14 ? 117 SER A C   1 
ATOM   989  O  O   . SER A 1 117 ? -11.527 -11.816 2.034   1.00 22.85 ? 117 SER A O   1 
ATOM   990  C  CB  . SER A 1 117 ? -12.077 -8.750  3.122   1.00 27.23 ? 117 SER A CB  1 
ATOM   991  O  OG  . SER A 1 117 ? -13.135 -7.838  2.898   1.00 32.15 ? 117 SER A OG  1 
ATOM   992  N  N   . LEU A 1 118 ? -10.561 -11.293 4.003   1.00 22.53 ? 118 LEU A N   1 
ATOM   993  C  CA  . LEU A 1 118 ? -9.451  -12.229 3.859   1.00 24.22 ? 118 LEU A CA  1 
ATOM   994  C  C   . LEU A 1 118 ? -9.909  -13.672 3.754   1.00 22.82 ? 118 LEU A C   1 
ATOM   995  O  O   . LEU A 1 118 ? -9.356  -14.437 2.964   1.00 24.39 ? 118 LEU A O   1 
ATOM   996  C  CB  . LEU A 1 118 ? -8.488  -12.113 5.036   1.00 26.68 ? 118 LEU A CB  1 
ATOM   997  C  CG  . LEU A 1 118 ? -7.669  -10.831 5.098   1.00 28.16 ? 118 LEU A CG  1 
ATOM   998  C  CD1 . LEU A 1 118 ? -7.070  -10.714 6.490   1.00 27.07 ? 118 LEU A CD1 1 
ATOM   999  C  CD2 . LEU A 1 118 ? -6.581  -10.835 4.022   1.00 30.05 ? 118 LEU A CD2 1 
ATOM   1000 N  N   . ARG A 1 119 ? -10.896 -14.050 4.562   1.00 25.44 ? 119 ARG A N   1 
ATOM   1001 C  CA  . ARG A 1 119 ? -11.450 -15.399 4.456   1.00 27.10 ? 119 ARG A CA  1 
ATOM   1002 C  C   . ARG A 1 119 ? -12.076 -15.633 3.081   1.00 23.40 ? 119 ARG A C   1 
ATOM   1003 O  O   . ARG A 1 119 ? -11.819 -16.657 2.442   1.00 26.73 ? 119 ARG A O   1 
ATOM   1004 C  CB  . ARG A 1 119 ? -12.475 -15.654 5.560   1.00 26.13 ? 119 ARG A CB  1 
ATOM   1005 C  CG  . ARG A 1 119 ? -13.055 -17.061 5.522   1.00 33.95 ? 119 ARG A CG  1 
ATOM   1006 C  CD  . ARG A 1 119 ? -13.821 -17.398 6.796   1.00 45.44 ? 119 ARG A CD  1 
ATOM   1007 N  NE  . ARG A 1 119 ? -14.705 -16.310 7.195   1.00 55.18 ? 119 ARG A NE  1 
ATOM   1008 C  CZ  . ARG A 1 119 ? -14.538 -15.570 8.290   1.00 52.79 ? 119 ARG A CZ  1 
ATOM   1009 N  NH1 . ARG A 1 119 ? -13.529 -15.816 9.117   1.00 50.88 ? 119 ARG A NH1 1 
ATOM   1010 N  NH2 . ARG A 1 119 ? -15.394 -14.598 8.566   1.00 42.75 ? 119 ARG A NH2 1 
ATOM   1011 N  N   . MET A 1 120 ? -12.880 -14.681 2.608   1.00 27.08 ? 120 MET A N   1 
ATOM   1012 C  CA  . MET A 1 120 ? -13.487 -14.808 1.282   1.00 24.65 ? 120 MET A CA  1 
ATOM   1013 C  C   . MET A 1 120 ? -12.438 -14.892 0.185   1.00 22.24 ? 120 MET A C   1 
ATOM   1014 O  O   . MET A 1 120 ? -12.618 -15.627 -0.781  1.00 23.36 ? 120 MET A O   1 
ATOM   1015 C  CB  . MET A 1 120 ? -14.426 -13.637 0.992   1.00 26.44 ? 120 MET A CB  1 
ATOM   1016 C  CG  . MET A 1 120 ? -15.611 -13.578 1.915   1.00 28.00 ? 120 MET A CG  1 
ATOM   1017 S  SD  . MET A 1 120 ? -16.639 -12.145 1.573   1.00 29.88 ? 120 MET A SD  1 
ATOM   1018 C  CE  . MET A 1 120 ? -17.689 -12.131 3.023   1.00 31.64 ? 120 MET A CE  1 
ATOM   1019 N  N   . LEU A 1 121 ? -11.357 -14.119 0.310   1.00 22.60 ? 121 LEU A N   1 
ATOM   1020 C  CA  . LEU A 1 121 ? -10.284 -14.194 -0.679  1.00 22.39 ? 121 LEU A CA  1 
ATOM   1021 C  C   . LEU A 1 121 ? -9.657  -15.592 -0.691  1.00 22.22 ? 121 LEU A C   1 
ATOM   1022 O  O   . LEU A 1 121 ? -9.430  -16.154 -1.759  1.00 21.09 ? 121 LEU A O   1 
ATOM   1023 C  CB  . LEU A 1 121 ? -9.206  -13.126 -0.419  1.00 19.10 ? 121 LEU A CB  1 
ATOM   1024 C  CG  . LEU A 1 121 ? -9.589  -11.666 -0.728  1.00 20.58 ? 121 LEU A CG  1 
ATOM   1025 C  CD1 . LEU A 1 121 ? -8.475  -10.682 -0.276  1.00 19.57 ? 121 LEU A CD1 1 
ATOM   1026 C  CD2 . LEU A 1 121 ? -9.892  -11.476 -2.220  1.00 21.08 ? 121 LEU A CD2 1 
ATOM   1027 N  N   . GLN A 1 122 ? -9.374  -16.149 0.485   1.00 20.56 ? 122 GLN A N   1 
ATOM   1028 C  CA  . GLN A 1 122 ? -8.753  -17.479 0.543   1.00 22.74 ? 122 GLN A CA  1 
ATOM   1029 C  C   . GLN A 1 122 ? -9.712  -18.555 0.012   1.00 25.97 ? 122 GLN A C   1 
ATOM   1030 O  O   . GLN A 1 122 ? -9.279  -19.544 -0.575  1.00 24.80 ? 122 GLN A O   1 
ATOM   1031 C  CB  . GLN A 1 122 ? -8.300  -17.834 1.960   1.00 29.45 ? 122 GLN A CB  1 
ATOM   1032 C  CG  . GLN A 1 122 ? -7.337  -19.032 1.973   1.00 30.05 ? 122 GLN A CG  1 
ATOM   1033 C  CD  . GLN A 1 122 ? -6.750  -19.337 3.346   1.00 41.63 ? 122 GLN A CD  1 
ATOM   1034 O  OE1 . GLN A 1 122 ? -6.944  -18.586 4.302   1.00 40.00 ? 122 GLN A OE1 1 
ATOM   1035 N  NE2 . GLN A 1 122 ? -6.025  -20.448 3.444   1.00 38.65 ? 122 GLN A NE2 1 
ATOM   1036 N  N   . GLN A 1 123 ? -11.009 -18.335 0.198   1.00 23.37 ? 123 GLN A N   1 
ATOM   1037 C  CA  . GLN A 1 123 ? -12.050 -19.213 -0.351  1.00 23.47 ? 123 GLN A CA  1 
ATOM   1038 C  C   . GLN A 1 123 ? -12.248 -19.047 -1.860  1.00 25.01 ? 123 GLN A C   1 
ATOM   1039 O  O   . GLN A 1 123 ? -12.998 -19.812 -2.492  1.00 27.96 ? 123 GLN A O   1 
ATOM   1040 C  CB  . GLN A 1 123 ? -13.372 -18.948 0.358   1.00 26.74 ? 123 GLN A CB  1 
ATOM   1041 C  CG  . GLN A 1 123 ? -13.399 -19.375 1.822   1.00 29.25 ? 123 GLN A CG  1 
ATOM   1042 C  CD  . GLN A 1 123 ? -14.710 -18.999 2.501   1.00 36.50 ? 123 GLN A CD  1 
ATOM   1043 O  OE1 . GLN A 1 123 ? -15.159 -17.863 2.406   1.00 33.09 ? 123 GLN A OE1 1 
ATOM   1044 N  NE2 . GLN A 1 123 ? -15.329 -19.953 3.176   1.00 35.47 ? 123 GLN A NE2 1 
ATOM   1045 N  N   . LYS A 1 124 ? -11.590 -18.038 -2.418  1.00 20.92 ? 124 LYS A N   1 
ATOM   1046 C  CA  . LYS A 1 124 ? -11.704 -17.666 -3.822  1.00 21.83 ? 124 LYS A CA  1 
ATOM   1047 C  C   . LYS A 1 124 ? -13.152 -17.344 -4.225  1.00 21.67 ? 124 LYS A C   1 
ATOM   1048 O  O   . LYS A 1 124 ? -13.602 -17.651 -5.329  1.00 26.33 ? 124 LYS A O   1 
ATOM   1049 C  CB  . LYS A 1 124 ? -11.103 -18.765 -4.710  1.00 25.03 ? 124 LYS A CB  1 
ATOM   1050 C  CG  . LYS A 1 124 ? -9.626  -19.045 -4.377  1.00 22.63 ? 124 LYS A CG  1 
ATOM   1051 C  CD  . LYS A 1 124 ? -8.985  -19.902 -5.471  1.00 27.65 ? 124 LYS A CD  1 
ATOM   1052 C  CE  . LYS A 1 124 ? -7.502  -20.112 -5.236  1.00 24.21 ? 124 LYS A CE  1 
ATOM   1053 N  NZ  . LYS A 1 124 ? -6.793  -18.805 -5.130  1.00 26.64 ? 124 LYS A NZ  1 
ATOM   1054 N  N   . ARG A 1 125 ? -13.865 -16.694 -3.316  1.00 21.03 ? 125 ARG A N   1 
ATOM   1055 C  CA  . ARG A 1 125 ? -15.193 -16.169 -3.613  1.00 22.22 ? 125 ARG A CA  1 
ATOM   1056 C  C   . ARG A 1 125 ? -15.020 -14.705 -3.998  1.00 25.06 ? 125 ARG A C   1 
ATOM   1057 O  O   . ARG A 1 125 ? -15.272 -13.804 -3.197  1.00 21.76 ? 125 ARG A O   1 
ATOM   1058 C  CB  . ARG A 1 125 ? -16.122 -16.339 -2.412  1.00 26.05 ? 125 ARG A CB  1 
ATOM   1059 C  CG  . ARG A 1 125 ? -16.133 -17.771 -1.892  1.00 30.37 ? 125 ARG A CG  1 
ATOM   1060 C  CD  . ARG A 1 125 ? -17.023 -17.965 -0.676  1.00 32.82 ? 125 ARG A CD  1 
ATOM   1061 N  NE  . ARG A 1 125 ? -17.086 -19.383 -0.324  1.00 39.15 ? 125 ARG A NE  1 
ATOM   1062 C  CZ  . ARG A 1 125 ? -18.146 -19.989 0.203   1.00 43.92 ? 125 ARG A CZ  1 
ATOM   1063 N  NH1 . ARG A 1 125 ? -19.255 -19.302 0.443   1.00 49.80 ? 125 ARG A NH1 1 
ATOM   1064 N  NH2 . ARG A 1 125 ? -18.098 -21.286 0.484   1.00 37.39 ? 125 ARG A NH2 1 
ATOM   1065 N  N   . TRP A 1 126 ? -14.581 -14.490 -5.236  1.00 23.81 ? 126 TRP A N   1 
ATOM   1066 C  CA  . TRP A 1 126 ? -14.099 -13.183 -5.676  1.00 25.03 ? 126 TRP A CA  1 
ATOM   1067 C  C   . TRP A 1 126 ? -15.151 -12.065 -5.645  1.00 24.20 ? 126 TRP A C   1 
ATOM   1068 O  O   . TRP A 1 126 ? -14.854 -10.956 -5.182  1.00 23.83 ? 126 TRP A O   1 
ATOM   1069 C  CB  . TRP A 1 126 ? -13.508 -13.296 -7.083  1.00 23.30 ? 126 TRP A CB  1 
ATOM   1070 C  CG  . TRP A 1 126 ? -12.425 -14.361 -7.210  1.00 25.30 ? 126 TRP A CG  1 
ATOM   1071 C  CD1 . TRP A 1 126 ? -12.382 -15.374 -8.131  1.00 23.58 ? 126 TRP A CD1 1 
ATOM   1072 C  CD2 . TRP A 1 126 ? -11.245 -14.518 -6.396  1.00 24.63 ? 126 TRP A CD2 1 
ATOM   1073 N  NE1 . TRP A 1 126 ? -11.257 -16.139 -7.943  1.00 25.85 ? 126 TRP A NE1 1 
ATOM   1074 C  CE2 . TRP A 1 126 ? -10.545 -15.644 -6.882  1.00 22.96 ? 126 TRP A CE2 1 
ATOM   1075 C  CE3 . TRP A 1 126 ? -10.721 -13.826 -5.298  1.00 20.92 ? 126 TRP A CE3 1 
ATOM   1076 C  CZ2 . TRP A 1 126 ? -9.335  -16.076 -6.331  1.00 23.59 ? 126 TRP A CZ2 1 
ATOM   1077 C  CZ3 . TRP A 1 126 ? -9.522  -14.264 -4.741  1.00 21.96 ? 126 TRP A CZ3 1 
ATOM   1078 C  CH2 . TRP A 1 126 ? -8.846  -15.380 -5.255  1.00 21.71 ? 126 TRP A CH2 1 
ATOM   1079 N  N   . ASP A 1 127 ? -16.362 -12.324 -6.137  1.00 24.15 ? 127 ASP A N   1 
ATOM   1080 C  CA  . ASP A 1 127 ? -17.383 -11.271 -6.128  1.00 26.99 ? 127 ASP A CA  1 
ATOM   1081 C  C   . ASP A 1 127 ? -17.815 -10.937 -4.701  1.00 28.40 ? 127 ASP A C   1 
ATOM   1082 O  O   . ASP A 1 127 ? -18.018 -9.768  -4.365  1.00 23.87 ? 127 ASP A O   1 
ATOM   1083 C  CB  . ASP A 1 127 ? -18.617 -11.661 -6.952  1.00 25.93 ? 127 ASP A CB  1 
ATOM   1084 C  CG  . ASP A 1 127 ? -18.366 -11.621 -8.462  1.00 37.34 ? 127 ASP A CG  1 
ATOM   1085 O  OD1 . ASP A 1 127 ? -17.191 -11.709 -8.878  1.00 31.14 ? 127 ASP A OD1 1 
ATOM   1086 O  OD2 . ASP A 1 127 ? -19.353 -11.529 -9.234  1.00 33.07 ? 127 ASP A OD2 1 
ATOM   1087 N  N   . GLU A 1 128 ? -17.977 -11.953 -3.860  1.00 23.38 ? 128 GLU A N   1 
ATOM   1088 C  CA  . GLU A 1 128 ? -18.337 -11.698 -2.458  1.00 23.92 ? 128 GLU A CA  1 
ATOM   1089 C  C   . GLU A 1 128 ? -17.219 -10.928 -1.732  1.00 27.64 ? 128 GLU A C   1 
ATOM   1090 O  O   . GLU A 1 128 ? -17.484 -10.006 -0.964  1.00 24.65 ? 128 GLU A O   1 
ATOM   1091 C  CB  . GLU A 1 128 ? -18.649 -13.014 -1.743  1.00 28.77 ? 128 GLU A CB  1 
ATOM   1092 C  CG  . GLU A 1 128 ? -19.948 -13.643 -2.253  1.00 27.19 ? 128 GLU A CG  1 
ATOM   1093 C  CD  . GLU A 1 128 ? -20.091 -15.106 -1.888  1.00 48.28 ? 128 GLU A CD  1 
ATOM   1094 O  OE1 . GLU A 1 128 ? -20.693 -15.399 -0.829  1.00 47.81 ? 128 GLU A OE1 1 
ATOM   1095 O  OE2 . GLU A 1 128 ? -19.617 -15.960 -2.671  1.00 44.78 ? 128 GLU A OE2 1 
ATOM   1096 N  N   . ALA A 1 129 ? -15.976 -11.302 -1.992  1.00 27.83 ? 129 ALA A N   1 
ATOM   1097 C  CA  . ALA A 1 129 ? -14.840 -10.583 -1.407  1.00 23.00 ? 129 ALA A CA  1 
ATOM   1098 C  C   . ALA A 1 129 ? -14.867 -9.112  -1.828  1.00 20.19 ? 129 ALA A C   1 
ATOM   1099 O  O   . ALA A 1 129 ? -14.701 -8.209  -1.013  1.00 25.23 ? 129 ALA A O   1 
ATOM   1100 C  CB  . ALA A 1 129 ? -13.535 -11.227 -1.818  1.00 23.96 ? 129 ALA A CB  1 
ATOM   1101 N  N   . ALA A 1 130 ? -15.064 -8.887  -3.119  1.00 22.85 ? 130 ALA A N   1 
ATOM   1102 C  CA  . ALA A 1 130 ? -15.026 -7.533  -3.671  1.00 20.60 ? 130 ALA A CA  1 
ATOM   1103 C  C   . ALA A 1 130 ? -16.092 -6.631  -3.046  1.00 22.31 ? 130 ALA A C   1 
ATOM   1104 O  O   . ALA A 1 130 ? -15.835 -5.467  -2.737  1.00 24.70 ? 130 ALA A O   1 
ATOM   1105 C  CB  . ALA A 1 130 ? -15.198 -7.587  -5.189  1.00 24.02 ? 130 ALA A CB  1 
ATOM   1106 N  N   . VAL A 1 131 ? -17.295 -7.168  -2.881  1.00 23.67 ? 131 VAL A N   1 
ATOM   1107 C  CA  . VAL A 1 131 ? -18.358 -6.457  -2.194  1.00 22.14 ? 131 VAL A CA  1 
ATOM   1108 C  C   . VAL A 1 131 ? -17.985 -6.178  -0.739  1.00 24.19 ? 131 VAL A C   1 
ATOM   1109 O  O   . VAL A 1 131 ? -18.221 -5.087  -0.227  1.00 26.70 ? 131 VAL A O   1 
ATOM   1110 C  CB  . VAL A 1 131 ? -19.689 -7.261  -2.252  1.00 28.09 ? 131 VAL A CB  1 
ATOM   1111 C  CG1 . VAL A 1 131 ? -20.759 -6.620  -1.365  1.00 29.69 ? 131 VAL A CG1 1 
ATOM   1112 C  CG2 . VAL A 1 131 ? -20.169 -7.354  -3.686  1.00 24.96 ? 131 VAL A CG2 1 
ATOM   1113 N  N   . ASN A 1 132 ? -17.389 -7.163  -0.074  1.00 24.61 ? 132 ASN A N   1 
ATOM   1114 C  CA  . ASN A 1 132 ? -17.031 -6.997  1.344   1.00 24.40 ? 132 ASN A CA  1 
ATOM   1115 C  C   . ASN A 1 132 ? -15.908 -5.975  1.524   1.00 25.38 ? 132 ASN A C   1 
ATOM   1116 O  O   . ASN A 1 132 ? -15.909 -5.191  2.473   1.00 21.94 ? 132 ASN A O   1 
ATOM   1117 C  CB  . ASN A 1 132 ? -16.620 -8.344  1.965   1.00 24.46 ? 132 ASN A CB  1 
ATOM   1118 C  CG  . ASN A 1 132 ? -16.444 -8.267  3.477   1.00 25.73 ? 132 ASN A CG  1 
ATOM   1119 O  OD1 . ASN A 1 132 ? -15.334 -8.067  3.978   1.00 30.41 ? 132 ASN A OD1 1 
ATOM   1120 N  ND2 . ASN A 1 132 ? -17.536 -8.429  4.209   1.00 29.97 ? 132 ASN A ND2 1 
ATOM   1121 N  N   . LEU A 1 133 ? -14.955 -5.993  0.600   1.00 21.96 ? 133 LEU A N   1 
ATOM   1122 C  CA  . LEU A 1 133 ? -13.826 -5.065  0.654   1.00 23.86 ? 133 LEU A CA  1 
ATOM   1123 C  C   . LEU A 1 133 ? -14.273 -3.613  0.508   1.00 24.63 ? 133 LEU A C   1 
ATOM   1124 O  O   . LEU A 1 133 ? -13.652 -2.702  1.062   1.00 26.86 ? 133 LEU A O   1 
ATOM   1125 C  CB  . LEU A 1 133 ? -12.810 -5.396  -0.443  1.00 19.87 ? 133 LEU A CB  1 
ATOM   1126 C  CG  . LEU A 1 133 ? -11.918 -6.619  -0.273  1.00 20.34 ? 133 LEU A CG  1 
ATOM   1127 C  CD1 . LEU A 1 133 ? -11.223 -6.968  -1.602  1.00 23.05 ? 133 LEU A CD1 1 
ATOM   1128 C  CD2 . LEU A 1 133 ? -10.891 -6.357  0.825   1.00 26.99 ? 133 LEU A CD2 1 
ATOM   1129 N  N   . ALA A 1 134 ? -15.357 -3.396  -0.235  1.00 24.72 ? 134 ALA A N   1 
ATOM   1130 C  CA  . ALA A 1 134 ? -15.828 -2.030  -0.470  1.00 22.37 ? 134 ALA A CA  1 
ATOM   1131 C  C   . ALA A 1 134 ? -16.586 -1.465  0.740   1.00 24.72 ? 134 ALA A C   1 
ATOM   1132 O  O   . ALA A 1 134 ? -16.887 -0.264  0.800   1.00 27.38 ? 134 ALA A O   1 
ATOM   1133 C  CB  . ALA A 1 134 ? -16.692 -1.983  -1.721  1.00 25.13 ? 134 ALA A CB  1 
ATOM   1134 N  N   . LYS A 1 135 ? -16.887 -2.327  1.707   1.00 22.87 ? 135 LYS A N   1 
ATOM   1135 C  CA  . LYS A 1 135 ? -17.564 -1.905  2.929   1.00 22.66 ? 135 LYS A CA  1 
ATOM   1136 C  C   . LYS A 1 135 ? -16.515 -1.482  3.957   1.00 24.58 ? 135 LYS A C   1 
ATOM   1137 O  O   . LYS A 1 135 ? -16.342 -2.108  5.005   1.00 26.52 ? 135 LYS A O   1 
ATOM   1138 C  CB  . LYS A 1 135 ? -18.475 -3.032  3.462   1.00 21.43 ? 135 LYS A CB  1 
ATOM   1139 C  CG  . LYS A 1 135 ? -19.641 -3.353  2.519   1.00 33.02 ? 135 LYS A CG  1 
ATOM   1140 C  CD  . LYS A 1 135 ? -20.509 -4.491  3.039   1.00 33.22 ? 135 LYS A CD  1 
ATOM   1141 C  CE  . LYS A 1 135 ? -21.764 -4.656  2.183   1.00 33.66 ? 135 LYS A CE  1 
ATOM   1142 N  NZ  . LYS A 1 135 ? -22.513 -5.929  2.475   1.00 38.24 ? 135 LYS A NZ  1 
ATOM   1143 N  N   . SER A 1 136 ? -15.801 -0.408  3.642   1.00 22.16 ? 136 SER A N   1 
ATOM   1144 C  CA  . SER A 1 136 ? -14.642 -0.037  4.440   1.00 20.55 ? 136 SER A CA  1 
ATOM   1145 C  C   . SER A 1 136 ? -14.372 1.461   4.399   1.00 24.13 ? 136 SER A C   1 
ATOM   1146 O  O   . SER A 1 136 ? -14.670 2.128   3.409   1.00 21.52 ? 136 SER A O   1 
ATOM   1147 C  CB  . SER A 1 136 ? -13.401 -0.784  3.937   1.00 21.40 ? 136 SER A CB  1 
ATOM   1148 O  OG  . SER A 1 136 ? -13.164 -0.465  2.572   1.00 22.65 ? 136 SER A OG  1 
ATOM   1149 N  N   . ARG A 1 137 ? -13.748 1.971   5.456   1.00 23.01 ? 137 ARG A N   1 
ATOM   1150 C  CA  . ARG A 1 137 ? -13.214 3.324   5.411   1.00 21.98 ? 137 ARG A CA  1 
ATOM   1151 C  C   . ARG A 1 137 ? -12.246 3.450   4.231   1.00 24.36 ? 137 ARG A C   1 
ATOM   1152 O  O   . ARG A 1 137 ? -12.223 4.465   3.545   1.00 24.58 ? 137 ARG A O   1 
ATOM   1153 C  CB  . ARG A 1 137 ? -12.496 3.699   6.722   1.00 24.76 ? 137 ARG A CB  1 
ATOM   1154 C  CG  . ARG A 1 137 ? -11.913 5.115   6.671   1.00 24.97 ? 137 ARG A CG  1 
ATOM   1155 C  CD  . ARG A 1 137 ? -11.151 5.516   7.920   1.00 26.23 ? 137 ARG A CD  1 
ATOM   1156 N  NE  . ARG A 1 137 ? -10.838 6.947   7.898   1.00 31.58 ? 137 ARG A NE  1 
ATOM   1157 C  CZ  . ARG A 1 137 ? -9.800  7.486   7.263   1.00 44.59 ? 137 ARG A CZ  1 
ATOM   1158 N  NH1 . ARG A 1 137 ? -8.954  6.719   6.585   1.00 35.57 ? 137 ARG A NH1 1 
ATOM   1159 N  NH2 . ARG A 1 137 ? -9.605  8.799   7.301   1.00 35.37 ? 137 ARG A NH2 1 
ATOM   1160 N  N   . TRP A 1 138 ? -11.467 2.400   3.990   1.00 22.44 ? 138 TRP A N   1 
ATOM   1161 C  CA  . TRP A 1 138 ? -10.501 2.391   2.891   1.00 24.82 ? 138 TRP A CA  1 
ATOM   1162 C  C   . TRP A 1 138 ? -11.145 2.748   1.555   1.00 21.01 ? 138 TRP A C   1 
ATOM   1163 O  O   . TRP A 1 138 ? -10.693 3.655   0.843   1.00 24.58 ? 138 TRP A O   1 
ATOM   1164 C  CB  . TRP A 1 138 ? -9.845  1.018   2.816   1.00 22.37 ? 138 TRP A CB  1 
ATOM   1165 C  CG  . TRP A 1 138 ? -8.992  0.779   1.606   1.00 24.63 ? 138 TRP A CG  1 
ATOM   1166 C  CD1 . TRP A 1 138 ? -7.908  1.517   1.192   1.00 25.45 ? 138 TRP A CD1 1 
ATOM   1167 C  CD2 . TRP A 1 138 ? -9.108  -0.318  0.689   1.00 23.71 ? 138 TRP A CD2 1 
ATOM   1168 N  NE1 . TRP A 1 138 ? -7.370  0.957   0.046   1.00 22.94 ? 138 TRP A NE1 1 
ATOM   1169 C  CE2 . TRP A 1 138 ? -8.081  -0.173  -0.274  1.00 25.19 ? 138 TRP A CE2 1 
ATOM   1170 C  CE3 . TRP A 1 138 ? -9.994  -1.397  0.576   1.00 22.24 ? 138 TRP A CE3 1 
ATOM   1171 C  CZ2 . TRP A 1 138 ? -7.910  -1.076  -1.329  1.00 22.36 ? 138 TRP A CZ2 1 
ATOM   1172 C  CZ3 . TRP A 1 138 ? -9.820  -2.296  -0.477  1.00 23.79 ? 138 TRP A CZ3 1 
ATOM   1173 C  CH2 . TRP A 1 138 ? -8.784  -2.128  -1.416  1.00 22.80 ? 138 TRP A CH2 1 
ATOM   1174 N  N   . TYR A 1 139 ? -12.221 2.041   1.220   1.00 20.38 ? 139 TYR A N   1 
ATOM   1175 C  CA  . TYR A 1 139 ? -12.967 2.318   0.009   1.00 22.19 ? 139 TYR A CA  1 
ATOM   1176 C  C   . TYR A 1 139 ? -13.564 3.724   0.035   1.00 25.81 ? 139 TYR A C   1 
ATOM   1177 O  O   . TYR A 1 139 ? -13.463 4.463   -0.932  1.00 25.61 ? 139 TYR A O   1 
ATOM   1178 C  CB  . TYR A 1 139 ? -14.074 1.274   -0.172  1.00 21.63 ? 139 TYR A CB  1 
ATOM   1179 C  CG  . TYR A 1 139 ? -14.913 1.472   -1.409  1.00 29.27 ? 139 TYR A CG  1 
ATOM   1180 C  CD1 . TYR A 1 139 ? -14.465 1.036   -2.645  1.00 33.90 ? 139 TYR A CD1 1 
ATOM   1181 C  CD2 . TYR A 1 139 ? -16.164 2.070   -1.331  1.00 30.55 ? 139 TYR A CD2 1 
ATOM   1182 C  CE1 . TYR A 1 139 ? -15.225 1.202   -3.776  1.00 33.10 ? 139 TYR A CE1 1 
ATOM   1183 C  CE2 . TYR A 1 139 ? -16.941 2.243   -2.465  1.00 37.57 ? 139 TYR A CE2 1 
ATOM   1184 C  CZ  . TYR A 1 139 ? -16.460 1.802   -3.683  1.00 47.15 ? 139 TYR A CZ  1 
ATOM   1185 O  OH  . TYR A 1 139 ? -17.216 1.963   -4.818  1.00 57.88 ? 139 TYR A OH  1 
ATOM   1186 N  N   . ASN A 1 140 ? -14.153 4.114   1.155   1.00 21.86 ? 140 ASN A N   1 
ATOM   1187 C  CA  . ASN A 1 140 ? -14.847 5.399   1.180   1.00 23.66 ? 140 ASN A CA  1 
ATOM   1188 C  C   . ASN A 1 140 ? -13.903 6.603   1.134   1.00 26.20 ? 140 ASN A C   1 
ATOM   1189 O  O   . ASN A 1 140 ? -14.263 7.641   0.585   1.00 29.61 ? 140 ASN A O   1 
ATOM   1190 C  CB  . ASN A 1 140 ? -15.755 5.478   2.408   1.00 26.41 ? 140 ASN A CB  1 
ATOM   1191 C  CG  . ASN A 1 140 ? -17.039 4.691   2.221   1.00 28.03 ? 140 ASN A CG  1 
ATOM   1192 O  OD1 . ASN A 1 140 ? -17.962 5.149   1.540   1.00 40.47 ? 140 ASN A OD1 1 
ATOM   1193 N  ND2 . ASN A 1 140 ? -17.105 3.501   2.815   1.00 27.22 ? 140 ASN A ND2 1 
ATOM   1194 N  N   . GLN A 1 141 ? -12.700 6.471   1.681   1.00 22.42 ? 141 GLN A N   1 
ATOM   1195 C  CA  . GLN A 1 141 ? -11.739 7.579   1.659   1.00 22.97 ? 141 GLN A CA  1 
ATOM   1196 C  C   . GLN A 1 141 ? -10.924 7.663   0.362   1.00 25.31 ? 141 GLN A C   1 
ATOM   1197 O  O   . GLN A 1 141 ? -10.614 8.759   -0.102  1.00 26.26 ? 141 GLN A O   1 
ATOM   1198 C  CB  . GLN A 1 141 ? -10.796 7.492   2.858   1.00 24.43 ? 141 GLN A CB  1 
ATOM   1199 C  CG  . GLN A 1 141 ? -11.506 7.610   4.205   1.00 35.94 ? 141 GLN A CG  1 
ATOM   1200 C  CD  . GLN A 1 141 ? -12.286 8.915   4.371   1.00 38.08 ? 141 GLN A CD  1 
ATOM   1201 O  OE1 . GLN A 1 141 ? -13.465 8.908   4.742   1.00 34.23 ? 141 GLN A OE1 1 
ATOM   1202 N  NE2 . GLN A 1 141 ? -11.628 10.037  4.097   1.00 31.71 ? 141 GLN A NE2 1 
ATOM   1203 N  N   . THR A 1 142 ? -10.575 6.522   -0.235  1.00 20.07 ? 142 THR A N   1 
ATOM   1204 C  CA  . THR A 1 142 ? -9.889  6.547   -1.531  1.00 20.93 ? 142 THR A CA  1 
ATOM   1205 C  C   . THR A 1 142 ? -10.582 5.639   -2.533  1.00 23.34 ? 142 THR A C   1 
ATOM   1206 O  O   . THR A 1 142 ? -10.038 4.592   -2.912  1.00 25.03 ? 142 THR A O   1 
ATOM   1207 C  CB  . THR A 1 142 ? -8.391  6.111   -1.416  1.00 25.68 ? 142 THR A CB  1 
ATOM   1208 O  OG1 . THR A 1 142 ? -8.294  4.881   -0.677  1.00 26.28 ? 142 THR A OG1 1 
ATOM   1209 C  CG2 . THR A 1 142 ? -7.586  7.164   -0.693  1.00 25.29 ? 142 THR A CG2 1 
ATOM   1210 N  N   . PRO A 1 143 ? -11.785 6.035   -2.980  1.00 24.85 ? 143 PRO A N   1 
ATOM   1211 C  CA  . PRO A 1 143 ? -12.587 5.118   -3.803  1.00 22.61 ? 143 PRO A CA  1 
ATOM   1212 C  C   . PRO A 1 143 ? -11.986 4.777   -5.176  1.00 22.47 ? 143 PRO A C   1 
ATOM   1213 O  O   . PRO A 1 143 ? -12.108 3.623   -5.583  1.00 19.54 ? 143 PRO A O   1 
ATOM   1214 C  CB  . PRO A 1 143 ? -13.928 5.864   -3.955  1.00 26.60 ? 143 PRO A CB  1 
ATOM   1215 C  CG  . PRO A 1 143 ? -13.610 7.310   -3.703  1.00 21.44 ? 143 PRO A CG  1 
ATOM   1216 C  CD  . PRO A 1 143 ? -12.497 7.290   -2.676  1.00 26.44 ? 143 PRO A CD  1 
ATOM   1217 N  N   . ASP A 1 144 ? -11.355 5.722   -5.871  1.00 22.98 ? 144 ASP A N   1 
ATOM   1218 C  CA  . ASP A 1 144 ? -10.822 5.424   -7.197  1.00 23.11 ? 144 ASP A CA  1 
ATOM   1219 C  C   . ASP A 1 144 ? -9.722  4.360   -7.127  1.00 23.43 ? 144 ASP A C   1 
ATOM   1220 O  O   . ASP A 1 144 ? -9.719  3.389   -7.899  1.00 20.96 ? 144 ASP A O   1 
ATOM   1221 C  CB  . ASP A 1 144 ? -10.259 6.681   -7.874  1.00 30.25 ? 144 ASP A CB  1 
ATOM   1222 C  CG  . ASP A 1 144 ? -11.352 7.644   -8.347  1.00 44.18 ? 144 ASP A CG  1 
ATOM   1223 O  OD1 . ASP A 1 144 ? -12.536 7.247   -8.406  1.00 41.95 ? 144 ASP A OD1 1 
ATOM   1224 O  OD2 . ASP A 1 144 ? -11.013 8.806   -8.674  1.00 53.01 ? 144 ASP A OD2 1 
ATOM   1225 N  N   . ARG A 1 145 ? -8.782  4.565   -6.212  1.00 21.78 ? 145 ARG A N   1 
ATOM   1226 C  CA  . ARG A 1 145 ? -7.695  3.615   -6.035  1.00 21.49 ? 145 ARG A CA  1 
ATOM   1227 C  C   . ARG A 1 145 ? -8.236  2.287   -5.488  1.00 21.48 ? 145 ARG A C   1 
ATOM   1228 O  O   . ARG A 1 145 ? -7.848  1.216   -5.955  1.00 20.98 ? 145 ARG A O   1 
ATOM   1229 C  CB  . ARG A 1 145 ? -6.629  4.187   -5.110  1.00 24.46 ? 145 ARG A CB  1 
ATOM   1230 C  CG  . ARG A 1 145 ? -5.325  3.412   -5.121  1.00 28.37 ? 145 ARG A CG  1 
ATOM   1231 C  CD  . ARG A 1 145 ? -4.891  3.154   -3.722  1.00 30.05 ? 145 ARG A CD  1 
ATOM   1232 N  NE  . ARG A 1 145 ? -3.607  2.465   -3.613  1.00 24.47 ? 145 ARG A NE  1 
ATOM   1233 C  CZ  . ARG A 1 145 ? -2.531  3.001   -3.050  1.00 28.87 ? 145 ARG A CZ  1 
ATOM   1234 N  NH1 . ARG A 1 145 ? -2.570  4.244   -2.584  1.00 25.12 ? 145 ARG A NH1 1 
ATOM   1235 N  NH2 . ARG A 1 145 ? -1.411  2.297   -2.954  1.00 23.02 ? 145 ARG A NH2 1 
ATOM   1236 N  N   . ALA A 1 146 ? -9.115  2.357   -4.490  1.00 23.50 ? 146 ALA A N   1 
ATOM   1237 C  CA  . ALA A 1 146 ? -9.668  1.136   -3.904  1.00 24.51 ? 146 ALA A CA  1 
ATOM   1238 C  C   . ALA A 1 146 ? -10.416 0.339   -4.970  1.00 23.59 ? 146 ALA A C   1 
ATOM   1239 O  O   . ALA A 1 146 ? -10.311 -0.893  -5.005  1.00 24.94 ? 146 ALA A O   1 
ATOM   1240 C  CB  . ALA A 1 146 ? -10.585 1.447   -2.732  1.00 25.75 ? 146 ALA A CB  1 
ATOM   1241 N  N   . LYS A 1 147 ? -11.172 1.021   -5.833  1.00 21.73 ? 147 LYS A N   1 
ATOM   1242 C  CA  A LYS A 1 147 ? -11.873 0.344   -6.922  0.56 24.68 ? 147 LYS A CA  1 
ATOM   1243 C  CA  B LYS A 1 147 ? -11.872 0.330   -6.906  0.44 24.69 ? 147 LYS A CA  1 
ATOM   1244 C  C   . LYS A 1 147 ? -10.898 -0.409  -7.826  1.00 26.68 ? 147 LYS A C   1 
ATOM   1245 O  O   . LYS A 1 147 ? -11.176 -1.536  -8.248  1.00 26.33 ? 147 LYS A O   1 
ATOM   1246 C  CB  A LYS A 1 147 ? -12.686 1.338   -7.758  0.56 25.42 ? 147 LYS A CB  1 
ATOM   1247 C  CB  B LYS A 1 147 ? -12.722 1.304   -7.719  0.44 25.43 ? 147 LYS A CB  1 
ATOM   1248 C  CG  A LYS A 1 147 ? -14.061 1.666   -7.193  0.56 22.64 ? 147 LYS A CG  1 
ATOM   1249 C  CG  B LYS A 1 147 ? -13.453 0.636   -8.863  0.44 25.47 ? 147 LYS A CG  1 
ATOM   1250 C  CD  A LYS A 1 147 ? -14.765 2.740   -8.032  0.56 26.01 ? 147 LYS A CD  1 
ATOM   1251 C  CD  B LYS A 1 147 ? -14.723 1.375   -9.225  0.44 28.32 ? 147 LYS A CD  1 
ATOM   1252 C  CE  A LYS A 1 147 ? -15.869 3.424   -7.238  0.56 34.26 ? 147 LYS A CE  1 
ATOM   1253 C  CE  B LYS A 1 147 ? -15.495 0.598   -10.273 0.44 32.14 ? 147 LYS A CE  1 
ATOM   1254 N  NZ  A LYS A 1 147 ? -16.405 4.641   -7.917  0.56 39.66 ? 147 LYS A NZ  1 
ATOM   1255 N  NZ  B LYS A 1 147 ? -15.660 -0.832  -9.877  0.44 29.47 ? 147 LYS A NZ  1 
ATOM   1256 N  N   . ARG A 1 148 ? -9.755  0.216   -8.128  1.00 21.53 ? 148 ARG A N   1 
ATOM   1257 C  CA  . ARG A 1 148 ? -8.758  -0.440  -8.986  1.00 19.08 ? 148 ARG A CA  1 
ATOM   1258 C  C   . ARG A 1 148 ? -8.218  -1.712  -8.335  1.00 22.97 ? 148 ARG A C   1 
ATOM   1259 O  O   . ARG A 1 148 ? -8.092  -2.751  -8.985  1.00 21.52 ? 148 ARG A O   1 
ATOM   1260 C  CB  . ARG A 1 148 ? -7.595  0.502   -9.307  1.00 22.53 ? 148 ARG A CB  1 
ATOM   1261 C  CG  . ARG A 1 148 ? -7.944  1.562   -10.339 1.00 23.16 ? 148 ARG A CG  1 
ATOM   1262 C  CD  . ARG A 1 148 ? -6.687  2.239   -10.876 1.00 25.23 ? 148 ARG A CD  1 
ATOM   1263 N  NE  . ARG A 1 148 ? -6.007  3.053   -9.875  1.00 22.26 ? 148 ARG A NE  1 
ATOM   1264 C  CZ  . ARG A 1 148 ? -6.331  4.313   -9.589  1.00 27.28 ? 148 ARG A CZ  1 
ATOM   1265 N  NH1 . ARG A 1 148 ? -7.342  4.905   -10.221 1.00 24.44 ? 148 ARG A NH1 1 
ATOM   1266 N  NH2 . ARG A 1 148 ? -5.652  4.985   -8.667  1.00 27.14 ? 148 ARG A NH2 1 
ATOM   1267 N  N   . VAL A 1 149 ? -7.913  -1.619  -7.044  1.00 22.55 ? 149 VAL A N   1 
ATOM   1268 C  CA  . VAL A 1 149 ? -7.361  -2.748  -6.297  1.00 22.74 ? 149 VAL A CA  1 
ATOM   1269 C  C   . VAL A 1 149 ? -8.398  -3.858  -6.149  1.00 22.89 ? 149 VAL A C   1 
ATOM   1270 O  O   . VAL A 1 149 ? -8.094  -5.038  -6.353  1.00 22.74 ? 149 VAL A O   1 
ATOM   1271 C  CB  . VAL A 1 149 ? -6.855  -2.292  -4.905  1.00 18.45 ? 149 VAL A CB  1 
ATOM   1272 C  CG1 . VAL A 1 149 ? -6.392  -3.484  -4.058  1.00 22.61 ? 149 VAL A CG1 1 
ATOM   1273 C  CG2 . VAL A 1 149 ? -5.725  -1.301  -5.074  1.00 21.14 ? 149 VAL A CG2 1 
ATOM   1274 N  N   . ILE A 1 150 ? -9.620  -3.483  -5.793  1.00 21.21 ? 150 ILE A N   1 
ATOM   1275 C  CA  . ILE A 1 150 ? -10.689 -4.474  -5.639  1.00 20.69 ? 150 ILE A CA  1 
ATOM   1276 C  C   . ILE A 1 150 ? -10.964 -5.193  -6.969  1.00 23.97 ? 150 ILE A C   1 
ATOM   1277 O  O   . ILE A 1 150 ? -11.168 -6.419  -7.007  1.00 20.83 ? 150 ILE A O   1 
ATOM   1278 C  CB  . ILE A 1 150 ? -11.977 -3.812  -5.096  1.00 23.34 ? 150 ILE A CB  1 
ATOM   1279 C  CG1 . ILE A 1 150 ? -11.767 -3.379  -3.642  1.00 24.53 ? 150 ILE A CG1 1 
ATOM   1280 C  CG2 . ILE A 1 150 ? -13.158 -4.777  -5.193  1.00 26.34 ? 150 ILE A CG2 1 
ATOM   1281 C  CD1 . ILE A 1 150 ? -12.969 -2.615  -3.024  1.00 20.70 ? 150 ILE A CD1 1 
ATOM   1282 N  N   . THR A 1 151 ? -10.971 -4.438  -8.064  1.00 21.87 ? 151 THR A N   1 
ATOM   1283 C  CA  . THR A 1 151 ? -11.195 -5.036  -9.380  1.00 25.66 ? 151 THR A CA  1 
ATOM   1284 C  C   . THR A 1 151 ? -10.103 -6.058  -9.667  1.00 21.24 ? 151 THR A C   1 
ATOM   1285 O  O   . THR A 1 151 ? -10.355 -7.114  -10.286 1.00 23.83 ? 151 THR A O   1 
ATOM   1286 C  CB  . THR A 1 151 ? -11.208 -3.974  -10.499 1.00 25.11 ? 151 THR A CB  1 
ATOM   1287 O  OG1 . THR A 1 151 ? -12.439 -3.245  -10.440 1.00 28.29 ? 151 THR A OG1 1 
ATOM   1288 C  CG2 . THR A 1 151 ? -11.047 -4.618  -11.883 1.00 26.47 ? 151 THR A CG2 1 
ATOM   1289 N  N   . THR A 1 152 ? -8.895  -5.747  -9.208  1.00 20.38 ? 152 THR A N   1 
ATOM   1290 C  CA  . THR A 1 152 ? -7.770  -6.631  -9.422  1.00 19.50 ? 152 THR A CA  1 
ATOM   1291 C  C   . THR A 1 152 ? -7.982  -7.909  -8.605  1.00 24.05 ? 152 THR A C   1 
ATOM   1292 O  O   . THR A 1 152 ? -7.710  -9.007  -9.102  1.00 24.94 ? 152 THR A O   1 
ATOM   1293 C  CB  . THR A 1 152 ? -6.423  -5.960  -9.063  1.00 22.02 ? 152 THR A CB  1 
ATOM   1294 O  OG1 . THR A 1 152 ? -6.321  -4.719  -9.771  1.00 24.23 ? 152 THR A OG1 1 
ATOM   1295 C  CG2 . THR A 1 152 ? -5.269  -6.866  -9.481  1.00 23.15 ? 152 THR A CG2 1 
ATOM   1296 N  N   . PHE A 1 153 ? -8.497  -7.777  -7.378  1.00 20.00 ? 153 PHE A N   1 
ATOM   1297 C  CA  . PHE A 1 153 ? -8.798  -8.949  -6.556  1.00 22.53 ? 153 PHE A CA  1 
ATOM   1298 C  C   . PHE A 1 153 ? -9.937  -9.741  -7.174  1.00 27.39 ? 153 PHE A C   1 
ATOM   1299 O  O   . PHE A 1 153 ? -9.958  -10.967 -7.112  1.00 27.84 ? 153 PHE A O   1 
ATOM   1300 C  CB  . PHE A 1 153 ? -9.217  -8.567  -5.130  1.00 19.33 ? 153 PHE A CB  1 
ATOM   1301 C  CG  . PHE A 1 153 ? -8.087  -8.340  -4.169  1.00 24.41 ? 153 PHE A CG  1 
ATOM   1302 C  CD1 . PHE A 1 153 ? -7.132  -9.325  -3.911  1.00 19.99 ? 153 PHE A CD1 1 
ATOM   1303 C  CD2 . PHE A 1 153 ? -8.040  -7.156  -3.447  1.00 21.80 ? 153 PHE A CD2 1 
ATOM   1304 C  CE1 . PHE A 1 153 ? -6.132  -9.105  -2.970  1.00 19.86 ? 153 PHE A CE1 1 
ATOM   1305 C  CE2 . PHE A 1 153 ? -7.041  -6.933  -2.508  1.00 23.11 ? 153 PHE A CE2 1 
ATOM   1306 C  CZ  . PHE A 1 153 ? -6.091  -7.911  -2.268  1.00 24.92 ? 153 PHE A CZ  1 
ATOM   1307 N  N   . ARG A 1 154 ? -10.912 -9.033  -7.729  1.00 25.09 ? 154 ARG A N   1 
ATOM   1308 C  CA  . ARG A 1 154 ? -12.099 -9.697  -8.257  1.00 24.54 ? 154 ARG A CA  1 
ATOM   1309 C  C   . ARG A 1 154 ? -11.789 -10.529 -9.502  1.00 25.79 ? 154 ARG A C   1 
ATOM   1310 O  O   . ARG A 1 154 ? -12.274 -11.659 -9.646  1.00 24.15 ? 154 ARG A O   1 
ATOM   1311 C  CB  . ARG A 1 154 ? -13.189 -8.672  -8.581  1.00 24.72 ? 154 ARG A CB  1 
ATOM   1312 C  CG  . ARG A 1 154 ? -14.484 -9.341  -9.013  1.00 26.95 ? 154 ARG A CG  1 
ATOM   1313 C  CD  . ARG A 1 154 ? -15.612 -8.349  -9.275  1.00 29.80 ? 154 ARG A CD  1 
ATOM   1314 N  NE  . ARG A 1 154 ? -15.236 -7.286  -10.202 1.00 36.97 ? 154 ARG A NE  1 
ATOM   1315 C  CZ  . ARG A 1 154 ? -15.354 -7.364  -11.527 1.00 51.93 ? 154 ARG A CZ  1 
ATOM   1316 N  NH1 . ARG A 1 154 ? -15.833 -8.466  -12.092 1.00 43.62 ? 154 ARG A NH1 1 
ATOM   1317 N  NH2 . ARG A 1 154 ? -14.987 -6.338  -12.287 1.00 44.95 ? 154 ARG A NH2 1 
ATOM   1318 N  N   . THR A 1 155 ? -10.967 -9.974  -10.389 1.00 26.29 ? 155 THR A N   1 
ATOM   1319 C  CA  . THR A 1 155 ? -10.747 -10.544 -11.722 1.00 29.43 ? 155 THR A CA  1 
ATOM   1320 C  C   . THR A 1 155 ? -9.433  -11.293 -11.894 1.00 29.46 ? 155 THR A C   1 
ATOM   1321 O  O   . THR A 1 155 ? -9.328  -12.171 -12.748 1.00 33.13 ? 155 THR A O   1 
ATOM   1322 C  CB  . THR A 1 155 ? -10.769 -9.459  -12.815 1.00 27.55 ? 155 THR A CB  1 
ATOM   1323 O  OG1 . THR A 1 155 ? -9.619  -8.606  -12.675 1.00 25.19 ? 155 THR A OG1 1 
ATOM   1324 C  CG2 . THR A 1 155 ? -12.063 -8.643  -12.759 1.00 31.40 ? 155 THR A CG2 1 
ATOM   1325 N  N   . GLY A 1 156 ? -8.412  -10.916 -11.130 1.00 25.21 ? 156 GLY A N   1 
ATOM   1326 C  CA  . GLY A 1 156 ? -7.101  -11.505 -11.311 1.00 24.20 ? 156 GLY A CA  1 
ATOM   1327 C  C   . GLY A 1 156 ? -6.457  -11.058 -12.622 1.00 24.79 ? 156 GLY A C   1 
ATOM   1328 O  O   . GLY A 1 156 ? -5.588  -11.741 -13.155 1.00 25.59 ? 156 GLY A O   1 
ATOM   1329 N  N   . THR A 1 157 ? -6.916  -9.922  -13.146 1.00 24.41 ? 157 THR A N   1 
ATOM   1330 C  CA  . THR A 1 157 ? -6.370  -9.313  -14.358 1.00 24.91 ? 157 THR A CA  1 
ATOM   1331 C  C   . THR A 1 157 ? -5.944  -7.882  -14.076 1.00 25.30 ? 157 THR A C   1 
ATOM   1332 O  O   . THR A 1 157 ? -6.293  -7.323  -13.040 1.00 24.38 ? 157 THR A O   1 
ATOM   1333 C  CB  . THR A 1 157 ? -7.391  -9.260  -15.509 1.00 27.26 ? 157 THR A CB  1 
ATOM   1334 O  OG1 . THR A 1 157 ? -8.328  -8.200  -15.255 1.00 27.76 ? 157 THR A OG1 1 
ATOM   1335 C  CG2 . THR A 1 157 ? -8.145  -10.580 -15.642 1.00 26.76 ? 157 THR A CG2 1 
ATOM   1336 N  N   . TRP A 1 158 ? -5.234  -7.285  -15.028 1.00 24.17 ? 158 TRP A N   1 
ATOM   1337 C  CA  . TRP A 1 158 ? -4.778  -5.897  -14.905 1.00 26.76 ? 158 TRP A CA  1 
ATOM   1338 C  C   . TRP A 1 158 ? -5.730  -4.906  -15.583 1.00 25.89 ? 158 TRP A C   1 
ATOM   1339 O  O   . TRP A 1 158 ? -5.351  -3.768  -15.851 1.00 28.54 ? 158 TRP A O   1 
ATOM   1340 C  CB  . TRP A 1 158 ? -3.377  -5.735  -15.507 1.00 26.81 ? 158 TRP A CB  1 
ATOM   1341 C  CG  . TRP A 1 158 ? -2.291  -6.427  -14.751 1.00 24.72 ? 158 TRP A CG  1 
ATOM   1342 C  CD1 . TRP A 1 158 ? -1.580  -7.531  -15.146 1.00 26.56 ? 158 TRP A CD1 1 
ATOM   1343 C  CD2 . TRP A 1 158 ? -1.795  -6.070  -13.462 1.00 25.10 ? 158 TRP A CD2 1 
ATOM   1344 N  NE1 . TRP A 1 158 ? -0.663  -7.872  -14.180 1.00 27.72 ? 158 TRP A NE1 1 
ATOM   1345 C  CE2 . TRP A 1 158 ? -0.775  -6.994  -13.132 1.00 27.09 ? 158 TRP A CE2 1 
ATOM   1346 C  CE3 . TRP A 1 158 ? -2.108  -5.054  -12.550 1.00 30.86 ? 158 TRP A CE3 1 
ATOM   1347 C  CZ2 . TRP A 1 158 ? -0.060  -6.925  -11.933 1.00 27.52 ? 158 TRP A CZ2 1 
ATOM   1348 C  CZ3 . TRP A 1 158 ? -1.392  -4.990  -11.354 1.00 22.94 ? 158 TRP A CZ3 1 
ATOM   1349 C  CH2 . TRP A 1 158 ? -0.384  -5.918  -11.059 1.00 28.57 ? 158 TRP A CH2 1 
ATOM   1350 N  N   . ASP A 1 159 ? -6.968  -5.318  -15.837 1.00 28.84 ? 159 ASP A N   1 
ATOM   1351 C  CA  A ASP A 1 159 ? -7.903  -4.482  -16.591 0.47 30.86 ? 159 ASP A CA  1 
ATOM   1352 C  CA  B ASP A 1 159 ? -7.910  -4.485  -16.587 0.53 30.86 ? 159 ASP A CA  1 
ATOM   1353 C  C   . ASP A 1 159 ? -8.153  -3.100  -15.969 1.00 30.04 ? 159 ASP A C   1 
ATOM   1354 O  O   . ASP A 1 159 ? -8.486  -2.144  -16.678 1.00 30.58 ? 159 ASP A O   1 
ATOM   1355 C  CB  A ASP A 1 159 ? -9.238  -5.214  -16.763 0.47 32.59 ? 159 ASP A CB  1 
ATOM   1356 C  CB  B ASP A 1 159 ? -9.249  -5.214  -16.740 0.53 32.58 ? 159 ASP A CB  1 
ATOM   1357 C  CG  A ASP A 1 159 ? -9.180  -6.291  -17.836 0.47 38.10 ? 159 ASP A CG  1 
ATOM   1358 C  CG  B ASP A 1 159 ? -9.127  -6.501  -17.539 0.53 38.30 ? 159 ASP A CG  1 
ATOM   1359 O  OD1 A ASP A 1 159 ? -8.070  -6.797  -18.124 0.47 37.17 ? 159 ASP A OD1 1 
ATOM   1360 O  OD1 B ASP A 1 159 ? -8.248  -6.575  -18.430 0.53 38.01 ? 159 ASP A OD1 1 
ATOM   1361 O  OD2 A ASP A 1 159 ? -10.247 -6.632  -18.390 0.47 36.53 ? 159 ASP A OD2 1 
ATOM   1362 O  OD2 B ASP A 1 159 ? -9.903  -7.443  -17.268 0.53 38.97 ? 159 ASP A OD2 1 
ATOM   1363 N  N   . ALA A 1 160 ? -7.993  -2.975  -14.654 1.00 22.79 ? 160 ALA A N   1 
ATOM   1364 C  CA  . ALA A 1 160 ? -8.227  -1.671  -14.027 1.00 23.74 ? 160 ALA A CA  1 
ATOM   1365 C  C   . ALA A 1 160 ? -7.050  -0.711  -14.180 1.00 30.32 ? 160 ALA A C   1 
ATOM   1366 O  O   . ALA A 1 160 ? -7.167  0.478   -13.879 1.00 25.89 ? 160 ALA A O   1 
ATOM   1367 C  CB  . ALA A 1 160 ? -8.562  -1.847  -12.538 1.00 23.70 ? 160 ALA A CB  1 
ATOM   1368 N  N   . TYR A 1 161 ? -5.919  -1.227  -14.652 1.00 26.71 ? 161 TYR A N   1 
ATOM   1369 C  CA  . TYR A 1 161 ? -4.709  -0.432  -14.768 1.00 26.13 ? 161 TYR A CA  1 
ATOM   1370 C  C   . TYR A 1 161 ? -4.293  -0.225  -16.216 1.00 27.71 ? 161 TYR A C   1 
ATOM   1371 O  O   . TYR A 1 161 ? -3.298  0.455   -16.479 1.00 31.91 ? 161 TYR A O   1 
ATOM   1372 C  CB  . TYR A 1 161 ? -3.579  -1.087  -13.977 1.00 25.09 ? 161 TYR A CB  1 
ATOM   1373 C  CG  . TYR A 1 161 ? -3.759  -0.950  -12.476 1.00 23.79 ? 161 TYR A CG  1 
ATOM   1374 C  CD1 . TYR A 1 161 ? -4.507  -1.877  -11.761 1.00 22.69 ? 161 TYR A CD1 1 
ATOM   1375 C  CD2 . TYR A 1 161 ? -3.213  0.132   -11.781 1.00 22.54 ? 161 TYR A CD2 1 
ATOM   1376 C  CE1 . TYR A 1 161 ? -4.690  -1.750  -10.394 1.00 21.86 ? 161 TYR A CE1 1 
ATOM   1377 C  CE2 . TYR A 1 161 ? -3.397  0.267   -10.409 1.00 20.55 ? 161 TYR A CE2 1 
ATOM   1378 C  CZ  . TYR A 1 161 ? -4.140  -0.679  -9.723  1.00 22.96 ? 161 TYR A CZ  1 
ATOM   1379 O  OH  . TYR A 1 161 ? -4.329  -0.569  -8.357  1.00 21.56 ? 161 TYR A OH  1 
HETATM 1380 C  C6  . B20 B 2 .   ? -4.724  -10.371 1.016   1.00 28.93 ? 201 B20 A C6  1 
HETATM 1381 C  C5  . B20 B 2 .   ? -3.702  -11.164 1.452   1.00 20.13 ? 201 B20 A C5  1 
HETATM 1382 C  C4  . B20 B 2 .   ? -2.605  -10.593 2.149   1.00 23.77 ? 201 B20 A C4  1 
HETATM 1383 C  C3  . B20 B 2 .   ? -2.521  -9.253  2.402   1.00 27.74 ? 201 B20 A C3  1 
HETATM 1384 B  B2  . B20 B 2 .   ? -3.636  -8.382  1.918   1.00 25.75 ? 201 B20 A B2  1 
HETATM 1385 N  N1  . B20 B 2 .   ? -4.707  -9.012  1.236   1.00 25.05 ? 201 B20 A N1  1 
HETATM 1386 CL CL  . CL  C 3 .   ? 16.217  3.879   4.100   1.00 40.56 ? 202 CL  A CL  1 
HETATM 1387 CL CL  . CL  D 3 .   ? -20.219 -8.545  2.579   1.00 49.42 ? 203 CL  A CL  1 
HETATM 1388 O  O   . HOH E 4 .   ? 10.691  22.582  8.586   1.00 47.52 ? 301 HOH A O   1 
HETATM 1389 O  O   . HOH E 4 .   ? -1.393  13.251  -3.968  1.00 48.68 ? 302 HOH A O   1 
HETATM 1390 O  O   . HOH E 4 .   ? 2.473   21.108  9.715   1.00 36.08 ? 303 HOH A O   1 
HETATM 1391 O  O   . HOH E 4 .   ? 8.785   0.477   -16.714 0.50 45.41 ? 304 HOH A O   1 
HETATM 1392 O  O   . HOH E 4 .   ? -7.122  -8.813  -19.087 1.00 46.27 ? 305 HOH A O   1 
HETATM 1393 O  O   . HOH E 4 .   ? 4.549   -9.020  9.950   0.94 38.01 ? 306 HOH A O   1 
HETATM 1394 O  O   . HOH E 4 .   ? -16.697 -16.489 3.846   1.00 41.69 ? 307 HOH A O   1 
HETATM 1395 O  O   . HOH E 4 .   ? -5.825  -15.755 7.839   1.00 45.94 ? 308 HOH A O   1 
HETATM 1396 O  O   . HOH E 4 .   ? 18.767  -0.834  1.011   1.00 37.94 ? 309 HOH A O   1 
HETATM 1397 O  O   . HOH E 4 .   ? -1.560  7.682   4.923   1.00 42.69 ? 310 HOH A O   1 
HETATM 1398 O  O   . HOH E 4 .   ? 14.655  -5.402  -3.541  1.00 43.14 ? 311 HOH A O   1 
HETATM 1399 O  O   . HOH E 4 .   ? 18.974  2.753   2.044   1.00 30.83 ? 312 HOH A O   1 
HETATM 1400 O  O   . HOH E 4 .   ? -9.420  11.211  3.465   1.00 45.20 ? 313 HOH A O   1 
HETATM 1401 O  O   . HOH E 4 .   ? -21.833 -11.436 -8.522  1.00 45.93 ? 314 HOH A O   1 
HETATM 1402 O  O   . HOH E 4 .   ? 0.201   5.002   0.470   1.00 37.11 ? 315 HOH A O   1 
HETATM 1403 O  O   . HOH E 4 .   ? -4.512  -0.231  -1.619  1.00 23.84 ? 316 HOH A O   1 
HETATM 1404 O  O   . HOH E 4 .   ? -12.829 -1.172  -11.972 1.00 36.04 ? 317 HOH A O   1 
HETATM 1405 O  O   . HOH E 4 .   ? -6.256  -17.400 -7.721  1.00 30.35 ? 318 HOH A O   1 
HETATM 1406 O  O   . HOH E 4 .   ? -7.015  -4.841  -12.530 1.00 26.41 ? 319 HOH A O   1 
HETATM 1407 O  O   . HOH E 4 .   ? 2.691   14.062  8.853   1.00 27.76 ? 320 HOH A O   1 
HETATM 1408 O  O   . HOH E 4 .   ? -9.410  1.867   -13.802 1.00 26.08 ? 321 HOH A O   1 
HETATM 1409 O  O   . HOH E 4 .   ? 20.780  10.699  -6.737  1.00 35.83 ? 322 HOH A O   1 
HETATM 1410 O  O   . HOH E 4 .   ? -16.548 -10.943 -11.451 1.00 39.52 ? 323 HOH A O   1 
HETATM 1411 O  O   . HOH E 4 .   ? -4.332  6.656   -6.281  1.00 34.50 ? 324 HOH A O   1 
HETATM 1412 O  O   . HOH E 4 .   ? -13.488 -13.462 -11.190 1.00 32.42 ? 325 HOH A O   1 
HETATM 1413 O  O   . HOH E 4 .   ? 15.274  16.769  4.745   1.00 32.79 ? 326 HOH A O   1 
HETATM 1414 O  O   . HOH E 4 .   ? -11.002 -12.993 -14.663 1.00 38.10 ? 327 HOH A O   1 
HETATM 1415 O  O   . HOH E 4 .   ? -7.247  -17.338 -2.761  1.00 25.09 ? 328 HOH A O   1 
HETATM 1416 O  O   . HOH E 4 .   ? 15.067  16.723  -7.035  1.00 37.17 ? 329 HOH A O   1 
HETATM 1417 O  O   . HOH E 4 .   ? -2.214  -20.903 1.988   1.00 28.33 ? 330 HOH A O   1 
HETATM 1418 O  O   . HOH E 4 .   ? 4.965   -15.590 11.249  1.00 47.69 ? 331 HOH A O   1 
HETATM 1419 O  O   . HOH E 4 .   ? -7.402  -21.320 -1.343  1.00 31.79 ? 332 HOH A O   1 
HETATM 1420 O  O   . HOH E 4 .   ? -11.562 10.641  7.547   1.00 49.86 ? 333 HOH A O   1 
HETATM 1421 O  O   . HOH E 4 .   ? 1.891   8.376   2.588   1.00 29.11 ? 334 HOH A O   1 
HETATM 1422 O  O   . HOH E 4 .   ? 7.414   20.922  17.364  1.00 49.97 ? 335 HOH A O   1 
HETATM 1423 O  O   . HOH E 4 .   ? 0.167   8.333   -10.615 1.00 38.65 ? 336 HOH A O   1 
HETATM 1424 O  O   . HOH E 4 .   ? -16.919 -3.899  -4.662  1.00 29.32 ? 337 HOH A O   1 
HETATM 1425 O  O   . HOH E 4 .   ? -19.091 1.681   2.525   1.00 41.43 ? 338 HOH A O   1 
HETATM 1426 O  O   . HOH E 4 .   ? 18.698  17.297  -1.614  1.00 34.41 ? 339 HOH A O   1 
HETATM 1427 O  O   . HOH E 4 .   ? -4.797  -14.197 -12.318 1.00 35.08 ? 340 HOH A O   1 
HETATM 1428 O  O   . HOH E 4 .   ? -13.918 -7.972  7.332   1.00 39.56 ? 341 HOH A O   1 
HETATM 1429 O  O   . HOH E 4 .   ? 8.019   20.434  0.067   1.00 38.64 ? 342 HOH A O   1 
HETATM 1430 O  O   . HOH E 4 .   ? -6.002  -19.017 6.834   1.00 37.75 ? 343 HOH A O   1 
HETATM 1431 O  O   . HOH E 4 .   ? 3.013   3.894   1.678   1.00 32.78 ? 344 HOH A O   1 
HETATM 1432 O  O   . HOH E 4 .   ? 8.254   -2.891  -14.489 1.00 38.31 ? 345 HOH A O   1 
HETATM 1433 O  O   . HOH E 4 .   ? 0.999   16.460  8.791   1.00 33.39 ? 346 HOH A O   1 
HETATM 1434 O  O   . HOH E 4 .   ? -16.421 8.027   -1.086  1.00 29.04 ? 347 HOH A O   1 
HETATM 1435 O  O   . HOH E 4 .   ? 3.335   2.454   -13.944 1.00 30.16 ? 348 HOH A O   1 
HETATM 1436 O  O   . HOH E 4 .   ? 12.544  2.551   2.922   1.00 36.33 ? 349 HOH A O   1 
HETATM 1437 O  O   . HOH E 4 .   ? -15.822 -14.373 5.555   1.00 42.65 ? 350 HOH A O   1 
HETATM 1438 O  O   . HOH E 4 .   ? -11.183 3.479   -10.252 1.00 24.86 ? 351 HOH A O   1 
HETATM 1439 O  O   . HOH E 4 .   ? -17.888 -3.239  7.014   1.00 35.42 ? 352 HOH A O   1 
HETATM 1440 O  O   . HOH E 4 .   ? -19.957 -10.132 0.297   1.00 27.97 ? 353 HOH A O   1 
HETATM 1441 O  O   . HOH E 4 .   ? -1.845  13.762  -1.572  1.00 34.02 ? 354 HOH A O   1 
HETATM 1442 O  O   . HOH E 4 .   ? 18.273  18.583  5.629   1.00 41.49 ? 355 HOH A O   1 
HETATM 1443 O  O   . HOH E 4 .   ? 9.753   6.587   -2.883  1.00 22.94 ? 356 HOH A O   1 
HETATM 1444 O  O   . HOH E 4 .   ? -18.300 7.832   0.866   1.00 36.86 ? 357 HOH A O   1 
HETATM 1445 O  O   . HOH E 4 .   ? 8.271   4.547   -1.592  1.00 23.96 ? 358 HOH A O   1 
HETATM 1446 O  O   . HOH E 4 .   ? -7.168  14.185  4.762   1.00 32.97 ? 359 HOH A O   1 
HETATM 1447 O  O   . HOH E 4 .   ? 1.479   -12.648 12.958  1.00 46.97 ? 360 HOH A O   1 
HETATM 1448 O  O   . HOH E 4 .   ? -9.348  0.441   -17.316 1.00 52.04 ? 361 HOH A O   1 
HETATM 1449 O  O   . HOH E 4 .   ? 5.269   19.572  -2.109  1.00 37.06 ? 362 HOH A O   1 
HETATM 1450 O  O   . HOH E 4 .   ? 2.220   5.759   2.149   1.00 32.85 ? 363 HOH A O   1 
HETATM 1451 O  O   . HOH E 4 .   ? 21.950  9.153   -2.132  1.00 37.17 ? 364 HOH A O   1 
HETATM 1452 O  O   . HOH E 4 .   ? -5.177  -21.480 -3.385  1.00 26.64 ? 365 HOH A O   1 
HETATM 1453 O  O   . HOH E 4 .   ? -3.047  16.251  1.159   1.00 29.99 ? 366 HOH A O   1 
HETATM 1454 O  O   . HOH E 4 .   ? 4.693   9.134   13.023  1.00 41.25 ? 367 HOH A O   1 
HETATM 1455 O  O   . HOH E 4 .   ? -3.847  6.550   0.619   1.00 37.28 ? 368 HOH A O   1 
HETATM 1456 O  O   . HOH E 4 .   ? 8.868   -5.578  6.870   1.00 41.76 ? 369 HOH A O   1 
HETATM 1457 O  O   . HOH E 4 .   ? -2.838  14.323  9.145   1.00 45.71 ? 370 HOH A O   1 
HETATM 1458 O  O   . HOH E 4 .   ? 8.294   16.549  -7.859  1.00 39.08 ? 371 HOH A O   1 
HETATM 1459 O  O   . HOH E 4 .   ? 2.962   12.023  -9.650  1.00 38.31 ? 372 HOH A O   1 
HETATM 1460 O  O   . HOH E 4 .   ? 14.731  18.746  10.585  1.00 40.57 ? 373 HOH A O   1 
HETATM 1461 O  O   . HOH E 4 .   ? -9.696  -14.569 7.920   1.00 38.29 ? 374 HOH A O   1 
HETATM 1462 O  O   . HOH E 4 .   ? 20.736  6.465   8.240   1.00 25.12 ? 375 HOH A O   1 
HETATM 1463 O  O   . HOH E 4 .   ? -4.465  -8.957  -17.278 1.00 31.42 ? 376 HOH A O   1 
HETATM 1464 O  O   . HOH E 4 .   ? 0.225   15.368  10.773  1.00 43.79 ? 377 HOH A O   1 
HETATM 1465 O  O   . HOH E 4 .   ? -20.146 -3.142  -1.232  1.00 29.30 ? 378 HOH A O   1 
HETATM 1466 O  O   . HOH E 4 .   ? -14.660 -12.522 11.638  1.00 51.87 ? 379 HOH A O   1 
HETATM 1467 O  O   . HOH E 4 .   ? 17.944  10.695  -10.161 1.00 41.47 ? 380 HOH A O   1 
HETATM 1468 O  O   . HOH E 4 .   ? -15.821 -14.075 -9.938  1.00 27.17 ? 381 HOH A O   1 
HETATM 1469 O  O   . HOH E 4 .   ? -2.368  17.793  7.363   1.00 37.03 ? 382 HOH A O   1 
HETATM 1470 O  O   . HOH E 4 .   ? -7.924  7.805   -10.337 1.00 43.23 ? 383 HOH A O   1 
HETATM 1471 O  O   . HOH E 4 .   ? 18.649  5.213   1.234   1.00 35.43 ? 384 HOH A O   1 
HETATM 1472 O  O   . HOH E 4 .   ? 22.041  2.767   -4.248  1.00 40.56 ? 385 HOH A O   1 
HETATM 1473 O  O   . HOH E 4 .   ? -8.909  -17.058 5.915   1.00 40.78 ? 386 HOH A O   1 
HETATM 1474 O  O   . HOH E 4 .   ? -1.554  13.100  -6.383  1.00 45.25 ? 387 HOH A O   1 
HETATM 1475 O  O   . HOH E 4 .   ? 24.657  15.834  3.595   1.00 46.87 ? 388 HOH A O   1 
HETATM 1476 O  O   . HOH E 4 .   ? 1.006   8.173   -0.132  1.00 31.23 ? 389 HOH A O   1 
HETATM 1477 O  O   . HOH E 4 .   ? -11.940 -22.357 -3.698  1.00 43.34 ? 390 HOH A O   1 
HETATM 1478 O  O   . HOH E 4 .   ? -13.102 5.158   -10.507 1.00 40.14 ? 391 HOH A O   1 
HETATM 1479 O  O   . HOH E 4 .   ? 1.596   -9.797  -14.769 1.00 35.53 ? 392 HOH A O   1 
HETATM 1480 O  O   . HOH E 4 .   ? -2.235  -9.291  12.430  1.00 48.82 ? 393 HOH A O   1 
HETATM 1481 O  O   . HOH E 4 .   ? 0.777   19.335  9.102   1.00 36.86 ? 394 HOH A O   1 
HETATM 1482 O  O   . HOH E 4 .   ? 3.744   -10.357 12.365  1.00 47.98 ? 395 HOH A O   1 
HETATM 1483 O  O   . HOH E 4 .   ? -18.663 -8.021  -6.822  1.00 37.81 ? 396 HOH A O   1 
HETATM 1484 O  O   . HOH E 4 .   ? 18.376  16.548  -4.184  1.00 37.54 ? 397 HOH A O   1 
HETATM 1485 O  O   . HOH E 4 .   ? 5.611   17.790  -3.766  1.00 45.09 ? 398 HOH A O   1 
HETATM 1486 O  O   . HOH E 4 .   ? -7.152  -0.573  13.028  1.00 52.62 ? 399 HOH A O   1 
HETATM 1487 O  O   . HOH E 4 .   ? -6.358  7.878   -7.649  1.00 43.00 ? 400 HOH A O   1 
HETATM 1488 O  O   . HOH E 4 .   ? 5.321   4.110   3.305   1.00 36.38 ? 401 HOH A O   1 
HETATM 1489 O  O   . HOH E 4 .   ? -8.173  5.246   2.558   1.00 41.80 ? 402 HOH A O   1 
HETATM 1490 O  O   . HOH E 4 .   ? 21.311  11.487  8.434   1.00 40.63 ? 403 HOH A O   1 
HETATM 1491 O  O   . HOH E 4 .   ? 2.544   -21.083 -3.984  1.00 51.11 ? 404 HOH A O   1 
HETATM 1492 O  O   . HOH E 4 .   ? 3.487   10.761  -11.467 1.00 49.76 ? 405 HOH A O   1 
HETATM 1493 O  O   . HOH E 4 .   ? 20.962  15.654  -4.744  1.00 40.97 ? 406 HOH A O   1 
HETATM 1494 O  O   . HOH E 4 .   ? -18.404 -16.221 1.726   1.00 45.08 ? 407 HOH A O   1 
HETATM 1495 O  O   . HOH E 4 .   ? 20.492  11.118  -9.204  1.00 51.33 ? 408 HOH A O   1 
HETATM 1496 O  O   . HOH E 4 .   ? 10.486  11.595  -16.661 1.00 52.79 ? 409 HOH A O   1 
HETATM 1497 O  O   . HOH E 4 .   ? -1.700  6.157   1.913   1.00 37.91 ? 410 HOH A O   1 
HETATM 1498 O  O   . HOH E 4 .   ? -3.036  -22.401 4.031   1.00 47.43 ? 411 HOH A O   1 
HETATM 1499 O  O   . HOH E 4 .   ? -21.461 -10.866 -4.586  1.00 37.35 ? 412 HOH A O   1 
HETATM 1500 O  O   . HOH E 4 .   ? 5.174   1.486   2.750   1.00 41.33 ? 413 HOH A O   1 
HETATM 1501 O  O   . HOH E 4 .   ? 11.267  -11.647 7.958   1.00 57.65 ? 414 HOH A O   1 
HETATM 1502 O  O   . HOH E 4 .   ? -1.463  11.087  -2.098  1.00 39.36 ? 415 HOH A O   1 
HETATM 1503 O  O   . HOH E 4 .   ? -5.222  5.405   4.175   1.00 50.56 ? 416 HOH A O   1 
HETATM 1504 O  O   . HOH E 4 .   ? 20.054  6.129   -4.849  1.00 40.95 ? 417 HOH A O   1 
HETATM 1505 O  O   . HOH E 4 .   ? -1.337  10.139  -7.259  1.00 47.89 ? 418 HOH A O   1 
HETATM 1506 O  O   . HOH E 4 .   ? 6.329   -21.651 2.682   1.00 57.79 ? 419 HOH A O   1 
HETATM 1507 O  O   . HOH E 4 .   ? 5.181   23.641  7.716   1.00 51.76 ? 420 HOH A O   1 
HETATM 1508 O  O   . HOH E 4 .   ? -21.111 -9.031  -6.548  1.00 41.20 ? 421 HOH A O   1 
HETATM 1509 O  O   . HOH E 4 .   ? 11.338  -8.131  -4.304  1.00 59.18 ? 422 HOH A O   1 
HETATM 1510 O  O   . HOH E 4 .   ? 0.548   -21.996 2.231   1.00 44.48 ? 423 HOH A O   1 
HETATM 1511 O  O   . HOH E 4 .   ? 7.104   18.006  -6.204  1.00 50.70 ? 424 HOH A O   1 
HETATM 1512 O  O   . HOH E 4 .   ? -19.036 0.877   5.463   1.00 34.43 ? 425 HOH A O   1 
HETATM 1513 O  O   . HOH E 4 .   ? -11.515 1.069   -11.610 1.00 33.03 ? 426 HOH A O   1 
HETATM 1514 O  O   . HOH E 4 .   ? -11.945 -1.961  -14.683 1.00 40.05 ? 427 HOH A O   1 
HETATM 1515 O  O   . HOH E 4 .   ? -15.305 -1.851  -6.001  1.00 35.51 ? 428 HOH A O   1 
HETATM 1516 O  O   . HOH E 4 .   ? 16.251  19.873  7.286   1.00 47.56 ? 429 HOH A O   1 
HETATM 1517 O  O   . HOH E 4 .   ? -6.859  3.761   4.637   1.00 54.74 ? 430 HOH A O   1 
HETATM 1518 O  O   . HOH E 4 .   ? -17.397 -5.440  -7.084  1.00 34.28 ? 431 HOH A O   1 
HETATM 1519 O  O   . HOH E 4 .   ? -9.012  -0.201  8.425   1.00 37.83 ? 432 HOH A O   1 
HETATM 1520 O  O   . HOH E 4 .   ? -7.897  -14.181 9.408   1.00 44.95 ? 433 HOH A O   1 
HETATM 1521 O  O   . HOH E 4 .   ? 1.174   7.390   -13.640 1.00 48.18 ? 434 HOH A O   1 
HETATM 1522 O  O   . HOH E 4 .   ? 17.601  17.618  -6.380  1.00 41.34 ? 435 HOH A O   1 
HETATM 1523 O  O   . HOH E 4 .   ? 20.164  3.673   -6.064  1.00 40.54 ? 436 HOH A O   1 
HETATM 1524 O  O   . HOH E 4 .   ? 5.396   21.224  3.197   1.00 39.98 ? 437 HOH A O   1 
HETATM 1525 O  O   . HOH E 4 .   ? 9.618   3.339   6.911   1.00 50.28 ? 438 HOH A O   1 
HETATM 1526 O  O   . HOH E 4 .   ? -19.346 -3.090  -4.228  1.00 38.24 ? 439 HOH A O   1 
HETATM 1527 O  O   . HOH E 4 .   ? -5.796  7.721   -4.239  1.00 32.36 ? 440 HOH A O   1 
HETATM 1528 O  O   . HOH E 4 .   ? -22.196 -10.362 -1.858  1.00 40.33 ? 441 HOH A O   1 
HETATM 1529 O  O   . HOH E 4 .   ? -22.494 -12.924 -5.868  1.00 47.82 ? 442 HOH A O   1 
HETATM 1530 O  O   . HOH E 4 .   ? 21.297  16.273  -7.379  1.00 56.23 ? 443 HOH A O   1 
HETATM 1531 O  O   . HOH E 4 .   ? 13.305  17.338  -10.995 1.00 52.68 ? 444 HOH A O   1 
# 
loop_
_pdbx_poly_seq_scheme.asym_id 
_pdbx_poly_seq_scheme.entity_id 
_pdbx_poly_seq_scheme.seq_id 
_pdbx_poly_seq_scheme.mon_id 
_pdbx_poly_seq_scheme.ndb_seq_num 
_pdbx_poly_seq_scheme.pdb_seq_num 
_pdbx_poly_seq_scheme.auth_seq_num 
_pdbx_poly_seq_scheme.pdb_mon_id 
_pdbx_poly_seq_scheme.auth_mon_id 
_pdbx_poly_seq_scheme.pdb_strand_id 
_pdbx_poly_seq_scheme.pdb_ins_code 
_pdbx_poly_seq_scheme.hetero 
A 1 1   MET 1   1   1   MET MET A . n 
A 1 2   ASN 2   2   2   ASN ASN A . n 
A 1 3   ILE 3   3   3   ILE ILE A . n 
A 1 4   PHE 4   4   4   PHE PHE A . n 
A 1 5   GLU 5   5   5   GLU GLU A . n 
A 1 6   MET 6   6   6   MET MET A . n 
A 1 7   LEU 7   7   7   LEU LEU A . n 
A 1 8   ARG 8   8   8   ARG ARG A . n 
A 1 9   ILE 9   9   9   ILE ILE A . n 
A 1 10  ASP 10  10  10  ASP ASP A . n 
A 1 11  GLU 11  11  11  GLU GLU A . n 
A 1 12  GLY 12  12  12  GLY GLY A . n 
A 1 13  LEU 13  13  13  LEU LEU A . n 
A 1 14  ARG 14  14  14  ARG ARG A . n 
A 1 15  LEU 15  15  15  LEU LEU A . n 
A 1 16  LYS 16  16  16  LYS LYS A . n 
A 1 17  ILE 17  17  17  ILE ILE A . n 
A 1 18  TYR 18  18  18  TYR TYR A . n 
A 1 19  LYS 19  19  19  LYS LYS A . n 
A 1 20  ASP 20  20  20  ASP ASP A . n 
A 1 21  THR 21  21  21  THR THR A . n 
A 1 22  GLU 22  22  22  GLU GLU A . n 
A 1 23  GLY 23  23  23  GLY GLY A . n 
A 1 24  TYR 24  24  24  TYR TYR A . n 
A 1 25  TYR 25  25  25  TYR TYR A . n 
A 1 26  THR 26  26  26  THR THR A . n 
A 1 27  ILE 27  27  27  ILE ILE A . n 
A 1 28  GLY 28  28  28  GLY GLY A . n 
A 1 29  ILE 29  29  29  ILE ILE A . n 
A 1 30  GLY 30  30  30  GLY GLY A . n 
A 1 31  HIS 31  31  31  HIS HIS A . n 
A 1 32  LEU 32  32  32  LEU LEU A . n 
A 1 33  LEU 33  33  33  LEU LEU A . n 
A 1 34  THR 34  34  34  THR THR A . n 
A 1 35  LYS 35  35  35  LYS LYS A . n 
A 1 36  SER 36  36  36  SER SER A . n 
A 1 37  PRO 37  37  37  PRO PRO A . n 
A 1 38  ASP 38  38  38  ASP ASP A . n 
A 1 39  LEU 39  39  39  LEU LEU A . n 
A 1 40  ASN 40  40  40  ASN ASN A . n 
A 1 41  ALA 41  41  41  ALA ALA A . n 
A 1 42  ALA 42  42  42  ALA ALA A . n 
A 1 43  LYS 43  43  43  LYS LYS A . n 
A 1 44  SER 44  44  44  SER SER A . n 
A 1 45  GLU 45  45  45  GLU GLU A . n 
A 1 46  LEU 46  46  46  LEU LEU A . n 
A 1 47  ASP 47  47  47  ASP ASP A . n 
A 1 48  LYS 48  48  48  LYS LYS A . n 
A 1 49  ALA 49  49  49  ALA ALA A . n 
A 1 50  ILE 50  50  50  ILE ILE A . n 
A 1 51  GLY 51  51  51  GLY GLY A . n 
A 1 52  ARG 52  52  52  ARG ARG A . n 
A 1 53  ASN 53  53  53  ASN ASN A . n 
A 1 54  CYS 54  54  54  CYS CYS A . n 
A 1 55  ASN 55  55  55  ASN ASN A . n 
A 1 56  GLY 56  56  56  GLY GLY A . n 
A 1 57  VAL 57  57  57  VAL VAL A . n 
A 1 58  ILE 58  58  58  ILE ILE A . n 
A 1 59  THR 59  59  59  THR THR A . n 
A 1 60  LYS 60  60  60  LYS LYS A . n 
A 1 61  ASP 61  61  61  ASP ASP A . n 
A 1 62  GLU 62  62  62  GLU GLU A . n 
A 1 63  ALA 63  63  63  ALA ALA A . n 
A 1 64  GLU 64  64  64  GLU GLU A . n 
A 1 65  LYS 65  65  65  LYS LYS A . n 
A 1 66  LEU 66  66  66  LEU LEU A . n 
A 1 67  PHE 67  67  67  PHE PHE A . n 
A 1 68  ASN 68  68  68  ASN ASN A . n 
A 1 69  GLN 69  69  69  GLN GLN A . n 
A 1 70  ASP 70  70  70  ASP ASP A . n 
A 1 71  VAL 71  71  71  VAL VAL A . n 
A 1 72  ASP 72  72  72  ASP ASP A . n 
A 1 73  ALA 73  73  73  ALA ALA A . n 
A 1 74  ALA 74  74  74  ALA ALA A . n 
A 1 75  VAL 75  75  75  VAL VAL A . n 
A 1 76  ARG 76  76  76  ARG ARG A . n 
A 1 77  GLY 77  77  77  GLY GLY A . n 
A 1 78  ILE 78  78  78  ILE ILE A . n 
A 1 79  LEU 79  79  79  LEU LEU A . n 
A 1 80  ARG 80  80  80  ARG ARG A . n 
A 1 81  ASN 81  81  81  ASN ASN A . n 
A 1 82  ALA 82  82  82  ALA ALA A . n 
A 1 83  LYS 83  83  83  LYS LYS A . n 
A 1 84  LEU 84  84  84  LEU LEU A . n 
A 1 85  LYS 85  85  85  LYS LYS A . n 
A 1 86  PRO 86  86  86  PRO PRO A . n 
A 1 87  VAL 87  87  87  VAL VAL A . n 
A 1 88  TYR 88  88  88  TYR TYR A . n 
A 1 89  ASP 89  89  89  ASP ASP A . n 
A 1 90  SER 90  90  90  SER SER A . n 
A 1 91  LEU 91  91  91  LEU LEU A . n 
A 1 92  ASP 92  92  92  ASP ASP A . n 
A 1 93  ALA 93  93  93  ALA ALA A . n 
A 1 94  VAL 94  94  94  VAL VAL A . n 
A 1 95  ARG 95  95  95  ARG ARG A . n 
A 1 96  ARG 96  96  96  ARG ARG A . n 
A 1 97  CYS 97  97  97  CYS CYS A . n 
A 1 98  ALA 98  98  98  ALA ALA A . n 
A 1 99  ALA 99  99  99  ALA ALA A . n 
A 1 100 ILE 100 100 100 ILE ILE A . n 
A 1 101 ASN 101 101 101 ASN ASN A . n 
A 1 102 GLN 102 102 102 GLN GLN A . n 
A 1 103 VAL 103 103 103 VAL VAL A . n 
A 1 104 PHE 104 104 104 PHE PHE A . n 
A 1 105 GLN 105 105 105 GLN GLN A . n 
A 1 106 MET 106 106 106 MET MET A . n 
A 1 107 GLY 107 107 107 GLY GLY A . n 
A 1 108 GLU 108 108 108 GLU GLU A . n 
A 1 109 THR 109 109 109 THR THR A . n 
A 1 110 GLY 110 110 110 GLY GLY A . n 
A 1 111 VAL 111 111 111 VAL VAL A . n 
A 1 112 ALA 112 112 112 ALA ALA A . n 
A 1 113 GLY 113 113 113 GLY GLY A . n 
A 1 114 PHE 114 114 114 PHE PHE A . n 
A 1 115 THR 115 115 115 THR THR A . n 
A 1 116 ASN 116 116 116 ASN ASN A . n 
A 1 117 SER 117 117 117 SER SER A . n 
A 1 118 LEU 118 118 118 LEU LEU A . n 
A 1 119 ARG 119 119 119 ARG ARG A . n 
A 1 120 MET 120 120 120 MET MET A . n 
A 1 121 LEU 121 121 121 LEU LEU A . n 
A 1 122 GLN 122 122 122 GLN GLN A . n 
A 1 123 GLN 123 123 123 GLN GLN A . n 
A 1 124 LYS 124 124 124 LYS LYS A . n 
A 1 125 ARG 125 125 125 ARG ARG A . n 
A 1 126 TRP 126 126 126 TRP TRP A . n 
A 1 127 ASP 127 127 127 ASP ASP A . n 
A 1 128 GLU 128 128 128 GLU GLU A . n 
A 1 129 ALA 129 129 129 ALA ALA A . n 
A 1 130 ALA 130 130 130 ALA ALA A . n 
A 1 131 VAL 131 131 131 VAL VAL A . n 
A 1 132 ASN 132 132 132 ASN ASN A . n 
A 1 133 LEU 133 133 133 LEU LEU A . n 
A 1 134 ALA 134 134 134 ALA ALA A . n 
A 1 135 LYS 135 135 135 LYS LYS A . n 
A 1 136 SER 136 136 136 SER SER A . n 
A 1 137 ARG 137 137 137 ARG ARG A . n 
A 1 138 TRP 138 138 138 TRP TRP A . n 
A 1 139 TYR 139 139 139 TYR TYR A . n 
A 1 140 ASN 140 140 140 ASN ASN A . n 
A 1 141 GLN 141 141 141 GLN GLN A . n 
A 1 142 THR 142 142 142 THR THR A . n 
A 1 143 PRO 143 143 143 PRO PRO A . n 
A 1 144 ASP 144 144 144 ASP ASP A . n 
A 1 145 ARG 145 145 145 ARG ARG A . n 
A 1 146 ALA 146 146 146 ALA ALA A . n 
A 1 147 LYS 147 147 147 LYS LYS A . n 
A 1 148 ARG 148 148 148 ARG ARG A . n 
A 1 149 VAL 149 149 149 VAL VAL A . n 
A 1 150 ILE 150 150 150 ILE ILE A . n 
A 1 151 THR 151 151 151 THR THR A . n 
A 1 152 THR 152 152 152 THR THR A . n 
A 1 153 PHE 153 153 153 PHE PHE A . n 
A 1 154 ARG 154 154 154 ARG ARG A . n 
A 1 155 THR 155 155 155 THR THR A . n 
A 1 156 GLY 156 156 156 GLY GLY A . n 
A 1 157 THR 157 157 157 THR THR A . n 
A 1 158 TRP 158 158 158 TRP TRP A . n 
A 1 159 ASP 159 159 159 ASP ASP A . n 
A 1 160 ALA 160 160 160 ALA ALA A . n 
A 1 161 TYR 161 161 161 TYR TYR A . n 
A 1 162 LYS 162 162 ?   ?   ?   A . n 
A 1 163 ASN 163 163 ?   ?   ?   A . n 
A 1 164 LEU 164 164 ?   ?   ?   A . n 
# 
loop_
_pdbx_nonpoly_scheme.asym_id 
_pdbx_nonpoly_scheme.entity_id 
_pdbx_nonpoly_scheme.mon_id 
_pdbx_nonpoly_scheme.ndb_seq_num 
_pdbx_nonpoly_scheme.pdb_seq_num 
_pdbx_nonpoly_scheme.auth_seq_num 
_pdbx_nonpoly_scheme.pdb_mon_id 
_pdbx_nonpoly_scheme.auth_mon_id 
_pdbx_nonpoly_scheme.pdb_strand_id 
_pdbx_nonpoly_scheme.pdb_ins_code 
B 2 B20 1   201 1   B20 NBH A . 
C 3 CL  1   202 1   CL  CL  A . 
D 3 CL  1   203 4   CL  CL  A . 
E 4 HOH 1   301 176 HOH HOH A . 
E 4 HOH 2   302 163 HOH HOH A . 
E 4 HOH 3   303 27  HOH HOH A . 
E 4 HOH 4   304 121 HOH HOH A . 
E 4 HOH 5   305 179 HOH HOH A . 
E 4 HOH 6   306 55  HOH HOH A . 
E 4 HOH 7   307 44  HOH HOH A . 
E 4 HOH 8   308 165 HOH HOH A . 
E 4 HOH 9   309 40  HOH HOH A . 
E 4 HOH 10  310 51  HOH HOH A . 
E 4 HOH 11  311 147 HOH HOH A . 
E 4 HOH 12  312 134 HOH HOH A . 
E 4 HOH 13  313 142 HOH HOH A . 
E 4 HOH 14  314 168 HOH HOH A . 
E 4 HOH 15  315 53  HOH HOH A . 
E 4 HOH 16  316 9   HOH HOH A . 
E 4 HOH 17  317 162 HOH HOH A . 
E 4 HOH 18  318 21  HOH HOH A . 
E 4 HOH 19  319 6   HOH HOH A . 
E 4 HOH 20  320 11  HOH HOH A . 
E 4 HOH 21  321 10  HOH HOH A . 
E 4 HOH 22  322 60  HOH HOH A . 
E 4 HOH 23  323 79  HOH HOH A . 
E 4 HOH 24  324 52  HOH HOH A . 
E 4 HOH 25  325 20  HOH HOH A . 
E 4 HOH 26  326 22  HOH HOH A . 
E 4 HOH 27  327 103 HOH HOH A . 
E 4 HOH 28  328 4   HOH HOH A . 
E 4 HOH 29  329 61  HOH HOH A . 
E 4 HOH 30  330 7   HOH HOH A . 
E 4 HOH 31  331 184 HOH HOH A . 
E 4 HOH 32  332 17  HOH HOH A . 
E 4 HOH 33  333 122 HOH HOH A . 
E 4 HOH 34  334 25  HOH HOH A . 
E 4 HOH 35  335 180 HOH HOH A . 
E 4 HOH 36  336 56  HOH HOH A . 
E 4 HOH 37  337 37  HOH HOH A . 
E 4 HOH 38  338 137 HOH HOH A . 
E 4 HOH 39  339 47  HOH HOH A . 
E 4 HOH 40  340 148 HOH HOH A . 
E 4 HOH 41  341 58  HOH HOH A . 
E 4 HOH 42  342 88  HOH HOH A . 
E 4 HOH 43  343 38  HOH HOH A . 
E 4 HOH 44  344 14  HOH HOH A . 
E 4 HOH 45  345 41  HOH HOH A . 
E 4 HOH 46  346 76  HOH HOH A . 
E 4 HOH 47  347 30  HOH HOH A . 
E 4 HOH 48  348 32  HOH HOH A . 
E 4 HOH 49  349 67  HOH HOH A . 
E 4 HOH 50  350 113 HOH HOH A . 
E 4 HOH 51  351 1   HOH HOH A . 
E 4 HOH 52  352 54  HOH HOH A . 
E 4 HOH 53  353 13  HOH HOH A . 
E 4 HOH 54  354 16  HOH HOH A . 
E 4 HOH 55  355 108 HOH HOH A . 
E 4 HOH 56  356 12  HOH HOH A . 
E 4 HOH 57  357 75  HOH HOH A . 
E 4 HOH 58  358 2   HOH HOH A . 
E 4 HOH 59  359 89  HOH HOH A . 
E 4 HOH 60  360 169 HOH HOH A . 
E 4 HOH 61  361 114 HOH HOH A . 
E 4 HOH 62  362 68  HOH HOH A . 
E 4 HOH 63  363 46  HOH HOH A . 
E 4 HOH 64  364 98  HOH HOH A . 
E 4 HOH 65  365 5   HOH HOH A . 
E 4 HOH 66  366 15  HOH HOH A . 
E 4 HOH 67  367 50  HOH HOH A . 
E 4 HOH 68  368 69  HOH HOH A . 
E 4 HOH 69  369 84  HOH HOH A . 
E 4 HOH 70  370 57  HOH HOH A . 
E 4 HOH 71  371 82  HOH HOH A . 
E 4 HOH 72  372 120 HOH HOH A . 
E 4 HOH 73  373 135 HOH HOH A . 
E 4 HOH 74  374 65  HOH HOH A . 
E 4 HOH 75  375 3   HOH HOH A . 
E 4 HOH 76  376 28  HOH HOH A . 
E 4 HOH 77  377 110 HOH HOH A . 
E 4 HOH 78  378 31  HOH HOH A . 
E 4 HOH 79  379 178 HOH HOH A . 
E 4 HOH 80  380 149 HOH HOH A . 
E 4 HOH 81  381 19  HOH HOH A . 
E 4 HOH 82  382 43  HOH HOH A . 
E 4 HOH 83  383 72  HOH HOH A . 
E 4 HOH 84  384 78  HOH HOH A . 
E 4 HOH 85  385 18  HOH HOH A . 
E 4 HOH 86  386 71  HOH HOH A . 
E 4 HOH 87  387 171 HOH HOH A . 
E 4 HOH 88  388 154 HOH HOH A . 
E 4 HOH 89  389 24  HOH HOH A . 
E 4 HOH 90  390 90  HOH HOH A . 
E 4 HOH 91  391 151 HOH HOH A . 
E 4 HOH 92  392 107 HOH HOH A . 
E 4 HOH 93  393 187 HOH HOH A . 
E 4 HOH 94  394 48  HOH HOH A . 
E 4 HOH 95  395 186 HOH HOH A . 
E 4 HOH 96  396 62  HOH HOH A . 
E 4 HOH 97  397 191 HOH HOH A . 
E 4 HOH 98  398 185 HOH HOH A . 
E 4 HOH 99  399 156 HOH HOH A . 
E 4 HOH 100 400 157 HOH HOH A . 
E 4 HOH 101 401 95  HOH HOH A . 
E 4 HOH 102 402 93  HOH HOH A . 
E 4 HOH 103 403 152 HOH HOH A . 
E 4 HOH 104 404 177 HOH HOH A . 
E 4 HOH 105 405 133 HOH HOH A . 
E 4 HOH 106 406 146 HOH HOH A . 
E 4 HOH 107 407 45  HOH HOH A . 
E 4 HOH 108 408 123 HOH HOH A . 
E 4 HOH 109 409 34  HOH HOH A . 
E 4 HOH 110 410 85  HOH HOH A . 
E 4 HOH 111 411 125 HOH HOH A . 
E 4 HOH 112 412 101 HOH HOH A . 
E 4 HOH 113 413 115 HOH HOH A . 
E 4 HOH 114 414 124 HOH HOH A . 
E 4 HOH 115 415 117 HOH HOH A . 
E 4 HOH 116 416 92  HOH HOH A . 
E 4 HOH 117 417 164 HOH HOH A . 
E 4 HOH 118 418 182 HOH HOH A . 
E 4 HOH 119 419 143 HOH HOH A . 
E 4 HOH 120 420 161 HOH HOH A . 
E 4 HOH 121 421 129 HOH HOH A . 
E 4 HOH 122 422 74  HOH HOH A . 
E 4 HOH 123 423 66  HOH HOH A . 
E 4 HOH 124 424 188 HOH HOH A . 
E 4 HOH 125 425 29  HOH HOH A . 
E 4 HOH 126 426 35  HOH HOH A . 
E 4 HOH 127 427 26  HOH HOH A . 
E 4 HOH 128 428 39  HOH HOH A . 
E 4 HOH 129 429 155 HOH HOH A . 
E 4 HOH 130 430 190 HOH HOH A . 
E 4 HOH 131 431 59  HOH HOH A . 
E 4 HOH 132 432 145 HOH HOH A . 
E 4 HOH 133 433 86  HOH HOH A . 
E 4 HOH 134 434 81  HOH HOH A . 
E 4 HOH 135 435 64  HOH HOH A . 
E 4 HOH 136 436 99  HOH HOH A . 
E 4 HOH 137 437 136 HOH HOH A . 
E 4 HOH 138 438 119 HOH HOH A . 
E 4 HOH 139 439 42  HOH HOH A . 
E 4 HOH 140 440 36  HOH HOH A . 
E 4 HOH 141 441 96  HOH HOH A . 
E 4 HOH 142 442 105 HOH HOH A . 
E 4 HOH 143 443 144 HOH HOH A . 
E 4 HOH 144 444 128 HOH HOH A . 
# 
_pdbx_struct_assembly.id                   1 
_pdbx_struct_assembly.details              author_and_software_defined_assembly 
_pdbx_struct_assembly.method_details       PISA 
_pdbx_struct_assembly.oligomeric_details   monomeric 
_pdbx_struct_assembly.oligomeric_count     1 
# 
_pdbx_struct_assembly_gen.assembly_id       1 
_pdbx_struct_assembly_gen.oper_expression   1 
_pdbx_struct_assembly_gen.asym_id_list      A,B,C,D,E 
# 
loop_
_pdbx_struct_assembly_prop.biol_id 
_pdbx_struct_assembly_prop.type 
_pdbx_struct_assembly_prop.value 
_pdbx_struct_assembly_prop.details 
1 'ABSA (A^2)' 240  ? 
1 MORE         -15  ? 
1 'SSA (A^2)'  8680 ? 
# 
_pdbx_struct_oper_list.id                   1 
_pdbx_struct_oper_list.type                 'identity operation' 
_pdbx_struct_oper_list.name                 1_555 
_pdbx_struct_oper_list.symmetry_operation   x,y,z 
_pdbx_struct_oper_list.matrix[1][1]         1.0000000000 
_pdbx_struct_oper_list.matrix[1][2]         0.0000000000 
_pdbx_struct_oper_list.matrix[1][3]         0.0000000000 
_pdbx_struct_oper_list.vector[1]            0.0000000000 
_pdbx_struct_oper_list.matrix[2][1]         0.0000000000 
_pdbx_struct_oper_list.matrix[2][2]         1.0000000000 
_pdbx_struct_oper_list.matrix[2][3]         0.0000000000 
_pdbx_struct_oper_list.vector[2]            0.0000000000 
_pdbx_struct_oper_list.matrix[3][1]         0.0000000000 
_pdbx_struct_oper_list.matrix[3][2]         0.0000000000 
_pdbx_struct_oper_list.matrix[3][3]         1.0000000000 
_pdbx_struct_oper_list.vector[3]            0.0000000000 
# 
_pdbx_struct_special_symmetry.id              1 
_pdbx_struct_special_symmetry.PDB_model_num   1 
_pdbx_struct_special_symmetry.auth_asym_id    A 
_pdbx_struct_special_symmetry.auth_comp_id    HOH 
_pdbx_struct_special_symmetry.auth_seq_id     304 
_pdbx_struct_special_symmetry.PDB_ins_code    ? 
_pdbx_struct_special_symmetry.label_asym_id   E 
_pdbx_struct_special_symmetry.label_comp_id   HOH 
_pdbx_struct_special_symmetry.label_seq_id    . 
# 
loop_
_pdbx_audit_revision_history.ordinal 
_pdbx_audit_revision_history.data_content_type 
_pdbx_audit_revision_history.major_revision 
_pdbx_audit_revision_history.minor_revision 
_pdbx_audit_revision_history.revision_date 
1 'Structure model' 1 0 2016-09-21 
2 'Structure model' 1 1 2016-09-28 
3 'Structure model' 1 2 2022-04-13 
4 'Structure model' 1 3 2023-09-27 
# 
_pdbx_audit_revision_details.ordinal             1 
_pdbx_audit_revision_details.revision_ordinal    1 
_pdbx_audit_revision_details.data_content_type   'Structure model' 
_pdbx_audit_revision_details.provider            repository 
_pdbx_audit_revision_details.type                'Initial release' 
_pdbx_audit_revision_details.description         ? 
_pdbx_audit_revision_details.details             ? 
# 
loop_
_pdbx_audit_revision_group.ordinal 
_pdbx_audit_revision_group.revision_ordinal 
_pdbx_audit_revision_group.data_content_type 
_pdbx_audit_revision_group.group 
1 2 'Structure model' 'Database references'        
2 3 'Structure model' 'Author supporting evidence' 
3 3 'Structure model' 'Database references'        
4 3 'Structure model' 'Derived calculations'       
5 4 'Structure model' 'Data collection'            
6 4 'Structure model' 'Refinement description'     
# 
loop_
_pdbx_audit_revision_category.ordinal 
_pdbx_audit_revision_category.revision_ordinal 
_pdbx_audit_revision_category.data_content_type 
_pdbx_audit_revision_category.category 
1 3 'Structure model' database_2                    
2 3 'Structure model' pdbx_audit_support            
3 3 'Structure model' pdbx_struct_oper_list         
4 4 'Structure model' chem_comp_atom                
5 4 'Structure model' chem_comp_bond                
6 4 'Structure model' pdbx_initial_refinement_model 
# 
loop_
_pdbx_audit_revision_item.ordinal 
_pdbx_audit_revision_item.revision_ordinal 
_pdbx_audit_revision_item.data_content_type 
_pdbx_audit_revision_item.item 
1 3 'Structure model' '_database_2.pdbx_DOI'                      
2 3 'Structure model' '_database_2.pdbx_database_accession'       
3 3 'Structure model' '_pdbx_audit_support.funding_organization'  
4 3 'Structure model' '_pdbx_struct_oper_list.symmetry_operation' 
# 
loop_
_software.citation_id 
_software.classification 
_software.compiler_name 
_software.compiler_version 
_software.contact_author 
_software.contact_author_email 
_software.date 
_software.description 
_software.dependencies 
_software.hardware 
_software.language 
_software.location 
_software.mods 
_software.name 
_software.os 
_software.os_version 
_software.type 
_software.version 
_software.pdbx_ordinal 
? refinement        ? ? ? ? ? ? ? ? ? ? ? PHENIX      ? ? ? 1.8.4_1496 1 
? 'data extraction' ? ? ? ? ? ? ? ? ? ? ? PDB_EXTRACT ? ? ? 3.20       2 
? 'data reduction'  ? ? ? ? ? ? ? ? ? ? ? d*TREK      ? ? ? 9.9.9.10L  3 
? 'model building'  ? ? ? ? ? ? ? ? ? ? ? PHENIX      ? ? ? .          4 
? phasing           ? ? ? ? ? ? ? ? ? ? ? PHENIX      ? ? ? .          5 
? 'data scaling'    ? ? ? ? ? ? ? ? ? ? ? d*TREK      ? ? ? 9.9.9.10L  6 
# 
_pdbx_validate_close_contact.id               1 
_pdbx_validate_close_contact.PDB_model_num    1 
_pdbx_validate_close_contact.auth_atom_id_1   O 
_pdbx_validate_close_contact.auth_asym_id_1   A 
_pdbx_validate_close_contact.auth_comp_id_1   HOH 
_pdbx_validate_close_contact.auth_seq_id_1    344 
_pdbx_validate_close_contact.PDB_ins_code_1   ? 
_pdbx_validate_close_contact.label_alt_id_1   ? 
_pdbx_validate_close_contact.auth_atom_id_2   O 
_pdbx_validate_close_contact.auth_asym_id_2   A 
_pdbx_validate_close_contact.auth_comp_id_2   HOH 
_pdbx_validate_close_contact.auth_seq_id_2    363 
_pdbx_validate_close_contact.PDB_ins_code_2   ? 
_pdbx_validate_close_contact.label_alt_id_2   ? 
_pdbx_validate_close_contact.dist             2.08 
# 
loop_
_pdbx_validate_torsion.id 
_pdbx_validate_torsion.PDB_model_num 
_pdbx_validate_torsion.auth_comp_id 
_pdbx_validate_torsion.auth_asym_id 
_pdbx_validate_torsion.auth_seq_id 
_pdbx_validate_torsion.PDB_ins_code 
_pdbx_validate_torsion.label_alt_id 
_pdbx_validate_torsion.phi 
_pdbx_validate_torsion.psi 
1 1 ASP A 20  ? ? -74.22  -169.93 
2 1 ILE A 29  ? ? -102.91 74.77   
3 1 PHE A 114 ? B -85.50  49.57   
# 
loop_
_pdbx_distant_solvent_atoms.id 
_pdbx_distant_solvent_atoms.PDB_model_num 
_pdbx_distant_solvent_atoms.auth_atom_id 
_pdbx_distant_solvent_atoms.label_alt_id 
_pdbx_distant_solvent_atoms.auth_asym_id 
_pdbx_distant_solvent_atoms.auth_comp_id 
_pdbx_distant_solvent_atoms.auth_seq_id 
_pdbx_distant_solvent_atoms.PDB_ins_code 
_pdbx_distant_solvent_atoms.neighbor_macromolecule_distance 
_pdbx_distant_solvent_atoms.neighbor_ligand_distance 
1 1 O ? A HOH 443 ? 5.96 . 
2 1 O ? A HOH 444 ? 6.33 . 
# 
loop_
_pdbx_unobs_or_zero_occ_residues.id 
_pdbx_unobs_or_zero_occ_residues.PDB_model_num 
_pdbx_unobs_or_zero_occ_residues.polymer_flag 
_pdbx_unobs_or_zero_occ_residues.occupancy_flag 
_pdbx_unobs_or_zero_occ_residues.auth_asym_id 
_pdbx_unobs_or_zero_occ_residues.auth_comp_id 
_pdbx_unobs_or_zero_occ_residues.auth_seq_id 
_pdbx_unobs_or_zero_occ_residues.PDB_ins_code 
_pdbx_unobs_or_zero_occ_residues.label_asym_id 
_pdbx_unobs_or_zero_occ_residues.label_comp_id 
_pdbx_unobs_or_zero_occ_residues.label_seq_id 
1 1 Y 1 A LYS 162 ? A LYS 162 
2 1 Y 1 A ASN 163 ? A ASN 163 
3 1 Y 1 A LEU 164 ? A LEU 164 
# 
loop_
_chem_comp_atom.comp_id 
_chem_comp_atom.atom_id 
_chem_comp_atom.type_symbol 
_chem_comp_atom.pdbx_aromatic_flag 
_chem_comp_atom.pdbx_stereo_config 
_chem_comp_atom.pdbx_ordinal 
ALA N    N  N N 1   
ALA CA   C  N S 2   
ALA C    C  N N 3   
ALA O    O  N N 4   
ALA CB   C  N N 5   
ALA OXT  O  N N 6   
ALA H    H  N N 7   
ALA H2   H  N N 8   
ALA HA   H  N N 9   
ALA HB1  H  N N 10  
ALA HB2  H  N N 11  
ALA HB3  H  N N 12  
ALA HXT  H  N N 13  
ARG N    N  N N 14  
ARG CA   C  N S 15  
ARG C    C  N N 16  
ARG O    O  N N 17  
ARG CB   C  N N 18  
ARG CG   C  N N 19  
ARG CD   C  N N 20  
ARG NE   N  N N 21  
ARG CZ   C  N N 22  
ARG NH1  N  N N 23  
ARG NH2  N  N N 24  
ARG OXT  O  N N 25  
ARG H    H  N N 26  
ARG H2   H  N N 27  
ARG HA   H  N N 28  
ARG HB2  H  N N 29  
ARG HB3  H  N N 30  
ARG HG2  H  N N 31  
ARG HG3  H  N N 32  
ARG HD2  H  N N 33  
ARG HD3  H  N N 34  
ARG HE   H  N N 35  
ARG HH11 H  N N 36  
ARG HH12 H  N N 37  
ARG HH21 H  N N 38  
ARG HH22 H  N N 39  
ARG HXT  H  N N 40  
ASN N    N  N N 41  
ASN CA   C  N S 42  
ASN C    C  N N 43  
ASN O    O  N N 44  
ASN CB   C  N N 45  
ASN CG   C  N N 46  
ASN OD1  O  N N 47  
ASN ND2  N  N N 48  
ASN OXT  O  N N 49  
ASN H    H  N N 50  
ASN H2   H  N N 51  
ASN HA   H  N N 52  
ASN HB2  H  N N 53  
ASN HB3  H  N N 54  
ASN HD21 H  N N 55  
ASN HD22 H  N N 56  
ASN HXT  H  N N 57  
ASP N    N  N N 58  
ASP CA   C  N S 59  
ASP C    C  N N 60  
ASP O    O  N N 61  
ASP CB   C  N N 62  
ASP CG   C  N N 63  
ASP OD1  O  N N 64  
ASP OD2  O  N N 65  
ASP OXT  O  N N 66  
ASP H    H  N N 67  
ASP H2   H  N N 68  
ASP HA   H  N N 69  
ASP HB2  H  N N 70  
ASP HB3  H  N N 71  
ASP HD2  H  N N 72  
ASP HXT  H  N N 73  
B20 C6   C  N N 74  
B20 C5   C  N N 75  
B20 C4   C  N N 76  
B20 C3   C  N N 77  
B20 B2   B  N N 78  
B20 N1   N  N N 79  
B20 H6   H  N N 80  
B20 H5   H  N N 81  
B20 H4   H  N N 82  
B20 H3   H  N N 83  
B20 HN1  H  N N 84  
B20 H61  H  N N 85  
CL  CL   CL N N 86  
CYS N    N  N N 87  
CYS CA   C  N R 88  
CYS C    C  N N 89  
CYS O    O  N N 90  
CYS CB   C  N N 91  
CYS SG   S  N N 92  
CYS OXT  O  N N 93  
CYS H    H  N N 94  
CYS H2   H  N N 95  
CYS HA   H  N N 96  
CYS HB2  H  N N 97  
CYS HB3  H  N N 98  
CYS HG   H  N N 99  
CYS HXT  H  N N 100 
GLN N    N  N N 101 
GLN CA   C  N S 102 
GLN C    C  N N 103 
GLN O    O  N N 104 
GLN CB   C  N N 105 
GLN CG   C  N N 106 
GLN CD   C  N N 107 
GLN OE1  O  N N 108 
GLN NE2  N  N N 109 
GLN OXT  O  N N 110 
GLN H    H  N N 111 
GLN H2   H  N N 112 
GLN HA   H  N N 113 
GLN HB2  H  N N 114 
GLN HB3  H  N N 115 
GLN HG2  H  N N 116 
GLN HG3  H  N N 117 
GLN HE21 H  N N 118 
GLN HE22 H  N N 119 
GLN HXT  H  N N 120 
GLU N    N  N N 121 
GLU CA   C  N S 122 
GLU C    C  N N 123 
GLU O    O  N N 124 
GLU CB   C  N N 125 
GLU CG   C  N N 126 
GLU CD   C  N N 127 
GLU OE1  O  N N 128 
GLU OE2  O  N N 129 
GLU OXT  O  N N 130 
GLU H    H  N N 131 
GLU H2   H  N N 132 
GLU HA   H  N N 133 
GLU HB2  H  N N 134 
GLU HB3  H  N N 135 
GLU HG2  H  N N 136 
GLU HG3  H  N N 137 
GLU HE2  H  N N 138 
GLU HXT  H  N N 139 
GLY N    N  N N 140 
GLY CA   C  N N 141 
GLY C    C  N N 142 
GLY O    O  N N 143 
GLY OXT  O  N N 144 
GLY H    H  N N 145 
GLY H2   H  N N 146 
GLY HA2  H  N N 147 
GLY HA3  H  N N 148 
GLY HXT  H  N N 149 
HIS N    N  N N 150 
HIS CA   C  N S 151 
HIS C    C  N N 152 
HIS O    O  N N 153 
HIS CB   C  N N 154 
HIS CG   C  Y N 155 
HIS ND1  N  Y N 156 
HIS CD2  C  Y N 157 
HIS CE1  C  Y N 158 
HIS NE2  N  Y N 159 
HIS OXT  O  N N 160 
HIS H    H  N N 161 
HIS H2   H  N N 162 
HIS HA   H  N N 163 
HIS HB2  H  N N 164 
HIS HB3  H  N N 165 
HIS HD1  H  N N 166 
HIS HD2  H  N N 167 
HIS HE1  H  N N 168 
HIS HE2  H  N N 169 
HIS HXT  H  N N 170 
HOH O    O  N N 171 
HOH H1   H  N N 172 
HOH H2   H  N N 173 
ILE N    N  N N 174 
ILE CA   C  N S 175 
ILE C    C  N N 176 
ILE O    O  N N 177 
ILE CB   C  N S 178 
ILE CG1  C  N N 179 
ILE CG2  C  N N 180 
ILE CD1  C  N N 181 
ILE OXT  O  N N 182 
ILE H    H  N N 183 
ILE H2   H  N N 184 
ILE HA   H  N N 185 
ILE HB   H  N N 186 
ILE HG12 H  N N 187 
ILE HG13 H  N N 188 
ILE HG21 H  N N 189 
ILE HG22 H  N N 190 
ILE HG23 H  N N 191 
ILE HD11 H  N N 192 
ILE HD12 H  N N 193 
ILE HD13 H  N N 194 
ILE HXT  H  N N 195 
LEU N    N  N N 196 
LEU CA   C  N S 197 
LEU C    C  N N 198 
LEU O    O  N N 199 
LEU CB   C  N N 200 
LEU CG   C  N N 201 
LEU CD1  C  N N 202 
LEU CD2  C  N N 203 
LEU OXT  O  N N 204 
LEU H    H  N N 205 
LEU H2   H  N N 206 
LEU HA   H  N N 207 
LEU HB2  H  N N 208 
LEU HB3  H  N N 209 
LEU HG   H  N N 210 
LEU HD11 H  N N 211 
LEU HD12 H  N N 212 
LEU HD13 H  N N 213 
LEU HD21 H  N N 214 
LEU HD22 H  N N 215 
LEU HD23 H  N N 216 
LEU HXT  H  N N 217 
LYS N    N  N N 218 
LYS CA   C  N S 219 
LYS C    C  N N 220 
LYS O    O  N N 221 
LYS CB   C  N N 222 
LYS CG   C  N N 223 
LYS CD   C  N N 224 
LYS CE   C  N N 225 
LYS NZ   N  N N 226 
LYS OXT  O  N N 227 
LYS H    H  N N 228 
LYS H2   H  N N 229 
LYS HA   H  N N 230 
LYS HB2  H  N N 231 
LYS HB3  H  N N 232 
LYS HG2  H  N N 233 
LYS HG3  H  N N 234 
LYS HD2  H  N N 235 
LYS HD3  H  N N 236 
LYS HE2  H  N N 237 
LYS HE3  H  N N 238 
LYS HZ1  H  N N 239 
LYS HZ2  H  N N 240 
LYS HZ3  H  N N 241 
LYS HXT  H  N N 242 
MET N    N  N N 243 
MET CA   C  N S 244 
MET C    C  N N 245 
MET O    O  N N 246 
MET CB   C  N N 247 
MET CG   C  N N 248 
MET SD   S  N N 249 
MET CE   C  N N 250 
MET OXT  O  N N 251 
MET H    H  N N 252 
MET H2   H  N N 253 
MET HA   H  N N 254 
MET HB2  H  N N 255 
MET HB3  H  N N 256 
MET HG2  H  N N 257 
MET HG3  H  N N 258 
MET HE1  H  N N 259 
MET HE2  H  N N 260 
MET HE3  H  N N 261 
MET HXT  H  N N 262 
PHE N    N  N N 263 
PHE CA   C  N S 264 
PHE C    C  N N 265 
PHE O    O  N N 266 
PHE CB   C  N N 267 
PHE CG   C  Y N 268 
PHE CD1  C  Y N 269 
PHE CD2  C  Y N 270 
PHE CE1  C  Y N 271 
PHE CE2  C  Y N 272 
PHE CZ   C  Y N 273 
PHE OXT  O  N N 274 
PHE H    H  N N 275 
PHE H2   H  N N 276 
PHE HA   H  N N 277 
PHE HB2  H  N N 278 
PHE HB3  H  N N 279 
PHE HD1  H  N N 280 
PHE HD2  H  N N 281 
PHE HE1  H  N N 282 
PHE HE2  H  N N 283 
PHE HZ   H  N N 284 
PHE HXT  H  N N 285 
PRO N    N  N N 286 
PRO CA   C  N S 287 
PRO C    C  N N 288 
PRO O    O  N N 289 
PRO CB   C  N N 290 
PRO CG   C  N N 291 
PRO CD   C  N N 292 
PRO OXT  O  N N 293 
PRO H    H  N N 294 
PRO HA   H  N N 295 
PRO HB2  H  N N 296 
PRO HB3  H  N N 297 
PRO HG2  H  N N 298 
PRO HG3  H  N N 299 
PRO HD2  H  N N 300 
PRO HD3  H  N N 301 
PRO HXT  H  N N 302 
SER N    N  N N 303 
SER CA   C  N S 304 
SER C    C  N N 305 
SER O    O  N N 306 
SER CB   C  N N 307 
SER OG   O  N N 308 
SER OXT  O  N N 309 
SER H    H  N N 310 
SER H2   H  N N 311 
SER HA   H  N N 312 
SER HB2  H  N N 313 
SER HB3  H  N N 314 
SER HG   H  N N 315 
SER HXT  H  N N 316 
THR N    N  N N 317 
THR CA   C  N S 318 
THR C    C  N N 319 
THR O    O  N N 320 
THR CB   C  N R 321 
THR OG1  O  N N 322 
THR CG2  C  N N 323 
THR OXT  O  N N 324 
THR H    H  N N 325 
THR H2   H  N N 326 
THR HA   H  N N 327 
THR HB   H  N N 328 
THR HG1  H  N N 329 
THR HG21 H  N N 330 
THR HG22 H  N N 331 
THR HG23 H  N N 332 
THR HXT  H  N N 333 
TRP N    N  N N 334 
TRP CA   C  N S 335 
TRP C    C  N N 336 
TRP O    O  N N 337 
TRP CB   C  N N 338 
TRP CG   C  Y N 339 
TRP CD1  C  Y N 340 
TRP CD2  C  Y N 341 
TRP NE1  N  Y N 342 
TRP CE2  C  Y N 343 
TRP CE3  C  Y N 344 
TRP CZ2  C  Y N 345 
TRP CZ3  C  Y N 346 
TRP CH2  C  Y N 347 
TRP OXT  O  N N 348 
TRP H    H  N N 349 
TRP H2   H  N N 350 
TRP HA   H  N N 351 
TRP HB2  H  N N 352 
TRP HB3  H  N N 353 
TRP HD1  H  N N 354 
TRP HE1  H  N N 355 
TRP HE3  H  N N 356 
TRP HZ2  H  N N 357 
TRP HZ3  H  N N 358 
TRP HH2  H  N N 359 
TRP HXT  H  N N 360 
TYR N    N  N N 361 
TYR CA   C  N S 362 
TYR C    C  N N 363 
TYR O    O  N N 364 
TYR CB   C  N N 365 
TYR CG   C  Y N 366 
TYR CD1  C  Y N 367 
TYR CD2  C  Y N 368 
TYR CE1  C  Y N 369 
TYR CE2  C  Y N 370 
TYR CZ   C  Y N 371 
TYR OH   O  N N 372 
TYR OXT  O  N N 373 
TYR H    H  N N 374 
TYR H2   H  N N 375 
TYR HA   H  N N 376 
TYR HB2  H  N N 377 
TYR HB3  H  N N 378 
TYR HD1  H  N N 379 
TYR HD2  H  N N 380 
TYR HE1  H  N N 381 
TYR HE2  H  N N 382 
TYR HH   H  N N 383 
TYR HXT  H  N N 384 
VAL N    N  N N 385 
VAL CA   C  N S 386 
VAL C    C  N N 387 
VAL O    O  N N 388 
VAL CB   C  N N 389 
VAL CG1  C  N N 390 
VAL CG2  C  N N 391 
VAL OXT  O  N N 392 
VAL H    H  N N 393 
VAL H2   H  N N 394 
VAL HA   H  N N 395 
VAL HB   H  N N 396 
VAL HG11 H  N N 397 
VAL HG12 H  N N 398 
VAL HG13 H  N N 399 
VAL HG21 H  N N 400 
VAL HG22 H  N N 401 
VAL HG23 H  N N 402 
VAL HXT  H  N N 403 
# 
loop_
_chem_comp_bond.comp_id 
_chem_comp_bond.atom_id_1 
_chem_comp_bond.atom_id_2 
_chem_comp_bond.value_order 
_chem_comp_bond.pdbx_aromatic_flag 
_chem_comp_bond.pdbx_stereo_config 
_chem_comp_bond.pdbx_ordinal 
ALA N   CA   sing N N 1   
ALA N   H    sing N N 2   
ALA N   H2   sing N N 3   
ALA CA  C    sing N N 4   
ALA CA  CB   sing N N 5   
ALA CA  HA   sing N N 6   
ALA C   O    doub N N 7   
ALA C   OXT  sing N N 8   
ALA CB  HB1  sing N N 9   
ALA CB  HB2  sing N N 10  
ALA CB  HB3  sing N N 11  
ALA OXT HXT  sing N N 12  
ARG N   CA   sing N N 13  
ARG N   H    sing N N 14  
ARG N   H2   sing N N 15  
ARG CA  C    sing N N 16  
ARG CA  CB   sing N N 17  
ARG CA  HA   sing N N 18  
ARG C   O    doub N N 19  
ARG C   OXT  sing N N 20  
ARG CB  CG   sing N N 21  
ARG CB  HB2  sing N N 22  
ARG CB  HB3  sing N N 23  
ARG CG  CD   sing N N 24  
ARG CG  HG2  sing N N 25  
ARG CG  HG3  sing N N 26  
ARG CD  NE   sing N N 27  
ARG CD  HD2  sing N N 28  
ARG CD  HD3  sing N N 29  
ARG NE  CZ   sing N N 30  
ARG NE  HE   sing N N 31  
ARG CZ  NH1  sing N N 32  
ARG CZ  NH2  doub N N 33  
ARG NH1 HH11 sing N N 34  
ARG NH1 HH12 sing N N 35  
ARG NH2 HH21 sing N N 36  
ARG NH2 HH22 sing N N 37  
ARG OXT HXT  sing N N 38  
ASN N   CA   sing N N 39  
ASN N   H    sing N N 40  
ASN N   H2   sing N N 41  
ASN CA  C    sing N N 42  
ASN CA  CB   sing N N 43  
ASN CA  HA   sing N N 44  
ASN C   O    doub N N 45  
ASN C   OXT  sing N N 46  
ASN CB  CG   sing N N 47  
ASN CB  HB2  sing N N 48  
ASN CB  HB3  sing N N 49  
ASN CG  OD1  doub N N 50  
ASN CG  ND2  sing N N 51  
ASN ND2 HD21 sing N N 52  
ASN ND2 HD22 sing N N 53  
ASN OXT HXT  sing N N 54  
ASP N   CA   sing N N 55  
ASP N   H    sing N N 56  
ASP N   H2   sing N N 57  
ASP CA  C    sing N N 58  
ASP CA  CB   sing N N 59  
ASP CA  HA   sing N N 60  
ASP C   O    doub N N 61  
ASP C   OXT  sing N N 62  
ASP CB  CG   sing N N 63  
ASP CB  HB2  sing N N 64  
ASP CB  HB3  sing N N 65  
ASP CG  OD1  doub N N 66  
ASP CG  OD2  sing N N 67  
ASP OD2 HD2  sing N N 68  
ASP OXT HXT  sing N N 69  
B20 C6  C5   doub N N 70  
B20 C6  N1   sing N N 71  
B20 C6  H6   sing N N 72  
B20 C5  C4   sing N N 73  
B20 C5  H5   sing N N 74  
B20 C4  C3   doub N N 75  
B20 C4  H4   sing N N 76  
B20 C3  B2   sing N N 77  
B20 C3  H3   sing N N 78  
B20 B2  N1   sing N N 79  
B20 N1  HN1  sing N N 80  
B20 B2  H61  sing N N 81  
CYS N   CA   sing N N 82  
CYS N   H    sing N N 83  
CYS N   H2   sing N N 84  
CYS CA  C    sing N N 85  
CYS CA  CB   sing N N 86  
CYS CA  HA   sing N N 87  
CYS C   O    doub N N 88  
CYS C   OXT  sing N N 89  
CYS CB  SG   sing N N 90  
CYS CB  HB2  sing N N 91  
CYS CB  HB3  sing N N 92  
CYS SG  HG   sing N N 93  
CYS OXT HXT  sing N N 94  
GLN N   CA   sing N N 95  
GLN N   H    sing N N 96  
GLN N   H2   sing N N 97  
GLN CA  C    sing N N 98  
GLN CA  CB   sing N N 99  
GLN CA  HA   sing N N 100 
GLN C   O    doub N N 101 
GLN C   OXT  sing N N 102 
GLN CB  CG   sing N N 103 
GLN CB  HB2  sing N N 104 
GLN CB  HB3  sing N N 105 
GLN CG  CD   sing N N 106 
GLN CG  HG2  sing N N 107 
GLN CG  HG3  sing N N 108 
GLN CD  OE1  doub N N 109 
GLN CD  NE2  sing N N 110 
GLN NE2 HE21 sing N N 111 
GLN NE2 HE22 sing N N 112 
GLN OXT HXT  sing N N 113 
GLU N   CA   sing N N 114 
GLU N   H    sing N N 115 
GLU N   H2   sing N N 116 
GLU CA  C    sing N N 117 
GLU CA  CB   sing N N 118 
GLU CA  HA   sing N N 119 
GLU C   O    doub N N 120 
GLU C   OXT  sing N N 121 
GLU CB  CG   sing N N 122 
GLU CB  HB2  sing N N 123 
GLU CB  HB3  sing N N 124 
GLU CG  CD   sing N N 125 
GLU CG  HG2  sing N N 126 
GLU CG  HG3  sing N N 127 
GLU CD  OE1  doub N N 128 
GLU CD  OE2  sing N N 129 
GLU OE2 HE2  sing N N 130 
GLU OXT HXT  sing N N 131 
GLY N   CA   sing N N 132 
GLY N   H    sing N N 133 
GLY N   H2   sing N N 134 
GLY CA  C    sing N N 135 
GLY CA  HA2  sing N N 136 
GLY CA  HA3  sing N N 137 
GLY C   O    doub N N 138 
GLY C   OXT  sing N N 139 
GLY OXT HXT  sing N N 140 
HIS N   CA   sing N N 141 
HIS N   H    sing N N 142 
HIS N   H2   sing N N 143 
HIS CA  C    sing N N 144 
HIS CA  CB   sing N N 145 
HIS CA  HA   sing N N 146 
HIS C   O    doub N N 147 
HIS C   OXT  sing N N 148 
HIS CB  CG   sing N N 149 
HIS CB  HB2  sing N N 150 
HIS CB  HB3  sing N N 151 
HIS CG  ND1  sing Y N 152 
HIS CG  CD2  doub Y N 153 
HIS ND1 CE1  doub Y N 154 
HIS ND1 HD1  sing N N 155 
HIS CD2 NE2  sing Y N 156 
HIS CD2 HD2  sing N N 157 
HIS CE1 NE2  sing Y N 158 
HIS CE1 HE1  sing N N 159 
HIS NE2 HE2  sing N N 160 
HIS OXT HXT  sing N N 161 
HOH O   H1   sing N N 162 
HOH O   H2   sing N N 163 
ILE N   CA   sing N N 164 
ILE N   H    sing N N 165 
ILE N   H2   sing N N 166 
ILE CA  C    sing N N 167 
ILE CA  CB   sing N N 168 
ILE CA  HA   sing N N 169 
ILE C   O    doub N N 170 
ILE C   OXT  sing N N 171 
ILE CB  CG1  sing N N 172 
ILE CB  CG2  sing N N 173 
ILE CB  HB   sing N N 174 
ILE CG1 CD1  sing N N 175 
ILE CG1 HG12 sing N N 176 
ILE CG1 HG13 sing N N 177 
ILE CG2 HG21 sing N N 178 
ILE CG2 HG22 sing N N 179 
ILE CG2 HG23 sing N N 180 
ILE CD1 HD11 sing N N 181 
ILE CD1 HD12 sing N N 182 
ILE CD1 HD13 sing N N 183 
ILE OXT HXT  sing N N 184 
LEU N   CA   sing N N 185 
LEU N   H    sing N N 186 
LEU N   H2   sing N N 187 
LEU CA  C    sing N N 188 
LEU CA  CB   sing N N 189 
LEU CA  HA   sing N N 190 
LEU C   O    doub N N 191 
LEU C   OXT  sing N N 192 
LEU CB  CG   sing N N 193 
LEU CB  HB2  sing N N 194 
LEU CB  HB3  sing N N 195 
LEU CG  CD1  sing N N 196 
LEU CG  CD2  sing N N 197 
LEU CG  HG   sing N N 198 
LEU CD1 HD11 sing N N 199 
LEU CD1 HD12 sing N N 200 
LEU CD1 HD13 sing N N 201 
LEU CD2 HD21 sing N N 202 
LEU CD2 HD22 sing N N 203 
LEU CD2 HD23 sing N N 204 
LEU OXT HXT  sing N N 205 
LYS N   CA   sing N N 206 
LYS N   H    sing N N 207 
LYS N   H2   sing N N 208 
LYS CA  C    sing N N 209 
LYS CA  CB   sing N N 210 
LYS CA  HA   sing N N 211 
LYS C   O    doub N N 212 
LYS C   OXT  sing N N 213 
LYS CB  CG   sing N N 214 
LYS CB  HB2  sing N N 215 
LYS CB  HB3  sing N N 216 
LYS CG  CD   sing N N 217 
LYS CG  HG2  sing N N 218 
LYS CG  HG3  sing N N 219 
LYS CD  CE   sing N N 220 
LYS CD  HD2  sing N N 221 
LYS CD  HD3  sing N N 222 
LYS CE  NZ   sing N N 223 
LYS CE  HE2  sing N N 224 
LYS CE  HE3  sing N N 225 
LYS NZ  HZ1  sing N N 226 
LYS NZ  HZ2  sing N N 227 
LYS NZ  HZ3  sing N N 228 
LYS OXT HXT  sing N N 229 
MET N   CA   sing N N 230 
MET N   H    sing N N 231 
MET N   H2   sing N N 232 
MET CA  C    sing N N 233 
MET CA  CB   sing N N 234 
MET CA  HA   sing N N 235 
MET C   O    doub N N 236 
MET C   OXT  sing N N 237 
MET CB  CG   sing N N 238 
MET CB  HB2  sing N N 239 
MET CB  HB3  sing N N 240 
MET CG  SD   sing N N 241 
MET CG  HG2  sing N N 242 
MET CG  HG3  sing N N 243 
MET SD  CE   sing N N 244 
MET CE  HE1  sing N N 245 
MET CE  HE2  sing N N 246 
MET CE  HE3  sing N N 247 
MET OXT HXT  sing N N 248 
PHE N   CA   sing N N 249 
PHE N   H    sing N N 250 
PHE N   H2   sing N N 251 
PHE CA  C    sing N N 252 
PHE CA  CB   sing N N 253 
PHE CA  HA   sing N N 254 
PHE C   O    doub N N 255 
PHE C   OXT  sing N N 256 
PHE CB  CG   sing N N 257 
PHE CB  HB2  sing N N 258 
PHE CB  HB3  sing N N 259 
PHE CG  CD1  doub Y N 260 
PHE CG  CD2  sing Y N 261 
PHE CD1 CE1  sing Y N 262 
PHE CD1 HD1  sing N N 263 
PHE CD2 CE2  doub Y N 264 
PHE CD2 HD2  sing N N 265 
PHE CE1 CZ   doub Y N 266 
PHE CE1 HE1  sing N N 267 
PHE CE2 CZ   sing Y N 268 
PHE CE2 HE2  sing N N 269 
PHE CZ  HZ   sing N N 270 
PHE OXT HXT  sing N N 271 
PRO N   CA   sing N N 272 
PRO N   CD   sing N N 273 
PRO N   H    sing N N 274 
PRO CA  C    sing N N 275 
PRO CA  CB   sing N N 276 
PRO CA  HA   sing N N 277 
PRO C   O    doub N N 278 
PRO C   OXT  sing N N 279 
PRO CB  CG   sing N N 280 
PRO CB  HB2  sing N N 281 
PRO CB  HB3  sing N N 282 
PRO CG  CD   sing N N 283 
PRO CG  HG2  sing N N 284 
PRO CG  HG3  sing N N 285 
PRO CD  HD2  sing N N 286 
PRO CD  HD3  sing N N 287 
PRO OXT HXT  sing N N 288 
SER N   CA   sing N N 289 
SER N   H    sing N N 290 
SER N   H2   sing N N 291 
SER CA  C    sing N N 292 
SER CA  CB   sing N N 293 
SER CA  HA   sing N N 294 
SER C   O    doub N N 295 
SER C   OXT  sing N N 296 
SER CB  OG   sing N N 297 
SER CB  HB2  sing N N 298 
SER CB  HB3  sing N N 299 
SER OG  HG   sing N N 300 
SER OXT HXT  sing N N 301 
THR N   CA   sing N N 302 
THR N   H    sing N N 303 
THR N   H2   sing N N 304 
THR CA  C    sing N N 305 
THR CA  CB   sing N N 306 
THR CA  HA   sing N N 307 
THR C   O    doub N N 308 
THR C   OXT  sing N N 309 
THR CB  OG1  sing N N 310 
THR CB  CG2  sing N N 311 
THR CB  HB   sing N N 312 
THR OG1 HG1  sing N N 313 
THR CG2 HG21 sing N N 314 
THR CG2 HG22 sing N N 315 
THR CG2 HG23 sing N N 316 
THR OXT HXT  sing N N 317 
TRP N   CA   sing N N 318 
TRP N   H    sing N N 319 
TRP N   H2   sing N N 320 
TRP CA  C    sing N N 321 
TRP CA  CB   sing N N 322 
TRP CA  HA   sing N N 323 
TRP C   O    doub N N 324 
TRP C   OXT  sing N N 325 
TRP CB  CG   sing N N 326 
TRP CB  HB2  sing N N 327 
TRP CB  HB3  sing N N 328 
TRP CG  CD1  doub Y N 329 
TRP CG  CD2  sing Y N 330 
TRP CD1 NE1  sing Y N 331 
TRP CD1 HD1  sing N N 332 
TRP CD2 CE2  doub Y N 333 
TRP CD2 CE3  sing Y N 334 
TRP NE1 CE2  sing Y N 335 
TRP NE1 HE1  sing N N 336 
TRP CE2 CZ2  sing Y N 337 
TRP CE3 CZ3  doub Y N 338 
TRP CE3 HE3  sing N N 339 
TRP CZ2 CH2  doub Y N 340 
TRP CZ2 HZ2  sing N N 341 
TRP CZ3 CH2  sing Y N 342 
TRP CZ3 HZ3  sing N N 343 
TRP CH2 HH2  sing N N 344 
TRP OXT HXT  sing N N 345 
TYR N   CA   sing N N 346 
TYR N   H    sing N N 347 
TYR N   H2   sing N N 348 
TYR CA  C    sing N N 349 
TYR CA  CB   sing N N 350 
TYR CA  HA   sing N N 351 
TYR C   O    doub N N 352 
TYR C   OXT  sing N N 353 
TYR CB  CG   sing N N 354 
TYR CB  HB2  sing N N 355 
TYR CB  HB3  sing N N 356 
TYR CG  CD1  doub Y N 357 
TYR CG  CD2  sing Y N 358 
TYR CD1 CE1  sing Y N 359 
TYR CD1 HD1  sing N N 360 
TYR CD2 CE2  doub Y N 361 
TYR CD2 HD2  sing N N 362 
TYR CE1 CZ   doub Y N 363 
TYR CE1 HE1  sing N N 364 
TYR CE2 CZ   sing Y N 365 
TYR CE2 HE2  sing N N 366 
TYR CZ  OH   sing N N 367 
TYR OH  HH   sing N N 368 
TYR OXT HXT  sing N N 369 
VAL N   CA   sing N N 370 
VAL N   H    sing N N 371 
VAL N   H2   sing N N 372 
VAL CA  C    sing N N 373 
VAL CA  CB   sing N N 374 
VAL CA  HA   sing N N 375 
VAL C   O    doub N N 376 
VAL C   OXT  sing N N 377 
VAL CB  CG1  sing N N 378 
VAL CB  CG2  sing N N 379 
VAL CB  HB   sing N N 380 
VAL CG1 HG11 sing N N 381 
VAL CG1 HG12 sing N N 382 
VAL CG1 HG13 sing N N 383 
VAL CG2 HG21 sing N N 384 
VAL CG2 HG22 sing N N 385 
VAL CG2 HG23 sing N N 386 
VAL OXT HXT  sing N N 387 
# 
_pdbx_audit_support.funding_organization   
'National Institutes of Health/National Institute of General Medical Sciences (NIH/NIGMS)' 
_pdbx_audit_support.country                'United States' 
_pdbx_audit_support.grant_number           5001989 
_pdbx_audit_support.ordinal                1 
# 
loop_
_pdbx_entity_nonpoly.entity_id 
_pdbx_entity_nonpoly.name 
_pdbx_entity_nonpoly.comp_id 
2 1,2-dihydro-1,2-azaborinine B20 
3 'CHLORIDE ION'              CL  
4 water                       HOH 
# 
_pdbx_initial_refinement_model.id               1 
_pdbx_initial_refinement_model.entity_id_list   ? 
_pdbx_initial_refinement_model.type             'experimental model' 
_pdbx_initial_refinement_model.source_name      PDB 
_pdbx_initial_refinement_model.accession_code   1LGU 
_pdbx_initial_refinement_model.details          ? 
# 
